data_6U1K
#
_entry.id   6U1K
#
_cell.length_a   54.909
_cell.length_b   68.174
_cell.length_c   90.641
_cell.angle_alpha   70.790
_cell.angle_beta   79.220
_cell.angle_gamma   66.210
#
_symmetry.space_group_name_H-M   'P 1'
#
loop_
_entity.id
_entity.type
_entity.pdbx_description
1 polymer 'D-alanine--D-alanine ligase'
2 non-polymer D-ALANINE
3 non-polymer 'MAGNESIUM ION'
4 non-polymer 'POTASSIUM ION'
5 non-polymer "ADENOSINE-5'-DIPHOSPHATE"
6 non-polymer 'CARBONATE ION'
7 water water
#
_entity_poly.entity_id   1
_entity_poly.type   'polypeptide(L)'
_entity_poly.pdbx_seq_one_letter_code
;MEMRVLLIAGGVSPEHEVSLLSAEGVLRHIPFPTDLAVIAQDGRWLLGEKALTALEAKAAPEGEHPFPPPLSWERYDVVF
PLLHGRFGEDGTVQGFLELLGKPYVGAGVAASALCMDKDLSKRVLAQAGVPVVPWVAVRKGEPPVVPFDPPFFVKPANTG
SSVGISRVERFQDLEAALALAFRYDEKAVVEKALSPVRELEVGVLGNVFGEASPVGEVRYEAPFYDYETKYTPGRAELLI
PAPLDPGTQETVQELALKAYKVLGVRGMARVDFFLAEGELYLNELNTIPGFTPTSMYPRLFEAGGVAYPELLRRLVELAL
THHHHHH
;
_entity_poly.pdbx_strand_id   A,B,C,D
#
loop_
_chem_comp.id
_chem_comp.type
_chem_comp.name
_chem_comp.formula
ADP non-polymer ADENOSINE-5'-DIPHOSPHATE 'C10 H15 N5 O10 P2'
CO3 non-polymer 'CARBONATE ION' 'C O3 -2'
K non-polymer 'POTASSIUM ION' 'K 1'
MG non-polymer 'MAGNESIUM ION' 'Mg 2'
#
# COMPACT_ATOMS: atom_id res chain seq x y z
N MET A 3 14.98 17.35 -40.60
CA MET A 3 14.21 16.45 -39.75
C MET A 3 14.94 16.15 -38.44
N ARG A 4 14.39 16.63 -37.32
CA ARG A 4 15.05 16.54 -36.03
C ARG A 4 14.43 15.46 -35.17
N VAL A 5 15.28 14.61 -34.62
CA VAL A 5 14.88 13.48 -33.78
C VAL A 5 15.25 13.81 -32.34
N LEU A 6 14.38 13.44 -31.39
CA LEU A 6 14.75 13.44 -29.98
C LEU A 6 14.93 12.00 -29.55
N LEU A 7 16.16 11.62 -29.23
CA LEU A 7 16.46 10.27 -28.79
C LEU A 7 16.43 10.22 -27.27
N ILE A 8 15.61 9.32 -26.72
CA ILE A 8 15.52 9.15 -25.27
C ILE A 8 16.17 7.82 -24.91
N ALA A 9 17.04 7.84 -23.91
CA ALA A 9 17.73 6.63 -23.50
C ALA A 9 17.98 6.68 -22.00
N GLY A 10 18.48 5.59 -21.47
CA GLY A 10 18.63 5.39 -20.03
C GLY A 10 17.42 4.64 -19.45
N GLY A 11 16.61 5.34 -18.66
CA GLY A 11 15.42 4.78 -18.08
C GLY A 11 15.66 4.27 -16.67
N VAL A 12 14.55 3.89 -16.00
CA VAL A 12 14.63 3.42 -14.63
C VAL A 12 14.69 1.90 -14.53
N SER A 13 14.50 1.19 -15.63
CA SER A 13 14.49 -0.27 -15.64
C SER A 13 15.88 -0.82 -15.36
N PRO A 14 16.00 -2.12 -15.07
CA PRO A 14 17.33 -2.74 -14.95
C PRO A 14 18.15 -2.73 -16.23
N GLU A 15 17.56 -2.36 -17.36
CA GLU A 15 18.27 -2.33 -18.63
C GLU A 15 18.80 -0.94 -18.96
N HIS A 16 18.90 -0.06 -17.94
CA HIS A 16 19.37 1.32 -18.11
C HIS A 16 20.72 1.39 -18.81
N GLU A 17 21.68 0.55 -18.39
CA GLU A 17 23.01 0.61 -19.00
C GLU A 17 22.98 0.10 -20.43
N VAL A 18 22.20 -0.96 -20.69
CA VAL A 18 22.04 -1.46 -22.06
C VAL A 18 21.44 -0.37 -22.95
N SER A 19 20.48 0.39 -22.42
CA SER A 19 19.87 1.47 -23.19
C SER A 19 20.90 2.51 -23.60
N LEU A 20 21.78 2.92 -22.66
CA LEU A 20 22.83 3.87 -23.01
C LEU A 20 23.76 3.29 -24.08
N LEU A 21 24.05 1.98 -24.02
CA LEU A 21 24.87 1.38 -25.06
C LEU A 21 24.14 1.40 -26.41
N SER A 22 22.83 1.16 -26.41
CA SER A 22 22.07 1.23 -27.65
C SER A 22 22.10 2.64 -28.23
N ALA A 23 22.02 3.65 -27.36
CA ALA A 23 22.04 5.04 -27.83
C ALA A 23 23.35 5.35 -28.53
N GLU A 24 24.46 4.86 -27.97
CA GLU A 24 25.77 5.03 -28.62
C GLU A 24 25.75 4.46 -30.03
N GLY A 25 25.14 3.28 -30.23
CA GLY A 25 25.10 2.71 -31.56
C GLY A 25 24.18 3.47 -32.51
N VAL A 26 23.00 3.86 -32.04
CA VAL A 26 22.08 4.62 -32.88
C VAL A 26 22.64 6.00 -33.21
N LEU A 27 23.26 6.67 -32.24
CA LEU A 27 23.79 8.00 -32.51
C LEU A 27 24.92 7.94 -33.54
N ARG A 28 25.65 6.83 -33.58
CA ARG A 28 26.73 6.68 -34.54
C ARG A 28 26.22 6.68 -35.98
N HIS A 29 25.02 6.14 -36.22
CA HIS A 29 24.54 5.92 -37.58
C HIS A 29 23.31 6.70 -37.98
N ILE A 30 22.59 7.32 -37.05
CA ILE A 30 21.29 7.91 -37.43
C ILE A 30 21.52 9.06 -38.41
N PRO A 31 20.83 9.09 -39.54
CA PRO A 31 21.14 10.09 -40.57
C PRO A 31 20.35 11.38 -40.40
N PHE A 32 19.91 11.70 -39.18
CA PHE A 32 19.14 12.88 -38.89
C PHE A 32 19.81 13.67 -37.77
N PRO A 33 19.63 14.99 -37.72
CA PRO A 33 19.97 15.71 -36.49
C PRO A 33 19.18 15.11 -35.33
N THR A 34 19.90 14.79 -34.25
CA THR A 34 19.34 14.02 -33.15
C THR A 34 19.86 14.59 -31.85
N ASP A 35 18.95 15.03 -30.98
CA ASP A 35 19.28 15.44 -29.62
C ASP A 35 19.02 14.28 -28.67
N LEU A 36 19.86 14.18 -27.64
CA LEU A 36 19.77 13.11 -26.66
C LEU A 36 19.14 13.63 -25.36
N ALA A 37 18.14 12.92 -24.87
CA ALA A 37 17.63 13.07 -23.51
C ALA A 37 17.89 11.78 -22.77
N VAL A 38 18.36 11.88 -21.53
CA VAL A 38 18.68 10.70 -20.73
C VAL A 38 17.80 10.72 -19.50
N ILE A 39 17.06 9.63 -19.30
CA ILE A 39 16.37 9.41 -18.04
C ILE A 39 17.35 8.68 -17.13
N ALA A 40 17.70 9.33 -16.02
CA ALA A 40 18.57 8.74 -15.04
C ALA A 40 17.83 7.67 -14.24
N GLN A 41 18.59 6.83 -13.55
CA GLN A 41 18.00 5.70 -12.85
C GLN A 41 16.99 6.14 -11.79
N ASP A 42 17.05 7.40 -11.32
CA ASP A 42 16.10 7.91 -10.34
C ASP A 42 14.89 8.58 -10.99
N GLY A 43 14.73 8.48 -12.31
CA GLY A 43 13.58 9.02 -12.99
C GLY A 43 13.69 10.49 -13.36
N ARG A 44 14.69 11.21 -12.86
CA ARG A 44 14.93 12.57 -13.30
C ARG A 44 15.72 12.58 -14.60
N TRP A 45 15.48 13.61 -15.41
CA TRP A 45 16.00 13.66 -16.76
C TRP A 45 17.25 14.52 -16.85
N LEU A 46 18.11 14.17 -17.81
CA LEU A 46 19.27 14.96 -18.17
C LEU A 46 19.13 15.39 -19.62
N LEU A 47 19.47 16.64 -19.90
CA LEU A 47 19.31 17.20 -21.23
C LEU A 47 20.63 17.84 -21.66
N GLY A 48 20.71 18.17 -22.94
CA GLY A 48 21.83 18.95 -23.45
C GLY A 48 23.18 18.33 -23.12
N GLU A 49 24.10 19.16 -22.60
CA GLU A 49 25.46 18.68 -22.37
C GLU A 49 25.52 17.61 -21.28
N LYS A 50 24.66 17.70 -20.27
CA LYS A 50 24.66 16.70 -19.20
C LYS A 50 24.25 15.33 -19.71
N ALA A 51 23.33 15.28 -20.67
CA ALA A 51 22.94 14.00 -21.26
C ALA A 51 24.12 13.36 -21.99
N LEU A 52 24.86 14.15 -22.76
CA LEU A 52 25.99 13.61 -23.50
C LEU A 52 27.12 13.20 -22.56
N THR A 53 27.34 13.96 -21.49
CA THR A 53 28.33 13.56 -20.48
C THR A 53 27.92 12.24 -19.84
N ALA A 54 26.63 12.09 -19.50
CA ALA A 54 26.18 10.87 -18.87
C ALA A 54 26.28 9.68 -19.80
N LEU A 55 26.05 9.89 -21.10
CA LEU A 55 26.24 8.82 -22.07
C LEU A 55 27.69 8.35 -22.07
N GLU A 56 28.64 9.30 -22.05
CA GLU A 56 30.05 8.96 -21.98
C GLU A 56 30.35 8.11 -20.74
N ALA A 57 29.75 8.46 -19.60
CA ALA A 57 29.92 7.69 -18.37
C ALA A 57 29.22 6.35 -18.40
N LYS A 58 28.28 6.13 -19.33
CA LYS A 58 27.64 4.84 -19.57
C LYS A 58 26.69 4.46 -18.44
N ALA A 59 26.52 5.33 -17.46
CA ALA A 59 25.45 5.19 -16.47
C ALA A 59 25.12 6.56 -15.91
N ALA A 60 23.85 6.73 -15.54
CA ALA A 60 23.36 8.01 -15.01
C ALA A 60 22.47 7.71 -13.82
N PRO A 61 23.06 7.54 -12.63
CA PRO A 61 22.23 7.20 -11.46
C PRO A 61 21.34 8.34 -11.01
N GLU A 62 21.75 9.59 -11.21
CA GLU A 62 21.06 10.75 -10.68
C GLU A 62 20.83 11.75 -11.81
N GLY A 63 19.58 12.16 -11.98
CA GLY A 63 19.22 13.13 -13.00
C GLY A 63 18.97 14.51 -12.40
N GLU A 64 18.66 15.45 -13.29
CA GLU A 64 18.48 16.84 -12.89
C GLU A 64 17.04 17.30 -12.89
N HIS A 65 16.25 16.97 -13.91
CA HIS A 65 14.93 17.56 -14.13
C HIS A 65 13.84 16.56 -13.79
N PRO A 66 12.95 16.88 -12.85
CA PRO A 66 11.78 16.02 -12.66
C PRO A 66 10.90 16.03 -13.90
N PHE A 67 10.26 14.89 -14.16
CA PHE A 67 9.33 14.79 -15.26
C PHE A 67 8.10 15.64 -14.96
N PRO A 68 7.50 16.31 -15.97
CA PRO A 68 7.91 16.37 -17.37
C PRO A 68 9.05 17.35 -17.58
N PRO A 69 10.00 16.98 -18.44
CA PRO A 69 11.26 17.71 -18.51
C PRO A 69 11.07 19.07 -19.15
N PRO A 70 11.92 20.06 -18.80
CA PRO A 70 11.87 21.38 -19.47
C PRO A 70 12.51 21.37 -20.86
N LEU A 71 11.74 20.88 -21.83
CA LEU A 71 12.14 20.93 -23.23
C LEU A 71 10.90 21.12 -24.09
N SER A 72 11.10 21.74 -25.25
CA SER A 72 10.02 21.95 -26.21
C SER A 72 9.90 20.71 -27.09
N TRP A 73 8.81 19.96 -26.91
CA TRP A 73 8.58 18.82 -27.78
C TRP A 73 8.24 19.24 -29.20
N GLU A 74 7.71 20.45 -29.37
CA GLU A 74 7.31 20.91 -30.70
C GLU A 74 8.49 20.99 -31.67
N ARG A 75 9.71 21.16 -31.15
CA ARG A 75 10.87 21.29 -32.03
C ARG A 75 11.24 19.98 -32.70
N TYR A 76 10.77 18.85 -32.20
CA TYR A 76 11.14 17.55 -32.73
C TYR A 76 10.08 17.02 -33.67
N ASP A 77 10.53 16.44 -34.77
CA ASP A 77 9.63 15.81 -35.73
C ASP A 77 9.29 14.40 -35.30
N VAL A 78 10.23 13.68 -34.70
CA VAL A 78 10.01 12.33 -34.21
C VAL A 78 10.72 12.16 -32.88
N VAL A 79 10.16 11.32 -32.03
CA VAL A 79 10.81 10.89 -30.79
C VAL A 79 11.17 9.42 -30.94
N PHE A 80 12.38 9.06 -30.55
CA PHE A 80 12.90 7.70 -30.66
C PHE A 80 13.17 7.26 -29.23
N PRO A 81 12.19 6.57 -28.58
CA PRO A 81 12.44 6.02 -27.24
C PRO A 81 13.29 4.76 -27.35
N LEU A 82 14.52 4.87 -26.92
CA LEU A 82 15.46 3.74 -26.89
C LEU A 82 15.65 3.26 -25.46
N LEU A 83 14.51 2.97 -24.82
CA LEU A 83 14.36 2.74 -23.38
C LEU A 83 13.88 1.31 -23.11
N HIS A 84 14.82 0.38 -22.94
CA HIS A 84 14.45 -1.03 -22.78
C HIS A 84 13.82 -1.31 -21.42
N GLY A 85 12.80 -2.16 -21.42
CA GLY A 85 12.24 -2.64 -20.18
C GLY A 85 11.14 -1.74 -19.64
N ARG A 86 10.93 -1.85 -18.31
CA ARG A 86 9.81 -1.19 -17.67
C ARG A 86 9.87 0.32 -17.86
N PHE A 87 8.70 0.92 -18.04
CA PHE A 87 8.47 2.35 -18.21
C PHE A 87 8.89 2.91 -19.57
N GLY A 88 9.74 2.20 -20.32
CA GLY A 88 10.22 2.75 -21.58
C GLY A 88 9.76 1.97 -22.79
N GLU A 89 9.65 0.65 -22.62
CA GLU A 89 9.30 -0.26 -23.70
C GLU A 89 7.93 -0.90 -23.48
N ASP A 90 7.25 -0.58 -22.38
CA ASP A 90 6.04 -1.28 -21.96
C ASP A 90 4.78 -0.46 -22.16
N GLY A 91 4.85 0.62 -22.95
CA GLY A 91 3.71 1.45 -23.24
C GLY A 91 3.66 2.75 -22.46
N THR A 92 4.45 2.88 -21.39
CA THR A 92 4.38 4.07 -20.54
C THR A 92 4.85 5.32 -21.28
N VAL A 93 6.10 5.33 -21.76
CA VAL A 93 6.59 6.49 -22.50
C VAL A 93 5.78 6.68 -23.79
N GLN A 94 5.35 5.57 -24.40
CA GLN A 94 4.53 5.67 -25.60
C GLN A 94 3.21 6.39 -25.32
N GLY A 95 2.63 6.16 -24.14
CA GLY A 95 1.38 6.81 -23.80
C GLY A 95 1.53 8.31 -23.66
N PHE A 96 2.59 8.74 -22.96
CA PHE A 96 2.93 10.15 -22.88
C PHE A 96 3.11 10.76 -24.27
N LEU A 97 3.83 10.07 -25.16
CA LEU A 97 4.11 10.61 -26.49
C LEU A 97 2.85 10.70 -27.35
N GLU A 98 1.93 9.74 -27.20
CA GLU A 98 0.63 9.88 -27.87
C GLU A 98 -0.04 11.18 -27.47
N LEU A 99 0.01 11.53 -26.19
CA LEU A 99 -0.64 12.74 -25.71
C LEU A 99 0.05 14.01 -26.19
N LEU A 100 1.36 13.94 -26.47
CA LEU A 100 2.03 15.08 -27.06
C LEU A 100 1.61 15.29 -28.51
N GLY A 101 0.90 14.33 -29.11
CA GLY A 101 0.64 14.38 -30.54
C GLY A 101 1.90 14.26 -31.38
N LYS A 102 2.88 13.51 -30.89
CA LYS A 102 4.21 13.46 -31.46
C LYS A 102 4.46 12.10 -32.10
N PRO A 103 4.88 12.05 -33.37
CA PRO A 103 5.25 10.75 -33.96
C PRO A 103 6.39 10.14 -33.17
N TYR A 104 6.38 8.82 -33.05
CA TYR A 104 7.48 8.18 -32.33
C TYR A 104 7.77 6.82 -32.93
N VAL A 105 9.02 6.39 -32.77
CA VAL A 105 9.46 5.13 -33.35
C VAL A 105 8.90 3.96 -32.55
N GLY A 106 8.42 2.95 -33.26
CA GLY A 106 8.14 1.68 -32.63
C GLY A 106 6.68 1.51 -32.27
N ALA A 107 6.43 0.46 -31.49
CA ALA A 107 5.08 0.01 -31.20
C ALA A 107 4.31 1.01 -30.34
N GLY A 108 2.99 1.02 -30.50
CA GLY A 108 2.12 1.83 -29.68
C GLY A 108 1.88 1.24 -28.29
N VAL A 109 0.97 1.89 -27.56
CA VAL A 109 0.79 1.60 -26.14
C VAL A 109 0.41 0.13 -25.92
N ALA A 110 -0.60 -0.35 -26.64
CA ALA A 110 -1.12 -1.70 -26.37
C ALA A 110 -0.11 -2.78 -26.78
N ALA A 111 0.45 -2.64 -27.98
CA ALA A 111 1.45 -3.62 -28.42
C ALA A 111 2.68 -3.59 -27.52
N SER A 112 3.12 -2.39 -27.12
CA SER A 112 4.25 -2.31 -26.20
C SER A 112 3.95 -3.00 -24.88
N ALA A 113 2.79 -2.72 -24.30
CA ALA A 113 2.44 -3.32 -23.01
C ALA A 113 2.35 -4.84 -23.12
N LEU A 114 1.70 -5.32 -24.17
CA LEU A 114 1.55 -6.75 -24.41
C LEU A 114 2.90 -7.42 -24.56
N CYS A 115 3.76 -6.88 -25.42
CA CYS A 115 5.03 -7.55 -25.73
C CYS A 115 6.01 -7.51 -24.57
N MET A 116 5.83 -6.61 -23.61
CA MET A 116 6.69 -6.62 -22.44
C MET A 116 6.20 -7.56 -21.35
N ASP A 117 4.95 -8.02 -21.41
CA ASP A 117 4.39 -8.93 -20.41
C ASP A 117 4.48 -10.35 -20.95
N LYS A 118 5.34 -11.16 -20.35
CA LYS A 118 5.58 -12.52 -20.84
C LYS A 118 4.42 -13.46 -20.58
N ASP A 119 3.46 -13.08 -19.74
CA ASP A 119 2.25 -13.88 -19.61
C ASP A 119 1.19 -13.46 -20.63
N LEU A 120 0.88 -12.16 -20.70
CA LEU A 120 -0.23 -11.75 -21.54
C LEU A 120 0.09 -11.89 -23.02
N SER A 121 1.35 -11.68 -23.41
CA SER A 121 1.73 -11.93 -24.80
C SER A 121 1.52 -13.39 -25.15
N LYS A 122 1.96 -14.29 -24.26
CA LYS A 122 1.79 -15.71 -24.52
C LYS A 122 0.31 -16.10 -24.60
N ARG A 123 -0.54 -15.47 -23.78
CA ARG A 123 -1.97 -15.77 -23.88
C ARG A 123 -2.50 -15.38 -25.26
N VAL A 124 -2.13 -14.19 -25.73
CA VAL A 124 -2.59 -13.73 -27.04
C VAL A 124 -2.04 -14.63 -28.15
N LEU A 125 -0.75 -14.94 -28.09
CA LEU A 125 -0.13 -15.75 -29.14
C LEU A 125 -0.69 -17.17 -29.17
N ALA A 126 -0.83 -17.79 -28.00
CA ALA A 126 -1.43 -19.11 -27.95
C ALA A 126 -2.88 -19.10 -28.46
N GLN A 127 -3.63 -18.03 -28.17
CA GLN A 127 -5.00 -17.94 -28.66
C GLN A 127 -5.05 -17.89 -30.18
N ALA A 128 -4.05 -17.27 -30.81
CA ALA A 128 -4.00 -17.15 -32.26
C ALA A 128 -3.37 -18.36 -32.93
N GLY A 129 -2.99 -19.37 -32.15
CA GLY A 129 -2.45 -20.58 -32.69
C GLY A 129 -0.94 -20.62 -32.80
N VAL A 130 -0.24 -19.68 -32.17
CA VAL A 130 1.22 -19.61 -32.26
C VAL A 130 1.80 -20.57 -31.22
N PRO A 131 2.71 -21.47 -31.60
CA PRO A 131 3.29 -22.39 -30.62
C PRO A 131 4.17 -21.63 -29.63
N VAL A 132 3.94 -21.89 -28.33
CA VAL A 132 4.71 -21.30 -27.25
C VAL A 132 4.91 -22.36 -26.18
N VAL A 133 5.91 -22.14 -25.32
CA VAL A 133 6.26 -23.10 -24.27
C VAL A 133 5.17 -23.14 -23.20
N PRO A 134 4.95 -24.29 -22.55
CA PRO A 134 4.02 -24.34 -21.43
C PRO A 134 4.46 -23.39 -20.32
N TRP A 135 3.48 -22.67 -19.74
CA TRP A 135 3.81 -21.68 -18.72
C TRP A 135 2.61 -21.44 -17.83
N VAL A 136 2.90 -20.86 -16.66
CA VAL A 136 1.89 -20.30 -15.78
C VAL A 136 2.40 -18.97 -15.24
N ALA A 137 1.47 -18.10 -14.87
CA ALA A 137 1.80 -16.85 -14.21
C ALA A 137 1.63 -17.00 -12.71
N VAL A 138 2.56 -16.42 -11.95
CA VAL A 138 2.53 -16.44 -10.50
C VAL A 138 2.58 -15.01 -10.01
N ARG A 139 1.61 -14.63 -9.19
CA ARG A 139 1.59 -13.29 -8.62
C ARG A 139 2.20 -13.30 -7.23
N LYS A 140 2.80 -12.16 -6.85
CA LYS A 140 3.48 -12.07 -5.57
C LYS A 140 2.52 -12.38 -4.43
N GLY A 141 3.00 -13.13 -3.46
CA GLY A 141 2.17 -13.58 -2.35
C GLY A 141 1.24 -14.71 -2.66
N GLU A 142 1.22 -15.20 -3.90
CA GLU A 142 0.34 -16.31 -4.26
C GLU A 142 1.12 -17.62 -4.25
N PRO A 143 0.48 -18.70 -3.83
CA PRO A 143 1.12 -20.01 -3.90
C PRO A 143 1.27 -20.44 -5.36
N PRO A 144 2.49 -20.75 -5.80
CA PRO A 144 2.71 -21.13 -7.20
C PRO A 144 2.12 -22.51 -7.48
N VAL A 145 1.20 -22.57 -8.44
CA VAL A 145 0.60 -23.82 -8.87
C VAL A 145 1.10 -24.16 -10.26
N VAL A 146 2.16 -24.94 -10.34
CA VAL A 146 2.83 -25.25 -11.60
C VAL A 146 2.41 -26.65 -12.04
N PRO A 147 1.73 -26.80 -13.18
CA PRO A 147 1.21 -28.12 -13.56
C PRO A 147 2.23 -29.06 -14.18
N PHE A 148 3.39 -28.57 -14.58
CA PHE A 148 4.43 -29.40 -15.18
C PHE A 148 5.61 -29.54 -14.24
N ASP A 149 6.43 -30.56 -14.50
CA ASP A 149 7.59 -30.84 -13.69
C ASP A 149 8.77 -29.98 -14.14
N PRO A 150 9.75 -29.78 -13.27
CA PRO A 150 10.98 -29.08 -13.69
C PRO A 150 11.75 -29.90 -14.69
N PRO A 151 12.75 -29.32 -15.38
CA PRO A 151 13.31 -27.98 -15.22
C PRO A 151 12.38 -26.84 -15.67
N PHE A 152 12.44 -25.74 -14.92
CA PHE A 152 11.70 -24.51 -15.19
C PHE A 152 12.66 -23.42 -15.64
N PHE A 153 12.11 -22.44 -16.34
CA PHE A 153 12.65 -21.08 -16.36
C PHE A 153 11.68 -20.18 -15.63
N VAL A 154 12.19 -19.43 -14.65
CA VAL A 154 11.40 -18.47 -13.88
C VAL A 154 11.85 -17.07 -14.25
N LYS A 155 10.90 -16.18 -14.50
CA LYS A 155 11.18 -14.84 -15.04
C LYS A 155 10.25 -13.82 -14.40
N PRO A 156 10.74 -12.59 -14.20
CA PRO A 156 9.79 -11.48 -14.00
C PRO A 156 8.99 -11.30 -15.28
N ALA A 157 7.68 -11.06 -15.14
CA ALA A 157 6.84 -10.97 -16.33
C ALA A 157 7.28 -9.82 -17.25
N ASN A 158 7.89 -8.78 -16.69
CA ASN A 158 8.22 -7.59 -17.47
C ASN A 158 9.73 -7.40 -17.68
N THR A 159 10.49 -8.48 -17.73
CA THR A 159 11.94 -8.31 -17.77
C THR A 159 12.45 -8.23 -19.21
N GLY A 160 13.73 -7.88 -19.31
CA GLY A 160 14.48 -7.93 -20.54
C GLY A 160 15.93 -8.17 -20.18
N SER A 161 16.73 -8.52 -21.19
CA SER A 161 18.17 -8.75 -21.04
C SER A 161 18.48 -9.84 -20.03
N SER A 162 17.53 -10.76 -19.80
CA SER A 162 17.64 -11.91 -18.91
C SER A 162 17.74 -11.52 -17.44
N VAL A 163 17.35 -10.30 -17.06
CA VAL A 163 17.50 -9.89 -15.67
C VAL A 163 16.46 -10.61 -14.82
N GLY A 164 16.88 -11.12 -13.67
CA GLY A 164 15.99 -11.80 -12.75
C GLY A 164 15.56 -13.18 -13.17
N ILE A 165 16.13 -13.75 -14.23
CA ILE A 165 15.72 -15.05 -14.75
C ILE A 165 16.57 -16.15 -14.11
N SER A 166 15.89 -17.23 -13.69
CA SER A 166 16.56 -18.40 -13.14
C SER A 166 16.18 -19.65 -13.91
N ARG A 167 17.17 -20.51 -14.14
CA ARG A 167 16.94 -21.86 -14.60
C ARG A 167 16.83 -22.77 -13.37
N VAL A 168 15.67 -23.40 -13.19
CA VAL A 168 15.33 -24.11 -11.96
C VAL A 168 15.24 -25.60 -12.23
N GLU A 169 16.13 -26.36 -11.60
CA GLU A 169 16.24 -27.81 -11.84
C GLU A 169 15.37 -28.63 -10.91
N ARG A 170 15.06 -28.11 -9.72
CA ARG A 170 14.42 -28.89 -8.68
C ARG A 170 13.35 -28.04 -8.02
N PHE A 171 12.26 -28.68 -7.60
CA PHE A 171 11.19 -27.94 -6.94
C PHE A 171 11.68 -27.16 -5.74
N GLN A 172 12.74 -27.64 -5.08
CA GLN A 172 13.28 -26.95 -3.92
C GLN A 172 13.81 -25.57 -4.30
N ASP A 173 14.28 -25.40 -5.53
CA ASP A 173 14.87 -24.14 -5.97
C ASP A 173 13.85 -23.16 -6.54
N LEU A 174 12.56 -23.52 -6.55
CA LEU A 174 11.56 -22.64 -7.13
C LEU A 174 11.33 -21.40 -6.26
N GLU A 175 11.36 -21.57 -4.93
CA GLU A 175 11.07 -20.45 -4.04
C GLU A 175 12.10 -19.35 -4.20
N ALA A 176 13.38 -19.70 -4.27
CA ALA A 176 14.42 -18.69 -4.44
C ALA A 176 14.28 -17.98 -5.78
N ALA A 177 13.87 -18.72 -6.81
CA ALA A 177 13.75 -18.13 -8.15
C ALA A 177 12.57 -17.16 -8.22
N LEU A 178 11.45 -17.48 -7.57
CA LEU A 178 10.34 -16.54 -7.55
C LEU A 178 10.68 -15.31 -6.74
N ALA A 179 11.39 -15.48 -5.62
CA ALA A 179 11.81 -14.34 -4.82
C ALA A 179 12.72 -13.41 -5.61
N LEU A 180 13.61 -13.98 -6.42
CA LEU A 180 14.44 -13.16 -7.29
C LEU A 180 13.58 -12.45 -8.33
N ALA A 181 12.70 -13.17 -9.01
CA ALA A 181 11.85 -12.55 -10.03
C ALA A 181 10.99 -11.45 -9.44
N PHE A 182 10.50 -11.64 -8.21
CA PHE A 182 9.61 -10.66 -7.59
C PHE A 182 10.33 -9.42 -7.10
N ARG A 183 11.67 -9.38 -7.17
CA ARG A 183 12.39 -8.13 -6.93
C ARG A 183 12.19 -7.15 -8.06
N TYR A 184 11.77 -7.62 -9.23
CA TYR A 184 11.67 -6.79 -10.42
C TYR A 184 10.25 -6.56 -10.90
N ASP A 185 9.30 -7.42 -10.51
CA ASP A 185 7.93 -7.30 -10.97
C ASP A 185 7.01 -7.91 -9.91
N GLU A 186 5.74 -7.51 -9.94
CA GLU A 186 4.75 -8.10 -9.05
C GLU A 186 4.18 -9.41 -9.61
N LYS A 187 4.47 -9.72 -10.86
CA LYS A 187 4.05 -10.94 -11.51
C LYS A 187 5.26 -11.62 -12.14
N ALA A 188 5.29 -12.94 -12.08
CA ALA A 188 6.34 -13.73 -12.68
C ALA A 188 5.72 -14.82 -13.53
N VAL A 189 6.54 -15.43 -14.39
CA VAL A 189 6.13 -16.60 -15.14
C VAL A 189 7.06 -17.76 -14.81
N VAL A 190 6.49 -18.95 -14.77
CA VAL A 190 7.26 -20.18 -14.69
C VAL A 190 7.00 -20.94 -15.98
N GLU A 191 8.05 -21.16 -16.77
CA GLU A 191 7.96 -21.85 -18.04
C GLU A 191 8.61 -23.23 -17.95
N LYS A 192 8.14 -24.13 -18.81
CA LYS A 192 8.84 -25.39 -18.97
C LYS A 192 10.13 -25.12 -19.73
N ALA A 193 11.25 -25.59 -19.18
CA ALA A 193 12.53 -25.38 -19.83
C ALA A 193 12.67 -26.31 -21.03
N LEU A 194 13.25 -25.77 -22.11
CA LEU A 194 13.71 -26.60 -23.22
C LEU A 194 15.21 -26.79 -23.07
N SER A 195 15.65 -28.06 -23.12
CA SER A 195 17.05 -28.39 -22.91
C SER A 195 17.39 -29.68 -23.64
N PRO A 196 18.30 -29.63 -24.61
CA PRO A 196 18.89 -28.37 -25.06
C PRO A 196 17.95 -27.63 -26.00
N VAL A 197 18.38 -26.47 -26.50
CA VAL A 197 17.55 -25.66 -27.37
C VAL A 197 18.46 -24.78 -28.22
N ARG A 198 18.04 -24.54 -29.45
CA ARG A 198 18.64 -23.51 -30.28
C ARG A 198 17.76 -22.26 -30.23
N GLU A 199 18.39 -21.12 -30.43
CA GLU A 199 17.71 -19.83 -30.34
C GLU A 199 17.80 -19.11 -31.67
N LEU A 200 16.64 -18.78 -32.24
CA LEU A 200 16.55 -18.07 -33.50
C LEU A 200 15.91 -16.70 -33.26
N GLU A 201 16.41 -15.70 -33.98
CA GLU A 201 15.90 -14.35 -33.87
C GLU A 201 15.67 -13.80 -35.28
N VAL A 202 14.57 -13.09 -35.47
CA VAL A 202 14.29 -12.48 -36.76
C VAL A 202 13.84 -11.04 -36.56
N GLY A 203 14.36 -10.14 -37.38
CA GLY A 203 13.96 -8.75 -37.33
C GLY A 203 12.73 -8.50 -38.20
N VAL A 204 11.88 -7.61 -37.72
CA VAL A 204 10.75 -7.16 -38.51
C VAL A 204 10.80 -5.64 -38.59
N LEU A 205 10.36 -5.11 -39.72
CA LEU A 205 10.32 -3.68 -39.99
C LEU A 205 9.02 -3.39 -40.72
N GLY A 206 8.28 -2.39 -40.27
CA GLY A 206 7.06 -1.98 -40.91
C GLY A 206 5.93 -1.80 -39.91
N ASN A 207 4.81 -1.30 -40.42
CA ASN A 207 3.64 -1.00 -39.60
C ASN A 207 2.57 -2.08 -39.80
N VAL A 208 2.42 -2.95 -38.79
CA VAL A 208 1.42 -4.03 -38.70
C VAL A 208 1.69 -5.14 -39.71
N PHE A 209 1.90 -4.78 -40.98
CA PHE A 209 2.23 -5.74 -42.03
C PHE A 209 3.71 -5.56 -42.33
N GLY A 210 4.55 -6.34 -41.65
CA GLY A 210 5.97 -6.13 -41.66
C GLY A 210 6.70 -6.93 -42.73
N GLU A 211 7.99 -6.66 -42.84
CA GLU A 211 8.88 -7.47 -43.65
C GLU A 211 9.96 -8.06 -42.75
N ALA A 212 10.29 -9.33 -42.98
CA ALA A 212 11.21 -10.04 -42.11
C ALA A 212 12.63 -9.95 -42.65
N SER A 213 13.58 -9.81 -41.74
CA SER A 213 14.99 -9.98 -42.05
C SER A 213 15.27 -11.46 -42.27
N PRO A 214 16.48 -11.81 -42.69
CA PRO A 214 16.92 -13.20 -42.59
C PRO A 214 16.88 -13.67 -41.15
N VAL A 215 16.79 -14.99 -40.98
CA VAL A 215 16.76 -15.57 -39.64
C VAL A 215 18.19 -15.74 -39.14
N GLY A 216 18.44 -15.25 -37.93
CA GLY A 216 19.73 -15.44 -37.29
C GLY A 216 19.64 -16.40 -36.13
N GLU A 217 20.78 -16.97 -35.73
CA GLU A 217 20.83 -17.89 -34.60
C GLU A 217 21.89 -17.44 -33.62
N VAL A 218 21.60 -17.63 -32.33
CA VAL A 218 22.49 -17.27 -31.24
C VAL A 218 22.97 -18.56 -30.57
N ARG A 219 24.29 -18.73 -30.51
CA ARG A 219 24.89 -19.84 -29.79
C ARG A 219 25.86 -19.28 -28.75
N TYR A 220 26.17 -20.09 -27.76
CA TYR A 220 26.93 -19.64 -26.60
C TYR A 220 27.28 -20.85 -25.75
N GLU A 221 28.25 -20.65 -24.86
CA GLU A 221 28.71 -21.72 -23.98
C GLU A 221 27.97 -21.74 -22.64
N ALA A 222 27.38 -20.63 -22.24
CA ALA A 222 26.70 -20.53 -20.96
C ALA A 222 25.47 -21.43 -20.92
N PRO A 223 24.97 -21.76 -19.71
CA PRO A 223 23.74 -22.55 -19.63
C PRO A 223 22.55 -21.95 -20.39
N PHE A 224 22.42 -20.62 -20.41
CA PHE A 224 21.39 -19.98 -21.23
C PHE A 224 21.90 -18.60 -21.62
N TYR A 225 21.11 -17.90 -22.45
CA TYR A 225 21.47 -16.59 -22.99
C TYR A 225 21.27 -15.54 -21.89
N ASP A 226 22.22 -15.50 -20.95
CA ASP A 226 22.11 -14.63 -19.79
C ASP A 226 22.69 -13.24 -20.06
N TYR A 227 22.59 -12.36 -19.06
CA TYR A 227 23.02 -10.98 -19.23
C TYR A 227 24.49 -10.89 -19.63
N GLU A 228 25.36 -11.68 -18.99
CA GLU A 228 26.79 -11.62 -19.32
C GLU A 228 27.04 -12.08 -20.76
N THR A 229 26.35 -13.12 -21.20
CA THR A 229 26.54 -13.62 -22.56
C THR A 229 26.02 -12.61 -23.58
N LYS A 230 24.93 -11.91 -23.24
CA LYS A 230 24.35 -10.95 -24.16
C LYS A 230 25.28 -9.77 -24.43
N TYR A 231 26.01 -9.30 -23.41
CA TYR A 231 26.69 -8.01 -23.53
C TYR A 231 28.21 -8.08 -23.34
N THR A 232 28.77 -9.27 -23.18
CA THR A 232 30.23 -9.40 -23.21
C THR A 232 30.69 -9.56 -24.65
N PRO A 233 31.56 -8.67 -25.15
CA PRO A 233 32.02 -8.80 -26.54
C PRO A 233 32.62 -10.17 -26.80
N GLY A 234 32.14 -10.82 -27.86
CA GLY A 234 32.64 -12.12 -28.27
C GLY A 234 32.05 -13.31 -27.55
N ARG A 235 31.30 -13.12 -26.46
CA ARG A 235 30.77 -14.28 -25.75
C ARG A 235 29.66 -14.97 -26.55
N ALA A 236 28.78 -14.19 -27.16
CA ALA A 236 27.68 -14.77 -27.93
C ALA A 236 28.10 -14.91 -29.39
N GLU A 237 27.82 -16.06 -29.97
CA GLU A 237 28.02 -16.28 -31.40
C GLU A 237 26.72 -15.97 -32.14
N LEU A 238 26.82 -15.12 -33.15
CA LEU A 238 25.66 -14.59 -33.87
C LEU A 238 25.75 -15.08 -35.32
N LEU A 239 24.99 -16.12 -35.64
CA LEU A 239 25.06 -16.79 -36.93
C LEU A 239 23.98 -16.22 -37.85
N ILE A 240 24.39 -15.50 -38.89
CA ILE A 240 23.47 -14.96 -39.88
C ILE A 240 23.99 -15.30 -41.26
N PRO A 241 23.21 -16.01 -42.10
CA PRO A 241 21.89 -16.53 -41.73
C PRO A 241 22.00 -17.79 -40.89
N ALA A 242 20.92 -18.14 -40.20
CA ALA A 242 20.91 -19.34 -39.39
C ALA A 242 21.06 -20.58 -40.27
N PRO A 243 21.81 -21.60 -39.83
CA PRO A 243 21.87 -22.87 -40.58
C PRO A 243 20.58 -23.65 -40.44
N LEU A 244 19.64 -23.41 -41.37
CA LEU A 244 18.34 -24.06 -41.38
C LEU A 244 18.02 -24.44 -42.82
N ASP A 245 17.21 -25.49 -42.99
CA ASP A 245 16.78 -25.73 -44.36
C ASP A 245 15.69 -24.72 -44.73
N PRO A 246 15.62 -24.34 -46.02
CA PRO A 246 14.80 -23.17 -46.41
C PRO A 246 13.34 -23.25 -45.96
N GLY A 247 12.75 -24.45 -45.89
CA GLY A 247 11.39 -24.55 -45.40
C GLY A 247 11.25 -24.09 -43.97
N THR A 248 12.24 -24.40 -43.13
CA THR A 248 12.23 -23.94 -41.75
C THR A 248 12.40 -22.42 -41.67
N GLN A 249 13.29 -21.87 -42.50
CA GLN A 249 13.51 -20.43 -42.53
C GLN A 249 12.23 -19.67 -42.85
N GLU A 250 11.53 -20.09 -43.92
CA GLU A 250 10.27 -19.44 -44.28
C GLU A 250 9.24 -19.58 -43.17
N THR A 251 9.21 -20.73 -42.51
CA THR A 251 8.25 -20.95 -41.43
C THR A 251 8.52 -20.03 -40.25
N VAL A 252 9.79 -19.82 -39.92
CA VAL A 252 10.12 -18.88 -38.84
C VAL A 252 9.71 -17.46 -39.23
N GLN A 253 10.03 -17.05 -40.45
CA GLN A 253 9.69 -15.69 -40.86
C GLN A 253 8.18 -15.48 -40.91
N GLU A 254 7.44 -16.47 -41.39
CA GLU A 254 5.98 -16.34 -41.45
C GLU A 254 5.36 -16.29 -40.06
N LEU A 255 5.88 -17.09 -39.13
CA LEU A 255 5.41 -17.04 -37.76
C LEU A 255 5.68 -15.68 -37.12
N ALA A 256 6.86 -15.10 -37.37
CA ALA A 256 7.17 -13.80 -36.78
C ALA A 256 6.25 -12.72 -37.33
N LEU A 257 5.92 -12.81 -38.62
CA LEU A 257 5.03 -11.83 -39.23
C LEU A 257 3.60 -12.01 -38.76
N LYS A 258 3.20 -13.26 -38.51
CA LYS A 258 1.87 -13.52 -37.97
C LYS A 258 1.71 -12.91 -36.58
N ALA A 259 2.64 -13.23 -35.67
CA ALA A 259 2.64 -12.64 -34.33
C ALA A 259 2.68 -11.12 -34.39
N TYR A 260 3.57 -10.57 -35.23
CA TYR A 260 3.66 -9.13 -35.38
C TYR A 260 2.31 -8.50 -35.73
N LYS A 261 1.56 -9.15 -36.63
CA LYS A 261 0.30 -8.59 -37.10
C LYS A 261 -0.81 -8.77 -36.07
N VAL A 262 -0.87 -9.94 -35.42
CA VAL A 262 -1.88 -10.17 -34.39
C VAL A 262 -1.73 -9.17 -33.25
N LEU A 263 -0.50 -8.93 -32.81
CA LEU A 263 -0.26 -8.01 -31.73
C LEU A 263 -0.33 -6.54 -32.15
N GLY A 264 -0.47 -6.28 -33.45
CA GLY A 264 -0.55 -4.90 -33.91
C GLY A 264 0.72 -4.10 -33.73
N VAL A 265 1.89 -4.74 -33.85
CA VAL A 265 3.15 -4.05 -33.67
C VAL A 265 3.37 -3.06 -34.82
N ARG A 266 4.02 -1.93 -34.49
CA ARG A 266 4.38 -0.93 -35.48
C ARG A 266 5.86 -0.60 -35.37
N GLY A 267 6.40 -0.10 -36.47
CA GLY A 267 7.81 0.25 -36.51
C GLY A 267 8.74 -0.94 -36.63
N MET A 268 8.96 -1.67 -35.54
CA MET A 268 9.94 -2.74 -35.56
C MET A 268 9.64 -3.74 -34.45
N ALA A 269 10.28 -4.90 -34.57
CA ALA A 269 10.38 -5.83 -33.46
C ALA A 269 11.45 -6.85 -33.80
N ARG A 270 12.12 -7.36 -32.77
CA ARG A 270 12.90 -8.58 -32.91
C ARG A 270 12.08 -9.71 -32.32
N VAL A 271 11.83 -10.74 -33.12
CA VAL A 271 11.00 -11.87 -32.70
C VAL A 271 11.94 -13.05 -32.47
N ASP A 272 11.88 -13.61 -31.27
CA ASP A 272 12.83 -14.61 -30.82
C ASP A 272 12.13 -15.95 -30.63
N PHE A 273 12.80 -17.02 -31.05
CA PHE A 273 12.22 -18.35 -31.13
C PHE A 273 13.15 -19.36 -30.48
N PHE A 274 12.56 -20.48 -30.06
CA PHE A 274 13.28 -21.66 -29.64
C PHE A 274 13.11 -22.73 -30.70
N LEU A 275 14.17 -23.49 -30.93
CA LEU A 275 14.14 -24.61 -31.86
C LEU A 275 14.65 -25.84 -31.12
N ALA A 276 13.79 -26.84 -30.96
CA ALA A 276 14.12 -28.06 -30.22
C ALA A 276 13.96 -29.25 -31.16
N GLU A 277 15.07 -29.69 -31.74
CA GLU A 277 15.10 -30.73 -32.76
C GLU A 277 13.97 -30.54 -33.77
N GLY A 278 13.91 -29.34 -34.35
CA GLY A 278 12.95 -29.03 -35.38
C GLY A 278 11.65 -28.44 -34.90
N GLU A 279 11.36 -28.54 -33.60
CA GLU A 279 10.08 -28.09 -33.04
C GLU A 279 10.18 -26.61 -32.66
N LEU A 280 9.30 -25.80 -33.22
CA LEU A 280 9.40 -24.35 -33.13
C LEU A 280 8.44 -23.79 -32.08
N TYR A 281 8.96 -22.87 -31.26
CA TYR A 281 8.20 -22.10 -30.28
C TYR A 281 8.58 -20.64 -30.39
N LEU A 282 7.60 -19.75 -30.36
CA LEU A 282 7.91 -18.32 -30.24
C LEU A 282 8.15 -18.02 -28.78
N ASN A 283 9.33 -17.47 -28.48
CA ASN A 283 9.74 -17.18 -27.11
C ASN A 283 9.21 -15.83 -26.64
N GLU A 284 9.57 -14.77 -27.35
CA GLU A 284 9.09 -13.43 -27.01
C GLU A 284 9.28 -12.51 -28.20
N LEU A 285 8.56 -11.39 -28.18
CA LEU A 285 8.87 -10.25 -29.04
C LEU A 285 9.44 -9.12 -28.21
N ASN A 286 10.40 -8.41 -28.81
CA ASN A 286 10.98 -7.21 -28.21
C ASN A 286 10.75 -6.05 -29.16
N THR A 287 9.96 -5.07 -28.71
CA THR A 287 9.63 -3.94 -29.58
C THR A 287 10.71 -2.88 -29.61
N ILE A 288 11.55 -2.77 -28.58
CA ILE A 288 12.73 -1.89 -28.64
C ILE A 288 13.95 -2.80 -28.50
N PRO A 289 14.33 -3.51 -29.54
CA PRO A 289 15.50 -4.39 -29.43
C PRO A 289 16.76 -3.57 -29.20
N GLY A 290 17.80 -4.26 -28.78
CA GLY A 290 19.04 -3.58 -28.49
C GLY A 290 19.75 -3.16 -29.76
N PHE A 291 20.53 -2.10 -29.62
CA PHE A 291 21.43 -1.62 -30.66
C PHE A 291 22.86 -1.55 -30.13
N THR A 292 23.21 -2.46 -29.23
CA THR A 292 24.54 -2.50 -28.64
C THR A 292 25.51 -3.13 -29.64
N PRO A 293 26.81 -3.10 -29.34
CA PRO A 293 27.78 -3.74 -30.26
C PRO A 293 27.61 -5.25 -30.39
N THR A 294 26.83 -5.88 -29.52
CA THR A 294 26.59 -7.33 -29.60
C THR A 294 25.12 -7.64 -29.90
N SER A 295 24.36 -6.65 -30.37
CA SER A 295 22.92 -6.80 -30.58
C SER A 295 22.65 -7.38 -31.96
N MET A 296 21.57 -8.15 -32.05
CA MET A 296 21.26 -8.87 -33.28
C MET A 296 20.49 -8.05 -34.29
N TYR A 297 19.62 -7.14 -33.85
CA TYR A 297 18.66 -6.53 -34.79
C TYR A 297 19.33 -5.79 -35.93
N PRO A 298 20.33 -4.91 -35.72
CA PRO A 298 20.97 -4.27 -36.88
C PRO A 298 21.74 -5.25 -37.76
N ARG A 299 22.37 -6.26 -37.17
CA ARG A 299 23.11 -7.24 -38.00
C ARG A 299 22.15 -8.02 -38.89
N LEU A 300 20.97 -8.34 -38.36
CA LEU A 300 20.01 -9.12 -39.14
C LEU A 300 19.56 -8.34 -40.37
N PHE A 301 19.25 -7.06 -40.21
CA PHE A 301 18.81 -6.31 -41.37
C PHE A 301 19.98 -5.92 -42.26
N GLU A 302 21.18 -5.83 -41.69
CA GLU A 302 22.39 -5.72 -42.49
C GLU A 302 22.49 -6.87 -43.49
N ALA A 303 22.30 -8.10 -43.01
CA ALA A 303 22.31 -9.26 -43.89
C ALA A 303 21.14 -9.26 -44.86
N GLY A 304 20.08 -8.52 -44.58
CA GLY A 304 18.96 -8.40 -45.50
C GLY A 304 19.07 -7.20 -46.41
N GLY A 305 20.28 -6.65 -46.56
CA GLY A 305 20.51 -5.55 -47.46
C GLY A 305 20.02 -4.20 -46.98
N VAL A 306 19.89 -4.00 -45.67
CA VAL A 306 19.48 -2.72 -45.11
C VAL A 306 20.60 -2.28 -44.17
N ALA A 307 21.42 -1.34 -44.62
CA ALA A 307 22.53 -0.89 -43.80
C ALA A 307 22.02 -0.08 -42.61
N TYR A 308 22.88 0.07 -41.61
CA TYR A 308 22.51 0.70 -40.34
C TYR A 308 21.87 2.07 -40.52
N PRO A 309 22.43 3.02 -41.27
CA PRO A 309 21.74 4.32 -41.44
C PRO A 309 20.39 4.19 -42.15
N GLU A 310 20.30 3.31 -43.13
CA GLU A 310 19.04 3.13 -43.84
C GLU A 310 17.99 2.47 -42.96
N LEU A 311 18.41 1.54 -42.09
CA LEU A 311 17.47 0.95 -41.12
C LEU A 311 16.87 2.02 -40.21
N LEU A 312 17.70 2.96 -39.75
CA LEU A 312 17.22 3.99 -38.82
C LEU A 312 16.37 5.01 -39.55
N ARG A 313 16.75 5.37 -40.77
CA ARG A 313 15.89 6.20 -41.62
C ARG A 313 14.50 5.60 -41.74
N ARG A 314 14.42 4.31 -42.09
CA ARG A 314 13.13 3.68 -42.29
C ARG A 314 12.29 3.67 -41.01
N LEU A 315 12.94 3.51 -39.85
CA LEU A 315 12.21 3.55 -38.59
C LEU A 315 11.57 4.91 -38.37
N VAL A 316 12.30 5.99 -38.66
CA VAL A 316 11.77 7.34 -38.54
C VAL A 316 10.66 7.58 -39.57
N GLU A 317 10.87 7.12 -40.81
CA GLU A 317 9.84 7.26 -41.84
C GLU A 317 8.56 6.51 -41.45
N LEU A 318 8.70 5.30 -40.91
CA LEU A 318 7.54 4.54 -40.48
C LEU A 318 6.80 5.23 -39.34
N ALA A 319 7.54 5.93 -38.48
CA ALA A 319 6.91 6.67 -37.40
C ALA A 319 6.07 7.83 -37.93
N LEU A 320 6.58 8.54 -38.93
CA LEU A 320 5.83 9.64 -39.52
C LEU A 320 4.62 9.13 -40.30
N THR A 321 4.78 8.01 -41.01
CA THR A 321 3.68 7.46 -41.79
C THR A 321 2.52 7.02 -40.91
N HIS A 322 2.81 6.44 -39.74
CA HIS A 322 1.73 6.05 -38.84
C HIS A 322 1.07 7.26 -38.19
N HIS A 323 1.84 8.15 -37.59
CA HIS A 323 1.23 9.22 -36.78
C HIS A 323 0.34 10.10 -37.65
N HIS A 324 0.91 10.69 -38.68
CA HIS A 324 0.08 11.29 -39.70
C HIS A 324 -0.56 10.17 -40.52
N HIS A 325 -1.60 10.52 -41.29
CA HIS A 325 -2.29 9.57 -42.16
C HIS A 325 -3.11 8.50 -41.43
N HIS A 326 -2.58 7.91 -40.35
CA HIS A 326 -3.36 6.90 -39.61
C HIS A 326 -4.01 7.52 -38.37
N MET B 3 -5.27 16.38 2.05
CA MET B 3 -5.28 15.54 0.85
C MET B 3 -5.99 16.25 -0.30
N ARG B 4 -5.26 16.57 -1.35
CA ARG B 4 -5.80 17.28 -2.51
C ARG B 4 -5.84 16.35 -3.71
N VAL B 5 -7.01 16.25 -4.33
CA VAL B 5 -7.21 15.41 -5.51
C VAL B 5 -7.29 16.29 -6.73
N LEU B 6 -6.64 15.86 -7.82
CA LEU B 6 -6.84 16.49 -9.12
C LEU B 6 -7.68 15.55 -9.97
N LEU B 7 -8.83 16.05 -10.41
CA LEU B 7 -9.76 15.28 -11.23
C LEU B 7 -9.67 15.84 -12.65
N ILE B 8 -9.36 14.97 -13.61
CA ILE B 8 -9.25 15.35 -15.01
C ILE B 8 -10.45 14.79 -15.76
N ALA B 9 -11.17 15.65 -16.49
CA ALA B 9 -12.32 15.22 -17.25
C ALA B 9 -12.38 15.93 -18.59
N GLY B 10 -13.32 15.49 -19.43
CA GLY B 10 -13.45 15.99 -20.79
C GLY B 10 -12.79 15.02 -21.75
N GLY B 11 -11.74 15.49 -22.45
CA GLY B 11 -10.96 14.64 -23.31
C GLY B 11 -11.29 14.85 -24.79
N VAL B 12 -10.43 14.29 -25.63
CA VAL B 12 -10.59 14.43 -27.09
C VAL B 12 -11.37 13.29 -27.73
N SER B 13 -11.72 12.24 -26.97
CA SER B 13 -12.47 11.13 -27.52
C SER B 13 -13.92 11.55 -27.76
N PRO B 14 -14.69 10.74 -28.51
CA PRO B 14 -16.12 11.05 -28.68
C PRO B 14 -16.91 11.06 -27.39
N GLU B 15 -16.33 10.55 -26.29
CA GLU B 15 -17.01 10.50 -24.99
C GLU B 15 -16.74 11.73 -24.14
N HIS B 16 -16.31 12.83 -24.76
CA HIS B 16 -15.99 14.07 -24.04
C HIS B 16 -17.14 14.55 -23.16
N GLU B 17 -18.35 14.63 -23.72
CA GLU B 17 -19.47 15.12 -22.93
C GLU B 17 -19.82 14.15 -21.80
N VAL B 18 -19.77 12.85 -22.08
CA VAL B 18 -20.02 11.84 -21.07
C VAL B 18 -19.05 12.00 -19.90
N SER B 19 -17.80 12.34 -20.19
CA SER B 19 -16.79 12.47 -19.15
C SER B 19 -17.07 13.67 -18.25
N LEU B 20 -17.60 14.76 -18.82
CA LEU B 20 -17.95 15.91 -18.00
C LEU B 20 -19.15 15.62 -17.11
N LEU B 21 -20.09 14.80 -17.59
CA LEU B 21 -21.19 14.35 -16.74
C LEU B 21 -20.68 13.45 -15.63
N SER B 22 -19.73 12.58 -15.94
CA SER B 22 -19.10 11.76 -14.89
C SER B 22 -18.45 12.64 -13.84
N ALA B 23 -17.78 13.72 -14.27
CA ALA B 23 -17.09 14.59 -13.32
C ALA B 23 -18.07 15.29 -12.39
N GLU B 24 -19.23 15.69 -12.92
CA GLU B 24 -20.28 16.25 -12.08
C GLU B 24 -20.71 15.25 -11.01
N GLY B 25 -20.84 13.97 -11.37
CA GLY B 25 -21.23 12.97 -10.39
C GLY B 25 -20.18 12.76 -9.32
N VAL B 26 -18.92 12.65 -9.72
CA VAL B 26 -17.84 12.42 -8.76
C VAL B 26 -17.65 13.64 -7.86
N LEU B 27 -17.70 14.84 -8.44
CA LEU B 27 -17.46 16.04 -7.64
C LEU B 27 -18.53 16.22 -6.57
N ARG B 28 -19.76 15.76 -6.84
CA ARG B 28 -20.84 15.88 -5.85
C ARG B 28 -20.57 15.03 -4.61
N HIS B 29 -19.80 13.95 -4.74
CA HIS B 29 -19.70 12.97 -3.67
C HIS B 29 -18.30 12.77 -3.12
N ILE B 30 -17.26 13.16 -3.84
CA ILE B 30 -15.89 12.82 -3.42
C ILE B 30 -15.60 13.49 -2.08
N PRO B 31 -15.04 12.77 -1.09
CA PRO B 31 -14.92 13.34 0.25
C PRO B 31 -13.60 14.03 0.52
N PHE B 32 -12.88 14.40 -0.55
CA PHE B 32 -11.62 15.09 -0.40
C PHE B 32 -11.69 16.44 -1.13
N PRO B 33 -10.90 17.42 -0.70
CA PRO B 33 -10.72 18.62 -1.53
C PRO B 33 -10.25 18.22 -2.92
N THR B 34 -10.90 18.78 -3.93
CA THR B 34 -10.71 18.32 -5.31
C THR B 34 -10.79 19.50 -6.26
N ASP B 35 -9.72 19.70 -7.01
CA ASP B 35 -9.72 20.64 -8.13
C ASP B 35 -10.01 19.89 -9.41
N LEU B 36 -10.72 20.57 -10.32
CA LEU B 36 -11.00 20.02 -11.64
C LEU B 36 -10.05 20.60 -12.68
N ALA B 37 -9.59 19.74 -13.60
CA ALA B 37 -8.88 20.15 -14.80
C ALA B 37 -9.57 19.52 -16.00
N VAL B 38 -9.83 20.32 -17.04
CA VAL B 38 -10.63 19.86 -18.17
C VAL B 38 -9.75 19.85 -19.42
N ILE B 39 -9.73 18.71 -20.12
CA ILE B 39 -9.15 18.62 -21.45
C ILE B 39 -10.24 18.93 -22.47
N ALA B 40 -10.05 19.97 -23.26
CA ALA B 40 -11.03 20.33 -24.27
C ALA B 40 -10.97 19.35 -25.44
N GLN B 41 -11.93 19.51 -26.36
CA GLN B 41 -12.01 18.65 -27.52
C GLN B 41 -10.85 18.87 -28.48
N ASP B 42 -10.20 20.02 -28.43
CA ASP B 42 -9.02 20.25 -29.25
C ASP B 42 -7.73 19.84 -28.55
N GLY B 43 -7.82 19.15 -27.41
CA GLY B 43 -6.67 18.68 -26.69
C GLY B 43 -6.08 19.66 -25.70
N ARG B 44 -6.42 20.94 -25.80
CA ARG B 44 -5.85 21.93 -24.90
C ARG B 44 -6.61 21.93 -23.58
N TRP B 45 -5.88 22.15 -22.49
CA TRP B 45 -6.42 22.01 -21.15
C TRP B 45 -7.02 23.33 -20.68
N LEU B 46 -8.00 23.22 -19.78
CA LEU B 46 -8.56 24.34 -19.05
C LEU B 46 -8.41 24.08 -17.55
N LEU B 47 -7.95 25.08 -16.82
CA LEU B 47 -7.69 24.95 -15.39
C LEU B 47 -8.50 25.96 -14.60
N GLY B 48 -8.54 25.76 -13.29
CA GLY B 48 -9.19 26.71 -12.40
C GLY B 48 -10.62 27.03 -12.81
N GLU B 49 -10.95 28.32 -12.80
CA GLU B 49 -12.33 28.74 -13.04
C GLU B 49 -12.79 28.39 -14.45
N LYS B 50 -11.88 28.34 -15.41
CA LYS B 50 -12.28 28.00 -16.77
C LYS B 50 -12.74 26.56 -16.87
N ALA B 51 -12.15 25.65 -16.10
CA ALA B 51 -12.61 24.27 -16.09
C ALA B 51 -14.01 24.17 -15.49
N LEU B 52 -14.25 24.87 -14.37
CA LEU B 52 -15.57 24.84 -13.74
C LEU B 52 -16.62 25.46 -14.64
N THR B 53 -16.25 26.48 -15.42
CA THR B 53 -17.16 27.03 -16.42
C THR B 53 -17.46 26.01 -17.50
N ALA B 54 -16.43 25.32 -17.98
CA ALA B 54 -16.63 24.30 -19.01
C ALA B 54 -17.45 23.13 -18.48
N LEU B 55 -17.27 22.79 -17.21
CA LEU B 55 -18.11 21.78 -16.60
C LEU B 55 -19.57 22.17 -16.68
N GLU B 56 -19.89 23.44 -16.38
CA GLU B 56 -21.28 23.87 -16.34
C GLU B 56 -21.91 23.80 -17.72
N ALA B 57 -21.14 24.09 -18.77
CA ALA B 57 -21.63 24.04 -20.14
C ALA B 57 -21.75 22.62 -20.67
N LYS B 58 -21.16 21.64 -19.98
CA LYS B 58 -21.21 20.23 -20.33
C LYS B 58 -20.50 19.92 -21.65
N ALA B 59 -19.70 20.86 -22.16
CA ALA B 59 -18.85 20.62 -23.32
C ALA B 59 -17.88 21.77 -23.45
N ALA B 60 -16.62 21.44 -23.76
CA ALA B 60 -15.57 22.44 -23.94
C ALA B 60 -14.87 22.15 -25.25
N PRO B 61 -15.24 22.84 -26.34
CA PRO B 61 -14.63 22.54 -27.64
C PRO B 61 -13.20 23.04 -27.77
N GLU B 62 -12.80 24.04 -27.00
CA GLU B 62 -11.50 24.67 -27.15
C GLU B 62 -10.91 24.97 -25.77
N GLY B 63 -9.63 24.66 -25.61
CA GLY B 63 -8.93 24.88 -24.36
C GLY B 63 -7.88 25.96 -24.47
N GLU B 64 -7.14 26.13 -23.38
CA GLU B 64 -6.12 27.17 -23.28
C GLU B 64 -4.71 26.63 -23.44
N HIS B 65 -4.35 25.56 -22.72
CA HIS B 65 -2.95 25.18 -22.60
C HIS B 65 -2.65 23.89 -23.36
N PRO B 66 -1.68 23.91 -24.28
CA PRO B 66 -1.26 22.66 -24.92
C PRO B 66 -0.64 21.71 -23.91
N PHE B 67 -0.78 20.41 -24.19
CA PHE B 67 -0.21 19.40 -23.33
C PHE B 67 1.31 19.36 -23.51
N PRO B 68 2.10 19.29 -22.43
CA PRO B 68 1.61 19.22 -21.05
C PRO B 68 1.34 20.58 -20.42
N PRO B 69 0.26 20.67 -19.63
CA PRO B 69 -0.22 21.97 -19.18
C PRO B 69 0.66 22.52 -18.07
N PRO B 70 0.65 23.85 -17.88
CA PRO B 70 1.39 24.44 -16.76
C PRO B 70 0.68 24.21 -15.43
N LEU B 71 0.59 22.95 -15.02
CA LEU B 71 -0.14 22.56 -13.82
C LEU B 71 0.88 22.20 -12.74
N SER B 72 0.67 22.72 -11.53
CA SER B 72 1.56 22.41 -10.41
C SER B 72 1.12 21.08 -9.82
N TRP B 73 1.62 20.00 -10.44
CA TRP B 73 1.24 18.66 -10.00
C TRP B 73 1.65 18.40 -8.56
N GLU B 74 2.75 19.00 -8.10
CA GLU B 74 3.24 18.72 -6.75
C GLU B 74 2.25 19.14 -5.67
N ARG B 75 1.26 19.97 -6.00
CA ARG B 75 0.27 20.39 -5.03
C ARG B 75 -0.84 19.36 -4.82
N TYR B 76 -0.84 18.26 -5.56
CA TYR B 76 -1.88 17.24 -5.44
C TYR B 76 -1.28 15.92 -4.98
N ASP B 77 -2.03 15.21 -4.13
CA ASP B 77 -1.61 13.92 -3.61
C ASP B 77 -1.99 12.76 -4.51
N VAL B 78 -3.11 12.88 -5.24
CA VAL B 78 -3.61 11.82 -6.11
C VAL B 78 -4.27 12.47 -7.32
N VAL B 79 -4.14 11.84 -8.48
CA VAL B 79 -4.82 12.26 -9.70
C VAL B 79 -5.92 11.26 -10.01
N PHE B 80 -7.12 11.76 -10.29
CA PHE B 80 -8.27 10.92 -10.66
C PHE B 80 -8.55 11.12 -12.14
N PRO B 81 -8.03 10.24 -13.03
CA PRO B 81 -8.30 10.40 -14.46
C PRO B 81 -9.68 9.92 -14.84
N LEU B 82 -10.64 10.83 -14.90
CA LEU B 82 -12.03 10.50 -15.20
C LEU B 82 -12.35 10.70 -16.68
N LEU B 83 -11.43 10.30 -17.55
CA LEU B 83 -11.59 10.40 -18.98
C LEU B 83 -12.05 9.05 -19.52
N HIS B 84 -12.93 9.07 -20.51
CA HIS B 84 -13.46 7.86 -21.12
C HIS B 84 -12.93 7.72 -22.54
N GLY B 85 -12.56 6.49 -22.92
CA GLY B 85 -12.20 6.21 -24.30
C GLY B 85 -10.75 6.52 -24.64
N ARG B 86 -10.51 6.71 -25.93
CA ARG B 86 -9.17 7.02 -26.43
C ARG B 86 -8.59 8.24 -25.72
N PHE B 87 -7.28 8.21 -25.47
CA PHE B 87 -6.57 9.32 -24.82
C PHE B 87 -7.13 9.62 -23.43
N GLY B 88 -7.25 8.59 -22.61
CA GLY B 88 -7.75 8.75 -21.26
C GLY B 88 -7.99 7.45 -20.53
N GLU B 89 -8.61 6.51 -21.22
CA GLU B 89 -8.92 5.20 -20.66
C GLU B 89 -8.03 4.10 -21.25
N ASP B 90 -7.09 4.47 -22.13
CA ASP B 90 -6.38 3.51 -22.96
C ASP B 90 -4.89 3.40 -22.65
N GLY B 91 -4.43 3.95 -21.51
CA GLY B 91 -3.05 3.84 -21.10
C GLY B 91 -2.19 5.05 -21.43
N THR B 92 -2.69 5.96 -22.26
CA THR B 92 -1.94 7.17 -22.60
C THR B 92 -1.80 8.09 -21.38
N VAL B 93 -2.93 8.52 -20.83
CA VAL B 93 -2.89 9.33 -19.62
C VAL B 93 -2.21 8.57 -18.47
N GLN B 94 -2.40 7.26 -18.42
CA GLN B 94 -1.78 6.49 -17.33
C GLN B 94 -0.26 6.46 -17.48
N GLY B 95 0.23 6.39 -18.71
CA GLY B 95 1.66 6.48 -18.93
C GLY B 95 2.24 7.82 -18.48
N PHE B 96 1.57 8.91 -18.83
CA PHE B 96 1.98 10.22 -18.33
C PHE B 96 2.02 10.25 -16.81
N LEU B 97 0.98 9.72 -16.14
CA LEU B 97 0.96 9.81 -14.69
C LEU B 97 2.01 8.92 -14.04
N GLU B 98 2.29 7.75 -14.63
CA GLU B 98 3.39 6.90 -14.14
C GLU B 98 4.71 7.65 -14.22
N LEU B 99 4.95 8.36 -15.32
CA LEU B 99 6.19 9.10 -15.47
C LEU B 99 6.23 10.31 -14.55
N LEU B 100 5.06 10.89 -14.25
CA LEU B 100 4.99 11.94 -13.26
C LEU B 100 5.34 11.43 -11.87
N GLY B 101 5.18 10.12 -11.62
CA GLY B 101 5.45 9.57 -10.31
C GLY B 101 4.40 9.92 -9.28
N LYS B 102 3.17 10.11 -9.73
CA LYS B 102 2.06 10.55 -8.89
C LYS B 102 1.07 9.40 -8.72
N PRO B 103 0.58 9.11 -7.52
CA PRO B 103 -0.48 8.10 -7.39
C PRO B 103 -1.70 8.52 -8.21
N TYR B 104 -2.32 7.56 -8.86
CA TYR B 104 -3.51 7.87 -9.64
C TYR B 104 -4.54 6.75 -9.53
N VAL B 105 -5.80 7.12 -9.72
CA VAL B 105 -6.92 6.20 -9.57
C VAL B 105 -7.02 5.34 -10.83
N GLY B 106 -7.23 4.04 -10.62
CA GLY B 106 -7.64 3.18 -11.71
C GLY B 106 -6.51 2.36 -12.28
N ALA B 107 -6.82 1.76 -13.43
CA ALA B 107 -5.96 0.75 -14.03
C ALA B 107 -4.66 1.35 -14.54
N GLY B 108 -3.61 0.54 -14.47
CA GLY B 108 -2.32 0.91 -15.00
C GLY B 108 -2.32 0.94 -16.52
N VAL B 109 -1.12 1.10 -17.07
CA VAL B 109 -0.99 1.28 -18.52
C VAL B 109 -1.45 0.04 -19.28
N ALA B 110 -0.98 -1.14 -18.87
CA ALA B 110 -1.28 -2.33 -19.66
C ALA B 110 -2.75 -2.72 -19.56
N ALA B 111 -3.27 -2.78 -18.33
CA ALA B 111 -4.69 -3.09 -18.14
C ALA B 111 -5.58 -2.09 -18.87
N SER B 112 -5.21 -0.81 -18.87
CA SER B 112 -6.05 0.20 -19.54
C SER B 112 -6.02 0.01 -21.03
N ALA B 113 -4.82 -0.18 -21.60
CA ALA B 113 -4.71 -0.34 -23.05
C ALA B 113 -5.43 -1.58 -23.52
N LEU B 114 -5.32 -2.67 -22.75
CA LEU B 114 -5.89 -3.94 -23.18
C LEU B 114 -7.41 -3.95 -23.07
N CYS B 115 -7.97 -3.45 -21.97
CA CYS B 115 -9.43 -3.43 -21.82
C CYS B 115 -10.10 -2.47 -22.80
N MET B 116 -9.37 -1.48 -23.31
CA MET B 116 -9.94 -0.59 -24.32
C MET B 116 -10.03 -1.27 -25.68
N ASP B 117 -9.09 -2.17 -25.98
CA ASP B 117 -9.03 -2.84 -27.28
C ASP B 117 -9.92 -4.08 -27.24
N LYS B 118 -11.05 -4.02 -27.94
CA LYS B 118 -12.03 -5.11 -27.90
C LYS B 118 -11.51 -6.38 -28.57
N ASP B 119 -10.50 -6.26 -29.43
CA ASP B 119 -9.91 -7.45 -30.05
C ASP B 119 -8.90 -8.10 -29.11
N LEU B 120 -7.95 -7.31 -28.61
CA LEU B 120 -6.91 -7.89 -27.77
C LEU B 120 -7.48 -8.44 -26.46
N SER B 121 -8.41 -7.70 -25.83
CA SER B 121 -9.02 -8.19 -24.60
C SER B 121 -9.73 -9.53 -24.84
N LYS B 122 -10.41 -9.67 -25.98
CA LYS B 122 -11.09 -10.93 -26.29
C LYS B 122 -10.09 -12.06 -26.48
N ARG B 123 -8.94 -11.79 -27.09
CA ARG B 123 -7.94 -12.84 -27.26
C ARG B 123 -7.41 -13.31 -25.90
N VAL B 124 -7.15 -12.37 -24.99
CA VAL B 124 -6.67 -12.75 -23.66
C VAL B 124 -7.74 -13.53 -22.91
N LEU B 125 -8.95 -13.01 -22.88
CA LEU B 125 -10.00 -13.64 -22.08
C LEU B 125 -10.39 -15.00 -22.65
N ALA B 126 -10.44 -15.13 -23.98
CA ALA B 126 -10.78 -16.42 -24.58
C ALA B 126 -9.73 -17.48 -24.23
N GLN B 127 -8.45 -17.12 -24.31
CA GLN B 127 -7.42 -18.07 -23.94
C GLN B 127 -7.54 -18.49 -22.47
N ALA B 128 -8.00 -17.59 -21.62
CA ALA B 128 -8.10 -17.85 -20.19
C ALA B 128 -9.34 -18.66 -19.83
N GLY B 129 -10.14 -19.09 -20.81
CA GLY B 129 -11.30 -19.89 -20.56
C GLY B 129 -12.58 -19.12 -20.37
N VAL B 130 -12.54 -17.79 -20.51
CA VAL B 130 -13.74 -16.97 -20.34
C VAL B 130 -14.52 -16.96 -21.66
N PRO B 131 -15.81 -17.28 -21.64
CA PRO B 131 -16.60 -17.28 -22.88
C PRO B 131 -16.72 -15.87 -23.45
N VAL B 132 -16.46 -15.74 -24.76
CA VAL B 132 -16.65 -14.49 -25.47
C VAL B 132 -17.42 -14.78 -26.75
N VAL B 133 -17.96 -13.73 -27.33
CA VAL B 133 -18.73 -13.87 -28.58
C VAL B 133 -17.76 -14.16 -29.73
N PRO B 134 -18.15 -14.97 -30.71
CA PRO B 134 -17.32 -15.12 -31.92
C PRO B 134 -17.09 -13.76 -32.59
N TRP B 135 -15.86 -13.53 -33.02
CA TRP B 135 -15.51 -12.25 -33.62
C TRP B 135 -14.30 -12.44 -34.52
N VAL B 136 -14.09 -11.47 -35.40
CA VAL B 136 -12.84 -11.32 -36.12
C VAL B 136 -12.43 -9.86 -36.08
N ALA B 137 -11.13 -9.63 -36.24
CA ALA B 137 -10.59 -8.29 -36.37
C ALA B 137 -10.47 -7.91 -37.84
N VAL B 138 -10.59 -6.62 -38.13
CA VAL B 138 -10.44 -6.10 -39.48
C VAL B 138 -9.57 -4.84 -39.43
N ARG B 139 -8.56 -4.79 -40.28
CA ARG B 139 -7.70 -3.62 -40.42
C ARG B 139 -8.20 -2.74 -41.57
N LYS B 140 -8.02 -1.43 -41.41
CA LYS B 140 -8.45 -0.49 -42.44
C LYS B 140 -7.72 -0.75 -43.75
N GLY B 141 -8.45 -0.64 -44.86
CA GLY B 141 -7.90 -0.93 -46.16
C GLY B 141 -7.75 -2.40 -46.47
N GLU B 142 -8.20 -3.30 -45.59
CA GLU B 142 -8.16 -4.74 -45.80
C GLU B 142 -9.58 -5.31 -45.79
N PRO B 143 -9.87 -6.28 -46.65
CA PRO B 143 -11.24 -6.80 -46.74
C PRO B 143 -11.56 -7.71 -45.56
N PRO B 144 -12.79 -7.66 -45.05
CA PRO B 144 -13.14 -8.51 -43.92
C PRO B 144 -13.28 -9.97 -44.34
N VAL B 145 -12.82 -10.86 -43.48
CA VAL B 145 -13.01 -12.30 -43.63
C VAL B 145 -13.87 -12.74 -42.46
N VAL B 146 -15.19 -12.71 -42.64
CA VAL B 146 -16.15 -12.96 -41.57
C VAL B 146 -16.66 -14.40 -41.74
N PRO B 147 -16.28 -15.33 -40.87
CA PRO B 147 -16.70 -16.73 -41.05
C PRO B 147 -18.08 -17.05 -40.52
N PHE B 148 -18.70 -16.19 -39.72
CA PHE B 148 -20.03 -16.43 -39.20
C PHE B 148 -21.07 -15.62 -39.97
N ASP B 149 -22.34 -15.99 -39.79
CA ASP B 149 -23.43 -15.37 -40.54
C ASP B 149 -24.02 -14.20 -39.76
N PRO B 150 -24.61 -13.24 -40.47
CA PRO B 150 -25.25 -12.10 -39.80
C PRO B 150 -26.46 -12.55 -39.00
N PRO B 151 -26.97 -11.71 -38.09
CA PRO B 151 -26.60 -10.31 -37.76
C PRO B 151 -25.23 -10.15 -37.09
N PHE B 152 -24.59 -9.02 -37.37
CA PHE B 152 -23.29 -8.66 -36.82
C PHE B 152 -23.40 -7.41 -35.97
N PHE B 153 -22.42 -7.22 -35.09
CA PHE B 153 -22.10 -5.91 -34.55
C PHE B 153 -20.70 -5.54 -35.04
N VAL B 154 -20.56 -4.32 -35.54
CA VAL B 154 -19.30 -3.82 -36.06
C VAL B 154 -18.87 -2.64 -35.21
N LYS B 155 -17.63 -2.66 -34.74
CA LYS B 155 -17.16 -1.68 -33.77
C LYS B 155 -15.75 -1.26 -34.13
N PRO B 156 -15.39 0.00 -33.85
CA PRO B 156 -13.97 0.32 -33.73
C PRO B 156 -13.42 -0.48 -32.56
N ALA B 157 -12.18 -0.93 -32.69
CA ALA B 157 -11.61 -1.78 -31.65
C ALA B 157 -11.50 -1.03 -30.34
N ASN B 158 -11.19 0.26 -30.39
CA ASN B 158 -11.09 1.14 -29.22
C ASN B 158 -12.21 2.16 -29.31
N THR B 159 -13.34 1.86 -28.66
CA THR B 159 -14.44 2.81 -28.58
C THR B 159 -15.11 2.67 -27.22
N GLY B 160 -16.04 3.58 -26.95
CA GLY B 160 -16.87 3.53 -25.76
C GLY B 160 -18.18 4.26 -26.02
N SER B 161 -19.14 4.06 -25.11
CA SER B 161 -20.46 4.69 -25.23
C SER B 161 -21.13 4.41 -26.57
N SER B 162 -20.82 3.25 -27.15
CA SER B 162 -21.44 2.76 -28.39
C SER B 162 -21.19 3.64 -29.60
N VAL B 163 -20.16 4.49 -29.55
CA VAL B 163 -19.84 5.38 -30.67
C VAL B 163 -19.19 4.58 -31.79
N GLY B 164 -19.72 4.73 -33.01
CA GLY B 164 -19.20 4.04 -34.16
C GLY B 164 -19.65 2.60 -34.30
N ILE B 165 -20.54 2.14 -33.46
CA ILE B 165 -21.01 0.76 -33.49
C ILE B 165 -22.28 0.70 -34.34
N SER B 166 -22.41 -0.39 -35.11
CA SER B 166 -23.57 -0.62 -35.95
C SER B 166 -24.03 -2.06 -35.77
N ARG B 167 -25.33 -2.24 -35.55
CA ARG B 167 -25.95 -3.54 -35.74
C ARG B 167 -26.14 -3.72 -37.24
N VAL B 168 -25.50 -4.75 -37.81
CA VAL B 168 -25.52 -5.02 -39.24
C VAL B 168 -26.34 -6.28 -39.46
N GLU B 169 -27.44 -6.14 -40.22
CA GLU B 169 -28.30 -7.27 -40.51
C GLU B 169 -28.09 -7.86 -41.89
N ARG B 170 -27.65 -7.06 -42.85
CA ARG B 170 -27.30 -7.55 -44.18
C ARG B 170 -25.78 -7.60 -44.30
N PHE B 171 -25.26 -8.70 -44.87
CA PHE B 171 -23.87 -8.70 -45.30
C PHE B 171 -23.59 -7.50 -46.20
N GLN B 172 -24.61 -7.01 -46.90
CA GLN B 172 -24.43 -5.90 -47.83
C GLN B 172 -24.18 -4.59 -47.09
N ASP B 173 -24.64 -4.47 -45.85
CA ASP B 173 -24.41 -3.28 -45.05
C ASP B 173 -23.10 -3.32 -44.28
N LEU B 174 -22.30 -4.36 -44.46
CA LEU B 174 -21.06 -4.48 -43.69
C LEU B 174 -20.02 -3.47 -44.14
N GLU B 175 -19.97 -3.14 -45.43
CA GLU B 175 -18.95 -2.21 -45.91
C GLU B 175 -19.15 -0.82 -45.34
N ALA B 176 -20.39 -0.33 -45.30
CA ALA B 176 -20.65 0.97 -44.70
C ALA B 176 -20.37 0.95 -43.20
N ALA B 177 -20.69 -0.16 -42.53
CA ALA B 177 -20.46 -0.27 -41.09
C ALA B 177 -18.98 -0.22 -40.76
N LEU B 178 -18.13 -0.86 -41.57
CA LEU B 178 -16.70 -0.80 -41.33
C LEU B 178 -16.15 0.59 -41.62
N ALA B 179 -16.66 1.23 -42.68
CA ALA B 179 -16.25 2.61 -42.97
C ALA B 179 -16.52 3.53 -41.79
N LEU B 180 -17.69 3.39 -41.16
CA LEU B 180 -17.99 4.19 -39.98
C LEU B 180 -17.05 3.83 -38.82
N ALA B 181 -16.79 2.53 -38.63
CA ALA B 181 -15.87 2.11 -37.56
C ALA B 181 -14.48 2.69 -37.77
N PHE B 182 -14.01 2.75 -39.02
CA PHE B 182 -12.66 3.21 -39.32
C PHE B 182 -12.49 4.71 -39.18
N ARG B 183 -13.58 5.45 -39.00
CA ARG B 183 -13.45 6.87 -38.69
C ARG B 183 -12.97 7.11 -37.26
N TYR B 184 -12.92 6.06 -36.43
CA TYR B 184 -12.54 6.17 -35.03
C TYR B 184 -11.32 5.34 -34.65
N ASP B 185 -10.91 4.38 -35.47
CA ASP B 185 -9.80 3.49 -35.14
C ASP B 185 -9.29 2.87 -36.42
N GLU B 186 -8.03 2.46 -36.39
CA GLU B 186 -7.41 1.79 -37.54
C GLU B 186 -7.71 0.29 -37.56
N LYS B 187 -8.33 -0.23 -36.51
CA LYS B 187 -8.71 -1.64 -36.43
C LYS B 187 -10.17 -1.69 -35.99
N ALA B 188 -10.93 -2.62 -36.57
CA ALA B 188 -12.32 -2.82 -36.19
C ALA B 188 -12.53 -4.28 -35.83
N VAL B 189 -13.63 -4.55 -35.12
CA VAL B 189 -14.05 -5.91 -34.83
C VAL B 189 -15.45 -6.11 -35.40
N VAL B 190 -15.67 -7.29 -35.98
CA VAL B 190 -16.98 -7.75 -36.38
C VAL B 190 -17.35 -8.91 -35.46
N GLU B 191 -18.43 -8.76 -34.69
CA GLU B 191 -18.88 -9.77 -33.76
C GLU B 191 -20.20 -10.37 -34.23
N LYS B 192 -20.41 -11.65 -33.89
CA LYS B 192 -21.72 -12.25 -34.08
C LYS B 192 -22.70 -11.60 -33.11
N ALA B 193 -23.79 -11.06 -33.65
CA ALA B 193 -24.81 -10.43 -32.82
C ALA B 193 -25.65 -11.49 -32.12
N LEU B 194 -25.83 -11.33 -30.81
CA LEU B 194 -26.74 -12.18 -30.04
C LEU B 194 -28.11 -11.51 -30.01
N SER B 195 -29.15 -12.28 -30.35
CA SER B 195 -30.50 -11.76 -30.38
C SER B 195 -31.49 -12.90 -30.21
N PRO B 196 -32.36 -12.85 -29.20
CA PRO B 196 -32.41 -11.78 -28.19
C PRO B 196 -31.25 -11.89 -27.22
N VAL B 197 -31.02 -10.83 -26.44
CA VAL B 197 -29.91 -10.82 -25.50
C VAL B 197 -30.29 -9.98 -24.31
N ARG B 198 -29.83 -10.38 -23.14
CA ARG B 198 -29.91 -9.59 -21.93
C ARG B 198 -28.52 -9.06 -21.59
N GLU B 199 -28.43 -7.81 -21.20
CA GLU B 199 -27.16 -7.17 -20.88
C GLU B 199 -27.02 -7.08 -19.37
N LEU B 200 -25.96 -7.68 -18.84
CA LEU B 200 -25.67 -7.70 -17.43
C LEU B 200 -24.36 -6.98 -17.18
N GLU B 201 -24.28 -6.23 -16.08
CA GLU B 201 -23.08 -5.48 -15.76
C GLU B 201 -22.79 -5.68 -14.27
N VAL B 202 -21.50 -5.80 -13.93
CA VAL B 202 -21.10 -6.02 -12.55
C VAL B 202 -19.87 -5.15 -12.28
N GLY B 203 -19.86 -4.52 -11.11
CA GLY B 203 -18.75 -3.64 -10.74
C GLY B 203 -17.72 -4.41 -9.94
N VAL B 204 -16.45 -4.09 -10.19
CA VAL B 204 -15.35 -4.64 -9.41
C VAL B 204 -14.58 -3.49 -8.78
N LEU B 205 -14.09 -3.72 -7.57
CA LEU B 205 -13.34 -2.72 -6.83
C LEU B 205 -12.15 -3.41 -6.17
N GLY B 206 -10.95 -2.85 -6.38
CA GLY B 206 -9.77 -3.42 -5.76
C GLY B 206 -8.57 -3.51 -6.69
N ASN B 207 -7.42 -3.91 -6.15
CA ASN B 207 -6.16 -3.99 -6.89
C ASN B 207 -5.85 -5.45 -7.18
N VAL B 208 -6.10 -5.87 -8.44
CA VAL B 208 -5.88 -7.20 -8.98
C VAL B 208 -6.90 -8.19 -8.42
N PHE B 209 -6.92 -8.33 -7.10
CA PHE B 209 -7.86 -9.22 -6.42
C PHE B 209 -9.08 -8.37 -6.03
N GLY B 210 -10.16 -8.52 -6.79
CA GLY B 210 -11.27 -7.60 -6.66
C GLY B 210 -12.39 -8.10 -5.77
N GLU B 211 -13.24 -7.15 -5.40
CA GLU B 211 -14.51 -7.40 -4.76
C GLU B 211 -15.62 -7.05 -5.74
N ALA B 212 -16.55 -7.97 -5.96
CA ALA B 212 -17.62 -7.76 -6.95
C ALA B 212 -18.86 -7.18 -6.31
N SER B 213 -19.49 -6.23 -7.00
CA SER B 213 -20.77 -5.64 -6.61
C SER B 213 -21.90 -6.61 -6.94
N PRO B 214 -23.14 -6.27 -6.56
CA PRO B 214 -24.29 -6.99 -7.13
C PRO B 214 -24.33 -6.80 -8.63
N VAL B 215 -25.01 -7.73 -9.30
CA VAL B 215 -25.14 -7.71 -10.75
C VAL B 215 -26.34 -6.86 -11.13
N GLY B 216 -26.15 -5.96 -12.10
CA GLY B 216 -27.25 -5.17 -12.61
C GLY B 216 -27.63 -5.55 -14.02
N GLU B 217 -28.83 -5.16 -14.45
CA GLU B 217 -29.28 -5.46 -15.81
C GLU B 217 -29.74 -4.17 -16.47
N VAL B 218 -29.44 -4.06 -17.76
CA VAL B 218 -29.86 -2.93 -18.59
C VAL B 218 -31.05 -3.37 -19.42
N ARG B 219 -32.18 -2.69 -19.27
CA ARG B 219 -33.35 -2.93 -20.09
C ARG B 219 -33.64 -1.68 -20.90
N TYR B 220 -33.94 -1.87 -22.19
CA TYR B 220 -34.17 -0.76 -23.09
C TYR B 220 -35.06 -1.24 -24.24
N GLU B 221 -35.43 -0.30 -25.10
CA GLU B 221 -36.29 -0.58 -26.24
C GLU B 221 -35.56 -0.56 -27.57
N ALA B 222 -34.53 0.28 -27.71
CA ALA B 222 -33.75 0.52 -28.92
C ALA B 222 -33.20 -0.78 -29.50
N PRO B 223 -32.73 -0.76 -30.75
CA PRO B 223 -32.15 -2.00 -31.31
C PRO B 223 -30.89 -2.45 -30.59
N PHE B 224 -30.17 -1.53 -29.95
CA PHE B 224 -29.13 -1.91 -29.00
C PHE B 224 -28.91 -0.77 -28.02
N TYR B 225 -28.13 -1.04 -26.99
CA TYR B 225 -27.73 -0.07 -25.98
C TYR B 225 -26.85 0.99 -26.64
N ASP B 226 -27.45 1.87 -27.45
CA ASP B 226 -26.69 2.87 -28.19
C ASP B 226 -26.46 4.11 -27.35
N TYR B 227 -25.74 5.08 -27.93
CA TYR B 227 -25.37 6.30 -27.21
C TYR B 227 -26.61 7.04 -26.70
N GLU B 228 -27.62 7.21 -27.56
CA GLU B 228 -28.84 7.90 -27.14
C GLU B 228 -29.53 7.17 -25.99
N THR B 229 -29.56 5.83 -26.04
CA THR B 229 -30.22 5.08 -24.97
C THR B 229 -29.39 5.12 -23.69
N LYS B 230 -28.08 5.26 -23.80
CA LYS B 230 -27.23 5.23 -22.61
C LYS B 230 -27.37 6.50 -21.77
N TYR B 231 -27.53 7.66 -22.41
CA TYR B 231 -27.38 8.93 -21.71
C TYR B 231 -28.61 9.83 -21.75
N THR B 232 -29.67 9.43 -22.43
CA THR B 232 -30.93 10.18 -22.39
C THR B 232 -31.75 9.71 -21.20
N PRO B 233 -32.09 10.61 -20.26
CA PRO B 233 -32.84 10.16 -19.07
C PRO B 233 -34.14 9.47 -19.44
N GLY B 234 -34.35 8.30 -18.84
CA GLY B 234 -35.58 7.55 -19.03
C GLY B 234 -35.56 6.54 -20.15
N ARG B 235 -34.53 6.55 -21.01
CA ARG B 235 -34.49 5.63 -22.14
C ARG B 235 -33.99 4.25 -21.75
N ALA B 236 -33.22 4.15 -20.67
CA ALA B 236 -32.74 2.87 -20.17
C ALA B 236 -33.25 2.68 -18.75
N GLU B 237 -33.61 1.45 -18.43
CA GLU B 237 -33.97 1.07 -17.06
C GLU B 237 -32.86 0.20 -16.51
N LEU B 238 -32.27 0.63 -15.40
CA LEU B 238 -31.24 -0.14 -14.72
C LEU B 238 -31.89 -0.97 -13.62
N LEU B 239 -31.84 -2.29 -13.76
CA LEU B 239 -32.42 -3.20 -12.78
C LEU B 239 -31.33 -3.63 -11.82
N ILE B 240 -31.43 -3.18 -10.57
CA ILE B 240 -30.41 -3.45 -9.56
C ILE B 240 -31.08 -3.98 -8.29
N PRO B 241 -30.78 -5.21 -7.85
CA PRO B 241 -29.97 -6.16 -8.64
C PRO B 241 -30.74 -6.73 -9.82
N ALA B 242 -30.04 -7.35 -10.76
CA ALA B 242 -30.69 -7.90 -11.94
C ALA B 242 -31.65 -9.01 -11.53
N PRO B 243 -32.73 -9.20 -12.28
CA PRO B 243 -33.62 -10.37 -12.10
C PRO B 243 -33.00 -11.60 -12.75
N LEU B 244 -32.05 -12.20 -12.04
CA LEU B 244 -31.15 -13.21 -12.60
C LEU B 244 -31.19 -14.46 -11.74
N ASP B 245 -31.28 -15.62 -12.40
CA ASP B 245 -31.28 -16.89 -11.71
C ASP B 245 -29.98 -17.08 -10.91
N PRO B 246 -30.05 -17.78 -9.77
CA PRO B 246 -28.92 -17.78 -8.83
C PRO B 246 -27.61 -18.29 -9.41
N GLY B 247 -27.66 -19.34 -10.23
CA GLY B 247 -26.41 -19.89 -10.77
C GLY B 247 -25.73 -18.96 -11.75
N THR B 248 -26.51 -18.26 -12.57
CA THR B 248 -25.94 -17.30 -13.52
C THR B 248 -25.36 -16.09 -12.79
N GLN B 249 -26.07 -15.60 -11.78
CA GLN B 249 -25.56 -14.51 -10.96
C GLN B 249 -24.21 -14.87 -10.36
N GLU B 250 -24.07 -16.09 -9.86
CA GLU B 250 -22.80 -16.53 -9.29
C GLU B 250 -21.72 -16.57 -10.36
N THR B 251 -22.06 -17.04 -11.56
CA THR B 251 -21.07 -17.17 -12.61
C THR B 251 -20.62 -15.81 -13.14
N VAL B 252 -21.54 -14.85 -13.24
CA VAL B 252 -21.14 -13.50 -13.62
C VAL B 252 -20.06 -12.97 -12.69
N GLN B 253 -20.26 -13.13 -11.38
CA GLN B 253 -19.31 -12.58 -10.42
C GLN B 253 -17.98 -13.31 -10.47
N GLU B 254 -18.01 -14.64 -10.66
CA GLU B 254 -16.77 -15.39 -10.75
C GLU B 254 -15.99 -15.04 -12.01
N LEU B 255 -16.70 -14.86 -13.12
CA LEU B 255 -16.02 -14.55 -14.38
C LEU B 255 -15.46 -13.14 -14.36
N ALA B 256 -16.19 -12.19 -13.77
CA ALA B 256 -15.69 -10.82 -13.71
C ALA B 256 -14.41 -10.74 -12.89
N LEU B 257 -14.39 -11.42 -11.75
CA LEU B 257 -13.22 -11.39 -10.89
C LEU B 257 -12.03 -12.09 -11.56
N LYS B 258 -12.30 -13.16 -12.32
CA LYS B 258 -11.21 -13.87 -12.99
C LYS B 258 -10.61 -13.01 -14.10
N ALA B 259 -11.46 -12.42 -14.94
CA ALA B 259 -10.99 -11.50 -15.97
C ALA B 259 -10.17 -10.36 -15.37
N TYR B 260 -10.70 -9.76 -14.29
CA TYR B 260 -10.03 -8.66 -13.61
C TYR B 260 -8.62 -9.06 -13.17
N LYS B 261 -8.48 -10.26 -12.61
CA LYS B 261 -7.20 -10.71 -12.12
C LYS B 261 -6.25 -11.02 -13.26
N VAL B 262 -6.75 -11.69 -14.30
CA VAL B 262 -5.90 -12.07 -15.43
C VAL B 262 -5.32 -10.84 -16.12
N LEU B 263 -6.13 -9.82 -16.30
CA LEU B 263 -5.66 -8.58 -16.92
C LEU B 263 -4.92 -7.67 -15.97
N GLY B 264 -4.81 -8.02 -14.70
CA GLY B 264 -4.09 -7.19 -13.74
C GLY B 264 -4.71 -5.82 -13.50
N VAL B 265 -6.05 -5.73 -13.53
CA VAL B 265 -6.71 -4.45 -13.37
C VAL B 265 -6.51 -3.95 -11.94
N ARG B 266 -6.36 -2.63 -11.80
CA ARG B 266 -6.26 -2.00 -10.50
C ARG B 266 -7.33 -0.93 -10.38
N GLY B 267 -7.71 -0.63 -9.14
CA GLY B 267 -8.72 0.36 -8.88
C GLY B 267 -10.12 -0.19 -9.11
N MET B 268 -10.59 -0.17 -10.35
CA MET B 268 -11.99 -0.51 -10.60
C MET B 268 -12.16 -0.95 -12.04
N ALA B 269 -13.30 -1.60 -12.29
CA ALA B 269 -13.78 -1.86 -13.64
C ALA B 269 -15.26 -2.18 -13.57
N ARG B 270 -15.99 -1.86 -14.63
CA ARG B 270 -17.32 -2.42 -14.81
C ARG B 270 -17.21 -3.50 -15.87
N VAL B 271 -17.58 -4.74 -15.51
CA VAL B 271 -17.46 -5.89 -16.41
C VAL B 271 -18.84 -6.20 -16.95
N ASP B 272 -18.99 -6.13 -18.28
CA ASP B 272 -20.27 -6.23 -18.93
C ASP B 272 -20.40 -7.58 -19.64
N PHE B 273 -21.59 -8.18 -19.55
CA PHE B 273 -21.83 -9.51 -20.08
C PHE B 273 -23.09 -9.53 -20.94
N PHE B 274 -23.14 -10.50 -21.84
CA PHE B 274 -24.34 -10.87 -22.57
C PHE B 274 -24.88 -12.19 -22.05
N LEU B 275 -26.20 -12.32 -22.00
CA LEU B 275 -26.88 -13.56 -21.67
C LEU B 275 -27.86 -13.86 -22.80
N ALA B 276 -27.64 -14.97 -23.51
CA ALA B 276 -28.48 -15.34 -24.64
C ALA B 276 -28.67 -16.84 -24.65
N GLU B 277 -29.93 -17.29 -24.64
CA GLU B 277 -30.30 -18.70 -24.61
C GLU B 277 -29.58 -19.43 -23.47
N GLY B 278 -29.47 -18.74 -22.33
CA GLY B 278 -28.85 -19.31 -21.15
C GLY B 278 -27.35 -19.36 -21.15
N GLU B 279 -26.69 -18.84 -22.19
CA GLU B 279 -25.23 -18.81 -22.24
C GLU B 279 -24.72 -17.41 -21.91
N LEU B 280 -23.71 -17.35 -21.04
CA LEU B 280 -23.04 -16.11 -20.70
C LEU B 280 -21.87 -15.86 -21.66
N TYR B 281 -21.67 -14.58 -22.00
CA TYR B 281 -20.51 -14.14 -22.76
C TYR B 281 -20.02 -12.85 -22.15
N LEU B 282 -18.72 -12.75 -21.90
CA LEU B 282 -18.16 -11.50 -21.41
C LEU B 282 -18.00 -10.55 -22.59
N ASN B 283 -18.69 -9.41 -22.51
CA ASN B 283 -18.65 -8.43 -23.60
C ASN B 283 -17.39 -7.57 -23.53
N GLU B 284 -17.19 -6.85 -22.42
CA GLU B 284 -16.02 -6.01 -22.29
C GLU B 284 -15.81 -5.64 -20.83
N LEU B 285 -14.59 -5.21 -20.52
CA LEU B 285 -14.31 -4.48 -19.30
C LEU B 285 -14.15 -3.00 -19.62
N ASN B 286 -14.60 -2.14 -18.71
CA ASN B 286 -14.41 -0.70 -18.81
C ASN B 286 -13.72 -0.24 -17.54
N THR B 287 -12.50 0.29 -17.66
CA THR B 287 -11.71 0.62 -16.47
C THR B 287 -12.03 1.99 -15.90
N ILE B 288 -12.56 2.92 -16.70
CA ILE B 288 -13.09 4.17 -16.16
C ILE B 288 -14.56 4.19 -16.54
N PRO B 289 -15.41 3.46 -15.83
CA PRO B 289 -16.84 3.47 -16.17
C PRO B 289 -17.43 4.84 -15.90
N GLY B 290 -18.55 5.12 -16.55
CA GLY B 290 -19.21 6.40 -16.37
C GLY B 290 -19.75 6.56 -14.97
N PHE B 291 -19.81 7.82 -14.54
CA PHE B 291 -20.46 8.21 -13.30
C PHE B 291 -21.56 9.23 -13.56
N THR B 292 -22.22 9.13 -14.71
CA THR B 292 -23.29 10.04 -15.09
C THR B 292 -24.54 9.71 -14.30
N PRO B 293 -25.60 10.53 -14.40
CA PRO B 293 -26.86 10.18 -13.73
C PRO B 293 -27.56 8.94 -14.28
N THR B 294 -27.17 8.44 -15.46
CA THR B 294 -27.72 7.19 -16.00
C THR B 294 -26.71 6.05 -15.97
N SER B 295 -25.67 6.17 -15.13
CA SER B 295 -24.57 5.22 -15.14
C SER B 295 -24.77 4.13 -14.09
N MET B 296 -24.29 2.93 -14.43
CA MET B 296 -24.55 1.73 -13.64
C MET B 296 -23.54 1.56 -12.49
N TYR B 297 -22.26 1.90 -12.70
CA TYR B 297 -21.22 1.49 -11.75
C TYR B 297 -21.43 2.03 -10.35
N PRO B 298 -21.58 3.33 -10.10
CA PRO B 298 -21.79 3.76 -8.71
C PRO B 298 -23.07 3.20 -8.12
N ARG B 299 -24.13 3.07 -8.92
CA ARG B 299 -25.37 2.50 -8.41
C ARG B 299 -25.19 1.06 -7.95
N LEU B 300 -24.35 0.30 -8.67
CA LEU B 300 -24.13 -1.09 -8.31
C LEU B 300 -23.50 -1.21 -6.93
N PHE B 301 -22.49 -0.40 -6.66
CA PHE B 301 -21.85 -0.50 -5.36
C PHE B 301 -22.67 0.14 -4.26
N GLU B 302 -23.45 1.20 -4.56
CA GLU B 302 -24.38 1.72 -3.56
C GLU B 302 -25.35 0.64 -3.10
N ALA B 303 -25.87 -0.16 -4.03
CA ALA B 303 -26.76 -1.25 -3.66
C ALA B 303 -26.05 -2.35 -2.89
N GLY B 304 -24.75 -2.51 -3.12
CA GLY B 304 -23.97 -3.52 -2.42
C GLY B 304 -23.40 -3.06 -1.10
N GLY B 305 -23.86 -1.94 -0.57
CA GLY B 305 -23.41 -1.48 0.73
C GLY B 305 -22.18 -0.61 0.71
N VAL B 306 -21.79 -0.09 -0.45
CA VAL B 306 -20.63 0.80 -0.57
C VAL B 306 -21.17 2.14 -1.05
N ALA B 307 -21.35 3.08 -0.13
CA ALA B 307 -21.95 4.36 -0.47
C ALA B 307 -21.06 5.13 -1.45
N TYR B 308 -21.69 6.02 -2.21
CA TYR B 308 -20.98 6.77 -3.25
C TYR B 308 -19.76 7.51 -2.71
N PRO B 309 -19.80 8.22 -1.58
CA PRO B 309 -18.55 8.80 -1.06
C PRO B 309 -17.57 7.74 -0.58
N GLU B 310 -18.05 6.62 -0.06
CA GLU B 310 -17.16 5.53 0.35
C GLU B 310 -16.49 4.90 -0.85
N LEU B 311 -17.21 4.78 -1.96
CA LEU B 311 -16.64 4.21 -3.17
C LEU B 311 -15.47 5.06 -3.66
N LEU B 312 -15.66 6.37 -3.71
CA LEU B 312 -14.59 7.26 -4.16
C LEU B 312 -13.44 7.31 -3.16
N ARG B 313 -13.74 7.20 -1.87
CA ARG B 313 -12.68 7.08 -0.88
C ARG B 313 -11.84 5.84 -1.11
N ARG B 314 -12.50 4.69 -1.33
CA ARG B 314 -11.76 3.46 -1.59
C ARG B 314 -10.90 3.57 -2.86
N LEU B 315 -11.45 4.17 -3.92
CA LEU B 315 -10.67 4.34 -5.13
C LEU B 315 -9.41 5.17 -4.88
N VAL B 316 -9.56 6.29 -4.17
CA VAL B 316 -8.41 7.13 -3.85
C VAL B 316 -7.44 6.38 -2.94
N GLU B 317 -7.96 5.60 -1.99
CA GLU B 317 -7.08 4.87 -1.09
C GLU B 317 -6.40 3.69 -1.77
N LEU B 318 -7.06 3.07 -2.75
CA LEU B 318 -6.40 2.03 -3.53
C LEU B 318 -5.28 2.61 -4.38
N ALA B 319 -5.44 3.86 -4.83
CA ALA B 319 -4.38 4.53 -5.58
C ALA B 319 -3.16 4.77 -4.71
N LEU B 320 -3.38 5.26 -3.48
CA LEU B 320 -2.28 5.51 -2.56
C LEU B 320 -1.60 4.22 -2.14
N THR B 321 -2.38 3.17 -1.92
CA THR B 321 -1.84 1.91 -1.44
C THR B 321 -0.94 1.24 -2.47
N HIS B 322 -1.37 1.21 -3.74
CA HIS B 322 -0.55 0.62 -4.78
C HIS B 322 0.77 1.38 -4.94
N HIS B 323 0.68 2.70 -5.02
CA HIS B 323 1.87 3.54 -5.16
C HIS B 323 2.78 3.47 -3.93
N HIS B 324 2.30 2.90 -2.83
CA HIS B 324 3.01 2.83 -1.55
C HIS B 324 3.34 4.24 -1.04
N MET C 3 -14.39 15.62 45.68
CA MET C 3 -13.71 14.75 44.72
C MET C 3 -14.41 14.75 43.36
N ARG C 4 -13.87 15.47 42.40
CA ARG C 4 -14.56 15.72 41.14
C ARG C 4 -13.97 14.90 40.01
N VAL C 5 -14.86 14.31 39.20
CA VAL C 5 -14.50 13.45 38.08
C VAL C 5 -14.91 14.14 36.79
N LEU C 6 -14.06 14.05 35.77
CA LEU C 6 -14.43 14.46 34.43
C LEU C 6 -14.62 13.20 33.60
N LEU C 7 -15.86 12.97 33.16
CA LEU C 7 -16.18 11.83 32.32
C LEU C 7 -16.13 12.28 30.86
N ILE C 8 -15.34 11.57 30.04
CA ILE C 8 -15.22 11.89 28.62
C ILE C 8 -15.83 10.74 27.83
N ALA C 9 -16.70 11.07 26.88
CA ALA C 9 -17.43 10.04 26.15
C ALA C 9 -17.73 10.54 24.74
N GLY C 10 -18.14 9.60 23.89
CA GLY C 10 -18.35 9.90 22.49
C GLY C 10 -17.16 9.40 21.67
N GLY C 11 -16.39 10.33 21.11
CA GLY C 11 -15.19 9.98 20.38
C GLY C 11 -15.45 9.81 18.89
N VAL C 12 -14.34 9.78 18.13
CA VAL C 12 -14.46 9.65 16.68
C VAL C 12 -14.57 8.20 16.22
N SER C 13 -14.44 7.23 17.13
CA SER C 13 -14.39 5.83 16.76
C SER C 13 -15.75 5.32 16.29
N PRO C 14 -15.78 4.16 15.62
CA PRO C 14 -17.06 3.55 15.27
C PRO C 14 -17.91 3.16 16.46
N GLU C 15 -17.35 3.15 17.67
CA GLU C 15 -18.11 2.84 18.87
C GLU C 15 -18.63 4.10 19.57
N HIS C 16 -18.66 5.24 18.86
CA HIS C 16 -19.14 6.50 19.44
C HIS C 16 -20.49 6.35 20.13
N GLU C 17 -21.45 5.73 19.45
CA GLU C 17 -22.80 5.58 20.00
C GLU C 17 -22.82 4.67 21.23
N VAL C 18 -21.98 3.63 21.22
CA VAL C 18 -21.87 2.75 22.38
C VAL C 18 -21.31 3.51 23.58
N SER C 19 -20.38 4.43 23.32
CA SER C 19 -19.79 5.22 24.40
C SER C 19 -20.82 6.12 25.07
N LEU C 20 -21.68 6.76 24.27
CA LEU C 20 -22.76 7.56 24.85
C LEU C 20 -23.65 6.71 25.72
N LEU C 21 -23.97 5.48 25.28
CA LEU C 21 -24.76 4.60 26.12
C LEU C 21 -24.02 4.25 27.41
N SER C 22 -22.71 4.01 27.32
CA SER C 22 -21.92 3.74 28.51
C SER C 22 -21.94 4.93 29.46
N ALA C 23 -21.85 6.15 28.93
CA ALA C 23 -21.84 7.34 29.79
C ALA C 23 -23.13 7.43 30.58
N GLU C 24 -24.28 7.13 29.94
CA GLU C 24 -25.54 7.13 30.66
C GLU C 24 -25.50 6.18 31.84
N GLY C 25 -24.94 4.98 31.64
CA GLY C 25 -24.90 4.00 32.72
C GLY C 25 -24.00 4.45 33.87
N VAL C 26 -22.82 4.99 33.56
CA VAL C 26 -21.91 5.39 34.61
C VAL C 26 -22.45 6.60 35.35
N LEU C 27 -23.04 7.56 34.64
CA LEU C 27 -23.52 8.78 35.28
C LEU C 27 -24.66 8.46 36.25
N ARG C 28 -25.43 7.42 35.97
CA ARG C 28 -26.53 7.05 36.85
C ARG C 28 -26.02 6.55 38.21
N HIS C 29 -24.83 5.95 38.25
CA HIS C 29 -24.37 5.30 39.46
C HIS C 29 -23.12 5.89 40.07
N ILE C 30 -22.41 6.78 39.38
CA ILE C 30 -21.09 7.19 39.88
C ILE C 30 -21.25 8.00 41.17
N PRO C 31 -20.55 7.65 42.25
CA PRO C 31 -20.79 8.30 43.53
C PRO C 31 -19.97 9.56 43.79
N PHE C 32 -19.54 10.24 42.73
CA PHE C 32 -18.76 11.46 42.83
C PHE C 32 -19.39 12.54 41.97
N PRO C 33 -19.25 13.81 42.33
CA PRO C 33 -19.58 14.87 41.39
C PRO C 33 -18.81 14.64 40.10
N THR C 34 -19.53 14.59 38.98
CA THR C 34 -18.95 14.21 37.71
C THR C 34 -19.44 15.17 36.63
N ASP C 35 -18.49 15.81 35.94
CA ASP C 35 -18.81 16.61 34.77
C ASP C 35 -18.58 15.78 33.51
N LEU C 36 -19.30 16.13 32.46
CA LEU C 36 -19.29 15.36 31.23
C LEU C 36 -18.69 16.19 30.10
N ALA C 37 -17.74 15.61 29.39
CA ALA C 37 -17.26 16.15 28.13
C ALA C 37 -17.53 15.14 27.05
N VAL C 38 -18.03 15.61 25.91
CA VAL C 38 -18.37 14.74 24.78
C VAL C 38 -17.49 15.15 23.60
N ILE C 39 -16.73 14.19 23.08
CA ILE C 39 -16.04 14.36 21.80
C ILE C 39 -17.01 13.98 20.70
N ALA C 40 -17.31 14.91 19.82
CA ALA C 40 -18.19 14.63 18.69
C ALA C 40 -17.43 13.86 17.61
N GLN C 41 -18.20 13.30 16.67
CA GLN C 41 -17.59 12.44 15.66
C GLN C 41 -16.63 13.18 14.74
N ASP C 42 -16.69 14.51 14.72
CA ASP C 42 -15.72 15.29 13.95
C ASP C 42 -14.49 15.67 14.76
N GLY C 43 -14.39 15.21 16.02
CA GLY C 43 -13.21 15.43 16.81
C GLY C 43 -13.23 16.69 17.65
N ARG C 44 -14.25 17.53 17.51
CA ARG C 44 -14.39 18.70 18.36
C ARG C 44 -15.22 18.35 19.59
N TRP C 45 -14.99 19.12 20.65
CA TRP C 45 -15.50 18.79 21.98
C TRP C 45 -16.74 19.61 22.33
N LEU C 46 -17.62 18.99 23.10
CA LEU C 46 -18.79 19.62 23.69
C LEU C 46 -18.67 19.57 25.20
N LEU C 47 -18.87 20.72 25.85
CA LEU C 47 -18.70 20.85 27.29
C LEU C 47 -19.99 21.35 27.92
N GLY C 48 -20.06 21.23 29.25
CA GLY C 48 -21.14 21.86 30.00
C GLY C 48 -22.52 21.40 29.56
N GLU C 49 -23.43 22.37 29.37
CA GLU C 49 -24.81 22.05 29.05
C GLU C 49 -24.94 21.37 27.70
N LYS C 50 -24.10 21.75 26.72
CA LYS C 50 -24.17 21.16 25.39
C LYS C 50 -23.77 19.68 25.41
N ALA C 51 -22.87 19.28 26.31
CA ALA C 51 -22.52 17.88 26.41
C ALA C 51 -23.70 17.07 26.94
N LEU C 52 -24.39 17.62 27.94
CA LEU C 52 -25.55 16.93 28.52
C LEU C 52 -26.68 16.82 27.52
N THR C 53 -26.92 17.88 26.75
CA THR C 53 -27.96 17.83 25.73
C THR C 53 -27.62 16.79 24.67
N ALA C 54 -26.36 16.73 24.25
CA ALA C 54 -25.93 15.73 23.28
C ALA C 54 -26.09 14.31 23.82
N LEU C 55 -25.82 14.13 25.11
CA LEU C 55 -26.04 12.80 25.72
C LEU C 55 -27.52 12.47 25.77
N GLU C 56 -28.37 13.45 26.13
CA GLU C 56 -29.81 13.22 26.13
C GLU C 56 -30.35 12.99 24.73
N ALA C 57 -29.78 13.64 23.72
CA ALA C 57 -30.16 13.38 22.34
C ALA C 57 -29.49 12.14 21.77
N LYS C 58 -28.58 11.51 22.52
CA LYS C 58 -27.79 10.39 22.02
C LYS C 58 -27.18 10.72 20.66
N ALA C 59 -26.80 11.97 20.49
CA ALA C 59 -26.38 12.49 19.19
C ALA C 59 -25.39 13.63 19.40
N ALA C 60 -24.17 13.43 18.94
CA ALA C 60 -23.14 14.47 18.95
C ALA C 60 -22.53 14.56 17.56
N PRO C 61 -23.30 15.04 16.58
CA PRO C 61 -22.80 15.08 15.20
C PRO C 61 -21.63 16.03 15.04
N GLU C 62 -21.83 17.28 15.46
CA GLU C 62 -20.82 18.33 15.34
C GLU C 62 -20.44 18.80 16.74
N GLY C 63 -19.13 18.93 16.97
CA GLY C 63 -18.65 19.50 18.21
C GLY C 63 -18.49 21.00 18.12
N GLU C 64 -18.20 21.61 19.26
CA GLU C 64 -18.00 23.04 19.32
C GLU C 64 -16.54 23.44 19.44
N HIS C 65 -15.77 22.72 20.26
CA HIS C 65 -14.44 23.15 20.64
C HIS C 65 -13.38 22.29 19.96
N PRO C 66 -12.49 22.88 19.18
CA PRO C 66 -11.31 22.13 18.72
C PRO C 66 -10.45 21.71 19.89
N PHE C 67 -9.77 20.58 19.72
CA PHE C 67 -8.87 20.10 20.75
C PHE C 67 -7.59 20.93 20.74
N PRO C 68 -7.01 21.22 21.93
CA PRO C 68 -7.49 20.84 23.26
C PRO C 68 -8.62 21.74 23.74
N PRO C 69 -9.53 21.18 24.52
CA PRO C 69 -10.75 21.91 24.87
C PRO C 69 -10.47 23.03 25.86
N PRO C 70 -11.30 24.08 25.86
CA PRO C 70 -11.18 25.18 26.85
C PRO C 70 -11.77 24.76 28.18
N LEU C 71 -10.99 24.00 28.93
CA LEU C 71 -11.42 23.39 30.18
C LEU C 71 -10.25 23.38 31.15
N SER C 72 -10.53 23.62 32.42
CA SER C 72 -9.51 23.61 33.46
C SER C 72 -9.35 22.19 33.97
N TRP C 73 -8.23 21.56 33.59
CA TRP C 73 -7.97 20.19 34.03
C TRP C 73 -7.69 20.13 35.52
N GLU C 74 -7.13 21.19 36.12
CA GLU C 74 -6.87 21.16 37.56
C GLU C 74 -8.14 21.06 38.38
N ARG C 75 -9.29 21.41 37.81
CA ARG C 75 -10.54 21.31 38.56
C ARG C 75 -10.94 19.86 38.85
N TYR C 76 -10.27 18.88 38.24
CA TYR C 76 -10.67 17.49 38.35
C TYR C 76 -9.60 16.67 39.05
N ASP C 77 -10.06 15.80 39.95
CA ASP C 77 -9.18 14.88 40.65
C ASP C 77 -8.84 13.65 39.81
N VAL C 78 -9.78 13.19 39.00
CA VAL C 78 -9.62 12.00 38.17
C VAL C 78 -10.36 12.23 36.87
N VAL C 79 -9.84 11.69 35.78
CA VAL C 79 -10.50 11.70 34.48
C VAL C 79 -10.90 10.27 34.14
N PHE C 80 -12.17 10.08 33.77
CA PHE C 80 -12.69 8.77 33.37
C PHE C 80 -12.89 8.80 31.86
N PRO C 81 -11.94 8.29 31.06
CA PRO C 81 -12.16 8.24 29.61
C PRO C 81 -12.99 7.05 29.21
N LEU C 82 -14.29 7.28 29.02
CA LEU C 82 -15.24 6.24 28.65
C LEU C 82 -15.42 6.19 27.13
N LEU C 83 -14.27 6.07 26.45
CA LEU C 83 -14.16 6.21 25.01
C LEU C 83 -13.71 4.88 24.42
N HIS C 84 -14.66 4.12 23.88
CA HIS C 84 -14.35 2.81 23.33
C HIS C 84 -13.71 2.94 21.95
N GLY C 85 -12.73 2.10 21.68
CA GLY C 85 -12.19 2.02 20.34
C GLY C 85 -11.11 3.03 20.02
N ARG C 86 -10.96 3.37 18.75
CA ARG C 86 -9.82 4.15 18.30
C ARG C 86 -9.80 5.52 18.98
N PHE C 87 -8.58 5.99 19.24
CA PHE C 87 -8.29 7.28 19.87
C PHE C 87 -8.66 7.33 21.35
N GLY C 88 -9.60 6.51 21.80
CA GLY C 88 -10.09 6.65 23.15
C GLY C 88 -9.64 5.54 24.07
N GLU C 89 -9.54 4.34 23.50
CA GLU C 89 -9.22 3.14 24.25
C GLU C 89 -7.84 2.61 23.90
N ASP C 90 -7.13 3.23 22.97
CA ASP C 90 -5.92 2.66 22.39
C ASP C 90 -4.64 3.36 22.84
N GLY C 91 -4.70 4.17 23.90
CA GLY C 91 -3.54 4.86 24.41
C GLY C 91 -3.48 6.33 24.05
N THR C 92 -4.25 6.75 23.04
CA THR C 92 -4.21 8.12 22.55
C THR C 92 -4.63 9.11 23.63
N VAL C 93 -5.87 8.99 24.14
CA VAL C 93 -6.32 9.88 25.20
C VAL C 93 -5.48 9.66 26.46
N GLN C 94 -5.12 8.41 26.73
CA GLN C 94 -4.28 8.12 27.91
C GLN C 94 -2.97 8.89 27.84
N GLY C 95 -2.39 8.99 26.66
CA GLY C 95 -1.14 9.72 26.51
C GLY C 95 -1.28 11.20 26.82
N PHE C 96 -2.33 11.82 26.27
CA PHE C 96 -2.65 13.20 26.60
C PHE C 96 -2.78 13.40 28.11
N LEU C 97 -3.52 12.51 28.78
CA LEU C 97 -3.74 12.65 30.21
C LEU C 97 -2.47 12.45 31.03
N GLU C 98 -1.54 11.61 30.55
CA GLU C 98 -0.24 11.51 31.22
C GLU C 98 0.47 12.85 31.22
N LEU C 99 0.52 13.52 30.07
CA LEU C 99 1.18 14.82 29.99
C LEU C 99 0.50 15.86 30.87
N LEU C 100 -0.83 15.80 30.98
CA LEU C 100 -1.52 16.69 31.90
C LEU C 100 -1.11 16.43 33.34
N GLY C 101 -0.58 15.24 33.62
CA GLY C 101 -0.29 14.86 34.99
C GLY C 101 -1.50 14.57 35.83
N LYS C 102 -2.61 14.18 35.20
CA LYS C 102 -3.87 13.92 35.91
C LYS C 102 -4.14 12.43 36.01
N PRO C 103 -4.56 11.95 37.19
CA PRO C 103 -4.95 10.53 37.30
C PRO C 103 -6.12 10.21 36.40
N TYR C 104 -6.17 8.98 35.89
CA TYR C 104 -7.27 8.59 35.03
C TYR C 104 -7.58 7.12 35.25
N VAL C 105 -8.83 6.78 34.97
CA VAL C 105 -9.32 5.42 35.16
C VAL C 105 -8.79 4.52 34.05
N GLY C 106 -8.36 3.34 34.42
CA GLY C 106 -8.08 2.30 33.45
C GLY C 106 -6.62 2.23 33.06
N ALA C 107 -6.37 1.46 32.00
CA ALA C 107 -5.02 1.08 31.60
C ALA C 107 -4.23 2.26 31.07
N GLY C 108 -2.91 2.17 31.21
CA GLY C 108 -2.00 3.18 30.71
C GLY C 108 -1.75 3.06 29.21
N VAL C 109 -0.78 3.84 28.73
CA VAL C 109 -0.62 4.02 27.30
C VAL C 109 -0.30 2.70 26.60
N ALA C 110 0.71 1.99 27.12
CA ALA C 110 1.18 0.79 26.43
C ALA C 110 0.18 -0.35 26.54
N ALA C 111 -0.38 -0.55 27.73
CA ALA C 111 -1.40 -1.56 27.92
C ALA C 111 -2.64 -1.29 27.07
N SER C 112 -3.01 -0.01 26.94
CA SER C 112 -4.18 0.33 26.11
C SER C 112 -3.92 0.06 24.64
N ALA C 113 -2.75 0.50 24.13
CA ALA C 113 -2.42 0.26 22.72
C ALA C 113 -2.33 -1.23 22.42
N LEU C 114 -1.73 -1.98 23.35
CA LEU C 114 -1.52 -3.40 23.14
C LEU C 114 -2.83 -4.17 23.13
N CYS C 115 -3.75 -3.84 24.05
CA CYS C 115 -5.01 -4.55 24.13
C CYS C 115 -5.99 -4.14 23.04
N MET C 116 -5.83 -2.96 22.45
CA MET C 116 -6.70 -2.64 21.32
C MET C 116 -6.27 -3.35 20.04
N ASP C 117 -5.00 -3.72 19.94
CA ASP C 117 -4.47 -4.34 18.73
C ASP C 117 -4.59 -5.85 18.86
N LYS C 118 -5.43 -6.44 18.01
CA LYS C 118 -5.67 -7.87 18.11
C LYS C 118 -4.46 -8.68 17.68
N ASP C 119 -3.64 -8.14 16.77
CA ASP C 119 -2.41 -8.84 16.39
C ASP C 119 -1.39 -8.80 17.51
N LEU C 120 -1.03 -7.60 17.96
CA LEU C 120 0.06 -7.45 18.92
C LEU C 120 -0.28 -8.07 20.27
N SER C 121 -1.54 -7.94 20.71
CA SER C 121 -1.94 -8.58 21.96
C SER C 121 -1.80 -10.09 21.86
N LYS C 122 -2.22 -10.65 20.73
CA LYS C 122 -2.10 -12.09 20.55
C LYS C 122 -0.63 -12.52 20.51
N ARG C 123 0.26 -11.69 19.96
CA ARG C 123 1.67 -12.05 19.96
C ARG C 123 2.22 -12.10 21.37
N VAL C 124 1.92 -11.09 22.18
CA VAL C 124 2.40 -11.07 23.56
C VAL C 124 1.81 -12.23 24.36
N LEU C 125 0.49 -12.44 24.23
CA LEU C 125 -0.17 -13.50 25.00
C LEU C 125 0.40 -14.87 24.64
N ALA C 126 0.48 -15.17 23.35
CA ALA C 126 1.07 -16.42 22.92
C ALA C 126 2.49 -16.58 23.43
N GLN C 127 3.29 -15.50 23.38
CA GLN C 127 4.65 -15.58 23.89
C GLN C 127 4.68 -15.96 25.35
N ALA C 128 3.67 -15.55 26.12
CA ALA C 128 3.57 -15.87 27.53
C ALA C 128 2.94 -17.24 27.77
N GLY C 129 2.57 -17.96 26.72
CA GLY C 129 2.00 -19.28 26.86
C GLY C 129 0.50 -19.32 26.98
N VAL C 130 -0.18 -18.22 26.68
CA VAL C 130 -1.64 -18.16 26.76
C VAL C 130 -2.24 -18.68 25.46
N PRO C 131 -3.19 -19.62 25.53
CA PRO C 131 -3.76 -20.17 24.29
C PRO C 131 -4.56 -19.09 23.56
N VAL C 132 -4.32 -18.98 22.25
CA VAL C 132 -5.06 -18.08 21.37
C VAL C 132 -5.35 -18.79 20.07
N VAL C 133 -6.32 -18.25 19.33
CA VAL C 133 -6.74 -18.80 18.04
C VAL C 133 -5.65 -18.57 17.01
N PRO C 134 -5.41 -19.50 16.08
CA PRO C 134 -4.47 -19.25 14.99
C PRO C 134 -4.88 -18.01 14.19
N TRP C 135 -3.89 -17.16 13.87
CA TRP C 135 -4.20 -15.93 13.17
C TRP C 135 -3.00 -15.51 12.35
N VAL C 136 -3.26 -14.60 11.40
CA VAL C 136 -2.23 -13.89 10.67
C VAL C 136 -2.68 -12.43 10.55
N ALA C 137 -1.71 -11.51 10.52
CA ALA C 137 -1.97 -10.11 10.26
C ALA C 137 -1.85 -9.82 8.78
N VAL C 138 -2.74 -8.97 8.27
CA VAL C 138 -2.72 -8.54 6.87
C VAL C 138 -2.68 -7.02 6.84
N ARG C 139 -1.61 -6.48 6.26
N ARG C 139 -1.64 -6.47 6.25
CA ARG C 139 -1.44 -5.06 6.07
CA ARG C 139 -1.51 -5.02 6.17
C ARG C 139 -2.20 -4.59 4.83
C ARG C 139 -1.97 -4.52 4.81
N LYS C 140 -2.52 -3.30 4.80
CA LYS C 140 -3.19 -2.72 3.65
C LYS C 140 -2.33 -2.86 2.38
N GLY C 141 -2.93 -3.41 1.34
CA GLY C 141 -2.24 -3.65 0.09
C GLY C 141 -1.20 -4.74 0.11
N GLU C 142 -0.99 -5.40 1.25
CA GLU C 142 -0.09 -6.54 1.21
C GLU C 142 -0.90 -7.78 0.85
N PRO C 143 -0.40 -8.65 -0.03
CA PRO C 143 -1.15 -9.85 -0.41
C PRO C 143 -1.44 -10.71 0.80
N PRO C 144 -2.68 -11.11 1.00
CA PRO C 144 -3.01 -11.95 2.17
C PRO C 144 -2.48 -13.35 2.01
N VAL C 145 -1.61 -13.75 2.93
CA VAL C 145 -1.06 -15.10 2.98
C VAL C 145 -1.61 -15.75 4.25
N VAL C 146 -2.68 -16.53 4.09
CA VAL C 146 -3.33 -17.18 5.22
C VAL C 146 -2.92 -18.65 5.23
N PRO C 147 -2.18 -19.10 6.25
CA PRO C 147 -1.67 -20.48 6.24
C PRO C 147 -2.71 -21.55 6.54
N PHE C 148 -3.90 -21.18 6.99
CA PHE C 148 -4.95 -22.12 7.30
C PHE C 148 -6.12 -21.91 6.35
N ASP C 149 -7.03 -22.88 6.31
CA ASP C 149 -8.15 -22.83 5.40
C ASP C 149 -9.37 -22.21 6.09
N PRO C 150 -10.32 -21.70 5.32
CA PRO C 150 -11.55 -21.15 5.90
C PRO C 150 -12.36 -22.24 6.60
N PRO C 151 -13.37 -21.87 7.41
CA PRO C 151 -13.90 -20.53 7.67
C PRO C 151 -12.95 -19.65 8.49
N PHE C 152 -12.95 -18.35 8.16
CA PHE C 152 -12.18 -17.34 8.87
C PHE C 152 -13.12 -16.38 9.58
N PHE C 153 -12.58 -15.68 10.56
CA PHE C 153 -13.07 -14.37 10.97
C PHE C 153 -12.05 -13.33 10.55
N VAL C 154 -12.52 -12.29 9.87
CA VAL C 154 -11.68 -11.19 9.40
C VAL C 154 -12.09 -9.96 10.20
N LYS C 155 -11.10 -9.23 10.71
CA LYS C 155 -11.36 -8.13 11.64
C LYS C 155 -10.39 -6.99 11.37
N PRO C 156 -10.82 -5.76 11.61
CA PRO C 156 -9.81 -4.69 11.78
C PRO C 156 -8.97 -5.01 13.01
N ALA C 157 -7.68 -4.68 12.93
CA ALA C 157 -6.80 -4.99 14.04
C ALA C 157 -7.23 -4.26 15.32
N ASN C 158 -7.72 -3.02 15.17
CA ASN C 158 -8.00 -2.19 16.34
C ASN C 158 -9.48 -1.81 16.45
N THR C 159 -10.35 -2.81 16.50
CA THR C 159 -11.78 -2.58 16.48
C THR C 159 -12.41 -2.98 17.81
N GLY C 160 -13.69 -2.67 17.93
CA GLY C 160 -14.50 -3.12 19.05
C GLY C 160 -15.94 -3.20 18.60
N SER C 161 -16.77 -3.79 19.48
CA SER C 161 -18.21 -3.92 19.26
C SER C 161 -18.54 -4.67 17.98
N SER C 162 -17.62 -5.52 17.51
CA SER C 162 -17.77 -6.33 16.29
C SER C 162 -17.86 -5.49 15.02
N VAL C 163 -17.43 -4.23 15.10
CA VAL C 163 -17.48 -3.37 13.92
C VAL C 163 -16.46 -3.87 12.90
N GLY C 164 -16.90 -4.00 11.65
CA GLY C 164 -15.98 -4.38 10.59
C GLY C 164 -15.60 -5.85 10.54
N ILE C 165 -16.29 -6.71 11.29
CA ILE C 165 -15.94 -8.12 11.40
C ILE C 165 -16.82 -8.94 10.48
N SER C 166 -16.20 -9.90 9.77
CA SER C 166 -16.91 -10.81 8.87
C SER C 166 -16.50 -12.25 9.14
N ARG C 167 -17.46 -13.16 9.03
CA ARG C 167 -17.16 -14.58 8.91
C ARG C 167 -17.07 -14.93 7.43
N VAL C 168 -15.97 -15.58 7.03
CA VAL C 168 -15.67 -15.84 5.62
C VAL C 168 -15.62 -17.35 5.41
N GLU C 169 -16.31 -17.82 4.37
CA GLU C 169 -16.36 -19.25 4.07
C GLU C 169 -15.47 -19.66 2.89
N ARG C 170 -15.18 -18.77 1.96
CA ARG C 170 -14.35 -19.11 0.81
C ARG C 170 -13.38 -17.96 0.52
N PHE C 171 -12.21 -18.33 -0.01
CA PHE C 171 -11.17 -17.33 -0.30
C PHE C 171 -11.67 -16.27 -1.27
N GLN C 172 -12.66 -16.60 -2.10
CA GLN C 172 -13.21 -15.61 -3.03
C GLN C 172 -13.88 -14.46 -2.30
N ASP C 173 -14.41 -14.71 -1.09
CA ASP C 173 -15.01 -13.67 -0.27
C ASP C 173 -14.03 -13.02 0.68
N LEU C 174 -12.77 -13.48 0.71
CA LEU C 174 -11.81 -12.91 1.64
C LEU C 174 -11.52 -11.45 1.31
N GLU C 175 -11.43 -11.12 0.02
CA GLU C 175 -11.07 -9.76 -0.37
C GLU C 175 -12.12 -8.75 0.06
N ALA C 176 -13.41 -9.12 -0.03
CA ALA C 176 -14.46 -8.22 0.42
C ALA C 176 -14.36 -8.00 1.92
N ALA C 177 -14.09 -9.05 2.68
CA ALA C 177 -13.93 -8.94 4.13
C ALA C 177 -12.74 -8.08 4.49
N LEU C 178 -11.59 -8.28 3.82
CA LEU C 178 -10.42 -7.45 4.09
C LEU C 178 -10.71 -5.99 3.80
N ALA C 179 -11.42 -5.71 2.70
CA ALA C 179 -11.71 -4.33 2.35
C ALA C 179 -12.65 -3.68 3.37
N LEU C 180 -13.62 -4.45 3.89
CA LEU C 180 -14.44 -3.97 5.00
C LEU C 180 -13.57 -3.66 6.22
N ALA C 181 -12.66 -4.58 6.57
CA ALA C 181 -11.79 -4.37 7.72
C ALA C 181 -10.93 -3.13 7.54
N PHE C 182 -10.40 -2.91 6.32
CA PHE C 182 -9.51 -1.78 6.07
C PHE C 182 -10.23 -0.44 6.04
N ARG C 183 -11.56 -0.43 6.17
CA ARG C 183 -12.27 0.83 6.38
C ARG C 183 -11.96 1.43 7.75
N TYR C 184 -11.50 0.62 8.69
CA TYR C 184 -11.35 1.03 10.07
C TYR C 184 -9.92 0.93 10.61
N ASP C 185 -9.00 0.33 9.85
CA ASP C 185 -7.62 0.18 10.30
C ASP C 185 -6.75 -0.06 9.07
N GLU C 186 -5.45 0.19 9.23
CA GLU C 186 -4.46 -0.12 8.21
C GLU C 186 -3.98 -1.56 8.32
N LYS C 187 -4.44 -2.28 9.32
CA LYS C 187 -4.02 -3.64 9.58
C LYS C 187 -5.27 -4.44 9.91
N ALA C 188 -5.34 -5.65 9.37
CA ALA C 188 -6.45 -6.56 9.65
C ALA C 188 -5.90 -7.85 10.22
N VAL C 189 -6.74 -8.59 10.93
CA VAL C 189 -6.38 -9.94 11.37
C VAL C 189 -7.34 -10.92 10.72
N VAL C 190 -6.80 -12.07 10.34
CA VAL C 190 -7.59 -13.21 9.85
C VAL C 190 -7.39 -14.35 10.84
N GLU C 191 -8.48 -14.79 11.46
CA GLU C 191 -8.40 -15.85 12.46
C GLU C 191 -9.12 -17.09 11.96
N LYS C 192 -8.67 -18.24 12.46
CA LYS C 192 -9.40 -19.48 12.21
C LYS C 192 -10.70 -19.46 13.01
N ALA C 193 -11.82 -19.61 12.32
CA ALA C 193 -13.12 -19.56 12.98
C ALA C 193 -13.35 -20.80 13.84
N LEU C 194 -13.89 -20.58 15.04
CA LEU C 194 -14.32 -21.67 15.91
C LEU C 194 -15.82 -21.83 15.76
N SER C 195 -16.26 -23.07 15.46
CA SER C 195 -17.68 -23.29 15.19
C SER C 195 -18.07 -24.72 15.50
N PRO C 196 -18.96 -24.94 16.47
CA PRO C 196 -19.52 -23.88 17.32
C PRO C 196 -18.55 -23.46 18.41
N VAL C 197 -18.93 -22.42 19.16
CA VAL C 197 -18.09 -21.90 20.22
C VAL C 197 -18.97 -21.35 21.32
N ARG C 198 -18.48 -21.44 22.54
CA ARG C 198 -19.08 -20.74 23.66
C ARG C 198 -18.21 -19.55 24.02
N GLU C 199 -18.84 -18.50 24.55
CA GLU C 199 -18.15 -17.25 24.80
C GLU C 199 -18.21 -16.95 26.29
N LEU C 200 -17.06 -16.87 26.92
CA LEU C 200 -16.94 -16.58 28.34
C LEU C 200 -16.27 -15.23 28.52
N GLU C 201 -16.74 -14.49 29.53
CA GLU C 201 -16.21 -13.17 29.83
C GLU C 201 -16.02 -13.04 31.33
N VAL C 202 -14.89 -12.48 31.74
CA VAL C 202 -14.60 -12.30 33.15
C VAL C 202 -14.07 -10.89 33.36
N GLY C 203 -14.57 -10.25 34.41
CA GLY C 203 -14.11 -8.92 34.78
C GLY C 203 -12.87 -8.99 35.67
N VAL C 204 -11.95 -8.05 35.44
CA VAL C 204 -10.83 -7.87 36.35
C VAL C 204 -10.89 -6.44 36.87
N LEU C 205 -10.46 -6.27 38.11
CA LEU C 205 -10.45 -4.98 38.77
C LEU C 205 -9.15 -4.90 39.57
N GLY C 206 -8.39 -3.82 39.38
CA GLY C 206 -7.16 -3.64 40.15
C GLY C 206 -5.96 -3.20 39.33
N ASN C 207 -4.83 -2.95 39.99
CA ASN C 207 -3.64 -2.41 39.33
C ASN C 207 -2.60 -3.53 39.20
N VAL C 208 -2.45 -4.03 37.96
CA VAL C 208 -1.45 -5.03 37.56
C VAL C 208 -1.76 -6.42 38.16
N PHE C 209 -2.00 -6.47 39.46
CA PHE C 209 -2.39 -7.71 40.13
C PHE C 209 -3.89 -7.61 40.41
N GLY C 210 -4.68 -8.21 39.53
CA GLY C 210 -6.11 -7.97 39.55
C GLY C 210 -6.89 -8.94 40.41
N GLU C 211 -8.16 -8.61 40.57
CA GLU C 211 -9.16 -9.46 41.23
C GLU C 211 -10.22 -9.82 40.19
N ALA C 212 -10.54 -11.11 40.08
CA ALA C 212 -11.44 -11.60 39.05
C ALA C 212 -12.87 -11.68 39.57
N SER C 213 -13.81 -11.26 38.73
CA SER C 213 -15.23 -11.46 38.97
C SER C 213 -15.58 -12.94 38.78
N PRO C 214 -16.81 -13.33 39.08
CA PRO C 214 -17.30 -14.60 38.55
C PRO C 214 -17.23 -14.60 37.02
N VAL C 215 -17.20 -15.80 36.45
CA VAL C 215 -17.15 -15.97 35.01
C VAL C 215 -18.56 -15.96 34.45
N GLY C 216 -18.77 -15.17 33.41
CA GLY C 216 -20.04 -15.11 32.71
C GLY C 216 -19.97 -15.70 31.32
N GLU C 217 -21.11 -16.12 30.80
CA GLU C 217 -21.22 -16.67 29.46
C GLU C 217 -22.26 -15.89 28.67
N VAL C 218 -21.99 -15.67 27.39
CA VAL C 218 -22.88 -14.97 26.47
C VAL C 218 -23.39 -15.97 25.46
N ARG C 219 -24.72 -16.08 25.34
CA ARG C 219 -25.33 -16.91 24.30
C ARG C 219 -26.29 -16.07 23.48
N TYR C 220 -26.54 -16.51 22.25
CA TYR C 220 -27.32 -15.72 21.31
C TYR C 220 -27.73 -16.61 20.15
N GLU C 221 -28.68 -16.13 19.36
CA GLU C 221 -29.19 -16.90 18.24
C GLU C 221 -28.55 -16.50 16.92
N ALA C 222 -27.90 -15.35 16.86
CA ALA C 222 -27.22 -14.90 15.65
C ALA C 222 -26.02 -15.81 15.34
N PRO C 223 -25.51 -15.74 14.11
CA PRO C 223 -24.29 -16.52 13.78
C PRO C 223 -23.10 -16.18 14.65
N PHE C 224 -22.92 -14.93 15.04
CA PHE C 224 -21.89 -14.59 16.02
C PHE C 224 -22.36 -13.38 16.81
N TYR C 225 -21.56 -13.02 17.82
CA TYR C 225 -21.86 -11.93 18.73
C TYR C 225 -21.58 -10.61 18.00
N ASP C 226 -22.50 -10.23 17.12
CA ASP C 226 -22.37 -9.06 16.26
C ASP C 226 -22.89 -7.81 16.98
N TYR C 227 -22.76 -6.67 16.30
CA TYR C 227 -23.15 -5.39 16.90
C TYR C 227 -24.62 -5.39 17.33
N GLU C 228 -25.51 -5.83 16.45
CA GLU C 228 -26.94 -5.82 16.78
C GLU C 228 -27.23 -6.71 17.98
N THR C 229 -26.55 -7.85 18.07
CA THR C 229 -26.75 -8.73 19.22
C THR C 229 -26.22 -8.12 20.51
N LYS C 230 -25.12 -7.36 20.42
CA LYS C 230 -24.51 -6.79 21.61
C LYS C 230 -25.39 -5.73 22.25
N TYR C 231 -26.08 -4.91 21.45
CA TYR C 231 -26.68 -3.70 21.99
C TYR C 231 -28.19 -3.62 21.83
N THR C 232 -28.83 -4.65 21.28
CA THR C 232 -30.29 -4.72 21.29
C THR C 232 -30.75 -5.39 22.58
N PRO C 233 -31.57 -4.72 23.39
CA PRO C 233 -32.00 -5.34 24.66
C PRO C 233 -32.68 -6.68 24.45
N GLY C 234 -32.31 -7.65 25.31
CA GLY C 234 -32.87 -8.98 25.25
C GLY C 234 -32.29 -9.87 24.18
N ARG C 235 -31.52 -9.33 23.23
CA ARG C 235 -31.02 -10.14 22.13
C ARG C 235 -29.94 -11.12 22.60
N ALA C 236 -29.08 -10.69 23.50
CA ALA C 236 -28.02 -11.52 24.03
C ALA C 236 -28.41 -12.04 25.41
N GLU C 237 -28.06 -13.29 25.68
CA GLU C 237 -28.29 -13.91 26.97
C GLU C 237 -27.01 -13.84 27.79
N LEU C 238 -27.12 -13.33 29.01
CA LEU C 238 -25.97 -13.15 29.90
C LEU C 238 -26.13 -14.10 31.07
N LEU C 239 -25.38 -15.21 31.05
CA LEU C 239 -25.47 -16.24 32.07
C LEU C 239 -24.37 -16.02 33.10
N ILE C 240 -24.74 -15.64 34.31
CA ILE C 240 -23.80 -15.35 35.37
C ILE C 240 -24.29 -16.04 36.64
N PRO C 241 -23.53 -16.98 37.23
CA PRO C 241 -22.27 -17.48 36.69
C PRO C 241 -22.45 -18.43 35.51
N ALA C 242 -21.43 -18.53 34.66
CA ALA C 242 -21.46 -19.46 33.55
C ALA C 242 -21.65 -20.89 34.05
N PRO C 243 -22.36 -21.74 33.28
CA PRO C 243 -22.42 -23.17 33.63
C PRO C 243 -21.14 -23.91 33.25
N LEU C 244 -20.19 -23.91 34.18
CA LEU C 244 -18.89 -24.56 33.99
C LEU C 244 -18.55 -25.36 35.25
N ASP C 245 -17.86 -26.48 35.05
CA ASP C 245 -17.38 -27.20 36.23
C ASP C 245 -16.28 -26.38 36.91
N PRO C 246 -16.19 -26.44 38.24
CA PRO C 246 -15.38 -25.45 38.98
C PRO C 246 -13.92 -25.38 38.56
N GLY C 247 -13.36 -26.47 38.04
CA GLY C 247 -12.00 -26.43 37.56
C GLY C 247 -11.84 -25.55 36.34
N THR C 248 -12.81 -25.60 35.42
CA THR C 248 -12.79 -24.72 34.25
C THR C 248 -12.96 -23.27 34.67
N GLN C 249 -13.77 -23.02 35.69
CA GLN C 249 -14.00 -21.65 36.17
C GLN C 249 -12.72 -21.03 36.71
N GLU C 250 -12.02 -21.74 37.61
CA GLU C 250 -10.78 -21.21 38.14
C GLU C 250 -9.74 -21.04 37.05
N THR C 251 -9.72 -21.96 36.07
CA THR C 251 -8.77 -21.87 34.97
C THR C 251 -8.99 -20.61 34.14
N VAL C 252 -10.26 -20.28 33.86
CA VAL C 252 -10.54 -19.02 33.16
C VAL C 252 -10.07 -17.84 33.99
N GLN C 253 -10.49 -17.79 35.26
CA GLN C 253 -10.06 -16.68 36.12
C GLN C 253 -8.55 -16.57 36.21
N GLU C 254 -7.84 -17.71 36.17
CA GLU C 254 -6.39 -17.68 36.29
C GLU C 254 -5.73 -17.15 35.01
N LEU C 255 -6.21 -17.59 33.84
CA LEU C 255 -5.68 -17.04 32.59
C LEU C 255 -5.94 -15.55 32.50
N ALA C 256 -7.14 -15.10 32.88
CA ALA C 256 -7.46 -13.69 32.80
C ALA C 256 -6.52 -12.85 33.65
N LEU C 257 -6.23 -13.32 34.87
CA LEU C 257 -5.32 -12.58 35.73
C LEU C 257 -3.88 -12.63 35.21
N LYS C 258 -3.51 -13.74 34.58
CA LYS C 258 -2.16 -13.84 34.03
C LYS C 258 -2.01 -12.91 32.82
N ALA C 259 -2.99 -12.91 31.93
CA ALA C 259 -2.97 -11.98 30.81
C ALA C 259 -2.95 -10.53 31.29
N TYR C 260 -3.82 -10.22 32.25
CA TYR C 260 -3.89 -8.89 32.85
C TYR C 260 -2.53 -8.44 33.35
N LYS C 261 -1.77 -9.36 33.99
CA LYS C 261 -0.48 -9.00 34.57
C LYS C 261 0.59 -8.85 33.50
N VAL C 262 0.65 -9.80 32.56
CA VAL C 262 1.67 -9.75 31.51
C VAL C 262 1.54 -8.46 30.71
N LEU C 263 0.31 -8.06 30.39
CA LEU C 263 0.08 -6.84 29.62
C LEU C 263 0.17 -5.58 30.45
N GLY C 264 0.30 -5.70 31.78
CA GLY C 264 0.45 -4.54 32.63
C GLY C 264 -0.80 -3.70 32.76
N VAL C 265 -1.98 -4.31 32.60
CA VAL C 265 -3.23 -3.57 32.70
C VAL C 265 -3.41 -3.01 34.11
N ARG C 266 -4.07 -1.86 34.20
CA ARG C 266 -4.41 -1.28 35.48
C ARG C 266 -5.86 -0.80 35.44
N GLY C 267 -6.40 -0.53 36.62
CA GLY C 267 -7.80 -0.20 36.75
C GLY C 267 -8.72 -1.39 36.52
N MET C 268 -9.00 -1.69 35.25
CA MET C 268 -9.99 -2.70 34.94
C MET C 268 -9.71 -3.33 33.57
N ALA C 269 -10.39 -4.44 33.32
CA ALA C 269 -10.51 -5.00 31.98
C ALA C 269 -11.56 -6.09 32.00
N ARG C 270 -12.23 -6.27 30.88
CA ARG C 270 -13.03 -7.47 30.66
C ARG C 270 -12.24 -8.39 29.74
N VAL C 271 -12.01 -9.63 30.19
CA VAL C 271 -11.23 -10.60 29.46
C VAL C 271 -12.18 -11.62 28.88
N ASP C 272 -12.17 -11.78 27.57
CA ASP C 272 -13.13 -12.60 26.85
C ASP C 272 -12.44 -13.84 26.29
N PHE C 273 -13.15 -14.95 26.34
CA PHE C 273 -12.58 -16.25 26.01
C PHE C 273 -13.49 -16.99 25.04
N PHE C 274 -12.91 -17.93 24.30
CA PHE C 274 -13.66 -18.93 23.56
C PHE C 274 -13.53 -20.27 24.26
N LEU C 275 -14.63 -21.02 24.30
CA LEU C 275 -14.65 -22.35 24.89
C LEU C 275 -15.16 -23.30 23.82
N ALA C 276 -14.29 -24.22 23.38
CA ALA C 276 -14.62 -25.18 22.33
C ALA C 276 -14.53 -26.57 22.93
N GLU C 277 -15.68 -27.11 23.36
CA GLU C 277 -15.74 -28.42 24.00
C GLU C 277 -14.65 -28.58 25.06
N GLY C 278 -14.58 -27.62 25.97
CA GLY C 278 -13.62 -27.64 27.05
C GLY C 278 -12.30 -26.98 26.74
N GLU C 279 -11.99 -26.71 25.47
CA GLU C 279 -10.71 -26.13 25.06
C GLU C 279 -10.79 -24.60 25.12
N LEU C 280 -9.92 -23.99 25.93
CA LEU C 280 -9.95 -22.56 26.19
C LEU C 280 -8.98 -21.81 25.29
N TYR C 281 -9.46 -20.67 24.77
CA TYR C 281 -8.64 -19.67 24.08
C TYR C 281 -9.00 -18.31 24.63
N LEU C 282 -7.98 -17.49 24.88
CA LEU C 282 -8.23 -16.09 25.20
C LEU C 282 -8.50 -15.34 23.90
N ASN C 283 -9.67 -14.74 23.81
CA ASN C 283 -10.09 -14.03 22.60
C ASN C 283 -9.52 -12.63 22.56
N GLU C 284 -9.93 -11.77 23.50
CA GLU C 284 -9.38 -10.44 23.57
C GLU C 284 -9.51 -9.90 24.98
N LEU C 285 -8.78 -8.84 25.25
CA LEU C 285 -8.96 -7.99 26.42
C LEU C 285 -9.54 -6.65 25.98
N ASN C 286 -10.51 -6.15 26.73
CA ASN C 286 -11.05 -4.81 26.51
C ASN C 286 -10.83 -3.98 27.76
N THR C 287 -10.03 -2.93 27.64
CA THR C 287 -9.64 -2.13 28.80
C THR C 287 -10.70 -1.09 29.17
N ILE C 288 -11.51 -0.63 28.21
CA ILE C 288 -12.65 0.22 28.54
C ILE C 288 -13.91 -0.55 28.15
N PRO C 289 -14.33 -1.54 28.93
CA PRO C 289 -15.52 -2.31 28.55
C PRO C 289 -16.76 -1.44 28.56
N GLY C 290 -17.80 -1.91 27.88
CA GLY C 290 -19.04 -1.18 27.84
C GLY C 290 -19.72 -1.16 29.19
N PHE C 291 -20.46 -0.08 29.43
CA PHE C 291 -21.33 0.07 30.59
C PHE C 291 -22.76 0.30 30.14
N THR C 292 -23.15 -0.29 29.01
CA THR C 292 -24.49 -0.10 28.45
C THR C 292 -25.50 -0.95 29.22
N PRO C 293 -26.81 -0.81 28.95
CA PRO C 293 -27.78 -1.69 29.63
C PRO C 293 -27.63 -3.15 29.27
N THR C 294 -26.93 -3.48 28.19
CA THR C 294 -26.68 -4.87 27.80
C THR C 294 -25.23 -5.28 28.01
N SER C 295 -24.47 -4.49 28.76
CA SER C 295 -23.04 -4.76 28.93
C SER C 295 -22.81 -5.76 30.05
N MET C 296 -21.74 -6.55 29.91
CA MET C 296 -21.45 -7.63 30.82
C MET C 296 -20.69 -7.16 32.07
N TYR C 297 -19.77 -6.21 31.91
CA TYR C 297 -18.81 -5.94 32.98
C TYR C 297 -19.47 -5.53 34.28
N PRO C 298 -20.40 -4.56 34.31
CA PRO C 298 -21.04 -4.23 35.60
C PRO C 298 -21.82 -5.40 36.18
N ARG C 299 -22.47 -6.21 35.33
CA ARG C 299 -23.22 -7.37 35.82
C ARG C 299 -22.31 -8.40 36.45
N LEU C 300 -21.11 -8.58 35.89
CA LEU C 300 -20.19 -9.59 36.40
C LEU C 300 -19.76 -9.27 37.84
N PHE C 301 -19.43 -8.01 38.09
CA PHE C 301 -18.98 -7.68 39.43
C PHE C 301 -20.15 -7.55 40.40
N GLU C 302 -21.32 -7.17 39.89
CA GLU C 302 -22.54 -7.26 40.68
C GLU C 302 -22.72 -8.67 41.24
N ALA C 303 -22.54 -9.68 40.39
CA ALA C 303 -22.60 -11.06 40.87
C ALA C 303 -21.45 -11.38 41.82
N GLY C 304 -20.33 -10.67 41.71
CA GLY C 304 -19.22 -10.88 42.62
C GLY C 304 -19.31 -10.06 43.89
N GLY C 305 -20.49 -9.52 44.17
CA GLY C 305 -20.69 -8.75 45.39
C GLY C 305 -20.17 -7.34 45.36
N VAL C 306 -19.99 -6.75 44.17
CA VAL C 306 -19.51 -5.38 44.02
C VAL C 306 -20.60 -4.60 43.32
N ALA C 307 -21.31 -3.76 44.05
CA ALA C 307 -22.41 -3.00 43.48
C ALA C 307 -21.89 -1.99 42.45
N TYR C 308 -22.78 -1.59 41.55
CA TYR C 308 -22.42 -0.63 40.51
C TYR C 308 -21.77 0.63 41.06
N PRO C 309 -22.32 1.31 42.08
CA PRO C 309 -21.61 2.48 42.61
C PRO C 309 -20.29 2.15 43.25
N GLU C 310 -20.19 0.99 43.92
CA GLU C 310 -18.93 0.60 44.56
C GLU C 310 -17.88 0.25 43.52
N LEU C 311 -18.29 -0.39 42.43
CA LEU C 311 -17.35 -0.66 41.34
C LEU C 311 -16.76 0.63 40.80
N LEU C 312 -17.61 1.63 40.56
CA LEU C 312 -17.11 2.90 40.03
C LEU C 312 -16.23 3.62 41.05
N ARG C 313 -16.60 3.53 42.33
CA ARG C 313 -15.75 4.10 43.38
C ARG C 313 -14.36 3.46 43.36
N ARG C 314 -14.31 2.13 43.26
CA ARG C 314 -13.01 1.46 43.28
C ARG C 314 -12.19 1.81 42.04
N LEU C 315 -12.84 2.01 40.89
CA LEU C 315 -12.10 2.41 39.70
C LEU C 315 -11.42 3.77 39.90
N VAL C 316 -12.13 4.72 40.50
CA VAL C 316 -11.57 6.05 40.74
C VAL C 316 -10.44 5.97 41.77
N GLU C 317 -10.66 5.22 42.85
CA GLU C 317 -9.61 5.07 43.86
C GLU C 317 -8.36 4.42 43.29
N LEU C 318 -8.51 3.41 42.42
CA LEU C 318 -7.36 2.79 41.80
C LEU C 318 -6.60 3.78 40.93
N ALA C 319 -7.32 4.66 40.25
CA ALA C 319 -6.66 5.69 39.43
C ALA C 319 -5.82 6.63 40.30
N LEU C 320 -6.34 7.00 41.47
CA LEU C 320 -5.58 7.88 42.36
C LEU C 320 -4.38 7.15 42.94
N THR C 321 -4.56 5.89 43.33
CA THR C 321 -3.46 5.13 43.94
C THR C 321 -2.27 5.03 43.00
N HIS C 322 -2.51 4.67 41.74
CA HIS C 322 -1.38 4.49 40.84
C HIS C 322 -0.71 5.81 40.49
N HIS C 323 -1.49 6.85 40.18
CA HIS C 323 -0.88 8.09 39.73
C HIS C 323 -0.06 8.75 40.82
N HIS C 324 -0.59 8.81 42.04
CA HIS C 324 0.04 9.58 43.11
C HIS C 324 1.07 8.78 43.89
N HIS C 325 1.24 7.49 43.60
CA HIS C 325 2.23 6.69 44.31
C HIS C 325 3.13 5.91 43.34
N MET D 3 4.84 24.88 4.42
CA MET D 3 5.63 23.84 5.07
C MET D 3 6.31 24.36 6.32
N ARG D 4 5.51 24.73 7.32
CA ARG D 4 6.03 25.26 8.58
C ARG D 4 6.03 24.15 9.63
N VAL D 5 7.19 23.93 10.25
CA VAL D 5 7.42 22.84 11.17
C VAL D 5 7.54 23.41 12.59
N LEU D 6 6.93 22.72 13.56
CA LEU D 6 7.15 22.99 14.97
C LEU D 6 8.00 21.86 15.55
N LEU D 7 9.19 22.22 16.05
CA LEU D 7 10.11 21.27 16.65
C LEU D 7 10.00 21.36 18.17
N ILE D 8 9.62 20.27 18.82
CA ILE D 8 9.48 20.24 20.27
C ILE D 8 10.66 19.49 20.85
N ALA D 9 11.32 20.09 21.82
CA ALA D 9 12.53 19.50 22.38
C ALA D 9 12.60 19.82 23.86
N GLY D 10 13.52 19.13 24.53
CA GLY D 10 13.66 19.24 25.97
C GLY D 10 13.07 18.02 26.65
N GLY D 11 11.98 18.22 27.39
CA GLY D 11 11.26 17.13 28.01
C GLY D 11 11.55 17.02 29.50
N VAL D 12 10.72 16.20 30.17
CA VAL D 12 10.87 15.99 31.60
C VAL D 12 11.67 14.74 31.92
N SER D 13 11.95 13.88 30.93
CA SER D 13 12.72 12.68 31.15
C SER D 13 14.18 13.01 31.48
N PRO D 14 14.95 12.06 32.01
CA PRO D 14 16.39 12.29 32.21
C PRO D 14 17.15 12.61 30.93
N GLU D 15 16.54 12.37 29.77
CA GLU D 15 17.14 12.67 28.48
C GLU D 15 16.89 14.11 28.03
N HIS D 16 16.59 15.00 28.98
CA HIS D 16 16.29 16.40 28.66
C HIS D 16 17.42 17.05 27.86
N GLU D 17 18.65 17.01 28.40
CA GLU D 17 19.78 17.68 27.75
C GLU D 17 20.11 17.04 26.41
N VAL D 18 20.02 15.71 26.32
CA VAL D 18 20.25 15.03 25.04
C VAL D 18 19.27 15.54 23.99
N SER D 19 18.02 15.76 24.39
CA SER D 19 17.00 16.23 23.45
C SER D 19 17.33 17.63 22.93
N LEU D 20 17.90 18.47 23.78
CA LEU D 20 18.28 19.81 23.32
C LEU D 20 19.46 19.74 22.37
N LEU D 21 20.41 18.85 22.65
CA LEU D 21 21.49 18.62 21.69
C LEU D 21 20.95 18.12 20.36
N SER D 22 19.97 17.21 20.41
CA SER D 22 19.34 16.74 19.17
C SER D 22 18.71 17.88 18.40
N ALA D 23 18.09 18.83 19.11
CA ALA D 23 17.41 19.94 18.46
C ALA D 23 18.38 20.82 17.69
N GLU D 24 19.52 21.14 18.30
CA GLU D 24 20.56 21.90 17.60
C GLU D 24 20.95 21.23 16.29
N GLY D 25 21.07 19.90 16.30
CA GLY D 25 21.42 19.19 15.08
C GLY D 25 20.35 19.26 14.02
N VAL D 26 19.08 19.08 14.42
CA VAL D 26 18.01 19.09 13.44
C VAL D 26 17.80 20.50 12.89
N LEU D 27 17.81 21.51 13.75
CA LEU D 27 17.60 22.88 13.31
C LEU D 27 18.69 23.32 12.34
N ARG D 28 19.90 22.78 12.47
CA ARG D 28 20.99 23.18 11.58
C ARG D 28 20.79 22.67 10.15
N HIS D 29 19.96 21.63 9.95
CA HIS D 29 19.84 21.03 8.64
C HIS D 29 18.41 20.93 8.10
N ILE D 30 17.40 21.15 8.92
CA ILE D 30 16.03 20.92 8.46
C ILE D 30 15.70 21.91 7.34
N PRO D 31 15.18 21.44 6.20
CA PRO D 31 15.06 22.32 5.03
C PRO D 31 13.74 23.08 4.98
N PHE D 32 13.13 23.30 6.13
CA PHE D 32 11.83 23.94 6.23
C PHE D 32 11.88 25.07 7.25
N PRO D 33 11.06 26.09 7.09
CA PRO D 33 10.87 27.07 8.17
C PRO D 33 10.41 26.35 9.43
N THR D 34 11.15 26.52 10.51
CA THR D 34 10.92 25.74 11.72
C THR D 34 11.05 26.62 12.95
N ASP D 35 10.04 26.57 13.82
CA ASP D 35 10.11 27.20 15.13
C ASP D 35 10.36 26.13 16.17
N LEU D 36 11.06 26.52 17.24
CA LEU D 36 11.35 25.62 18.34
C LEU D 36 10.42 25.91 19.52
N ALA D 37 9.90 24.84 20.12
CA ALA D 37 9.23 24.89 21.40
C ALA D 37 9.97 23.97 22.35
N VAL D 38 10.26 24.45 23.55
CA VAL D 38 11.03 23.70 24.54
C VAL D 38 10.13 23.36 25.72
N ILE D 39 10.10 22.08 26.08
CA ILE D 39 9.48 21.65 27.34
C ILE D 39 10.56 21.65 28.42
N ALA D 40 10.35 22.43 29.46
CA ALA D 40 11.35 22.49 30.53
C ALA D 40 11.26 21.24 31.39
N GLN D 41 12.29 21.06 32.22
CA GLN D 41 12.35 19.91 33.11
C GLN D 41 11.20 19.90 34.12
N ASP D 42 10.61 21.06 34.42
CA ASP D 42 9.44 21.09 35.30
C ASP D 42 8.13 20.87 34.55
N GLY D 43 8.19 20.62 33.25
CA GLY D 43 7.01 20.34 32.46
C GLY D 43 6.39 21.53 31.76
N ARG D 44 6.68 22.74 32.23
CA ARG D 44 6.14 23.92 31.59
C ARG D 44 6.95 24.24 30.33
N TRP D 45 6.27 24.83 29.36
CA TRP D 45 6.86 25.05 28.04
C TRP D 45 7.49 26.43 27.92
N LEU D 46 8.40 26.55 26.96
CA LEU D 46 9.03 27.81 26.58
C LEU D 46 8.86 27.98 25.08
N LEU D 47 8.38 29.15 24.67
CA LEU D 47 8.05 29.39 23.27
C LEU D 47 8.89 30.54 22.71
N GLY D 48 8.99 30.57 21.39
CA GLY D 48 9.67 31.67 20.71
C GLY D 48 11.09 31.87 21.20
N GLU D 49 11.45 33.12 21.45
CA GLU D 49 12.81 33.48 21.84
C GLU D 49 13.23 32.85 23.16
N LYS D 50 12.30 32.49 24.02
CA LYS D 50 12.67 31.83 25.27
C LYS D 50 13.07 30.38 25.05
N ALA D 51 12.57 29.75 23.99
CA ALA D 51 13.04 28.41 23.65
C ALA D 51 14.46 28.46 23.12
N LEU D 52 14.73 29.40 22.20
CA LEU D 52 16.08 29.56 21.68
C LEU D 52 17.08 29.82 22.79
N THR D 53 16.70 30.63 23.79
CA THR D 53 17.57 30.88 24.93
C THR D 53 17.84 29.59 25.70
N ALA D 54 16.78 28.82 25.98
CA ALA D 54 16.96 27.55 26.66
C ALA D 54 17.79 26.58 25.84
N LEU D 55 17.69 26.65 24.52
CA LEU D 55 18.53 25.83 23.66
C LEU D 55 19.99 26.25 23.80
N GLU D 56 20.26 27.56 23.78
CA GLU D 56 21.63 28.05 23.89
C GLU D 56 22.30 27.55 25.16
N ALA D 57 21.53 27.34 26.22
CA ALA D 57 22.06 26.92 27.51
C ALA D 57 22.15 25.41 27.66
N LYS D 58 21.52 24.65 26.77
CA LYS D 58 21.55 23.18 26.73
C LYS D 58 20.80 22.53 27.88
N ALA D 59 20.06 23.31 28.68
CA ALA D 59 19.22 22.78 29.73
C ALA D 59 18.25 23.87 30.18
N ALA D 60 17.00 23.47 30.43
CA ALA D 60 15.93 24.39 30.82
C ALA D 60 15.19 23.82 32.02
N PRO D 61 15.61 24.18 33.23
CA PRO D 61 14.94 23.64 34.42
C PRO D 61 13.51 24.13 34.59
N GLU D 62 13.21 25.37 34.21
CA GLU D 62 11.94 25.99 34.51
C GLU D 62 11.33 26.58 33.24
N GLY D 63 10.04 26.31 33.03
CA GLY D 63 9.32 26.81 31.87
C GLY D 63 8.41 27.98 32.20
N GLU D 64 7.62 28.38 31.22
CA GLU D 64 6.66 29.46 31.38
C GLU D 64 5.22 28.95 31.41
N HIS D 65 4.78 28.23 30.34
CA HIS D 65 3.36 27.89 30.16
C HIS D 65 3.09 26.45 30.56
N PRO D 66 2.14 26.19 31.45
CA PRO D 66 1.81 24.80 31.79
C PRO D 66 1.14 24.10 30.63
N PHE D 67 1.30 22.78 30.58
CA PHE D 67 0.68 22.00 29.52
C PHE D 67 -0.83 21.97 29.69
N PRO D 68 -1.61 22.18 28.61
CA PRO D 68 -1.15 22.46 27.24
C PRO D 68 -0.90 23.94 26.98
N PRO D 69 0.11 24.23 26.18
CA PRO D 69 0.60 25.60 26.07
C PRO D 69 -0.25 26.43 25.13
N PRO D 70 -0.31 27.75 25.35
CA PRO D 70 -1.04 28.63 24.42
C PRO D 70 -0.31 28.78 23.09
N LEU D 71 -0.04 27.65 22.43
CA LEU D 71 0.65 27.64 21.16
C LEU D 71 -0.37 27.63 20.03
N SER D 72 -0.12 28.44 19.00
CA SER D 72 -1.01 28.51 17.85
C SER D 72 -0.64 27.37 16.90
N TRP D 73 -1.25 26.21 17.13
CA TRP D 73 -0.96 25.02 16.34
C TRP D 73 -1.39 25.15 14.89
N GLU D 74 -2.36 26.03 14.59
CA GLU D 74 -2.80 26.20 13.20
C GLU D 74 -1.73 26.88 12.35
N ARG D 75 -0.71 27.49 12.96
CA ARG D 75 0.40 28.04 12.20
C ARG D 75 1.23 26.96 11.52
N TYR D 76 1.23 25.75 12.06
CA TYR D 76 2.20 24.73 11.68
C TYR D 76 1.54 23.60 10.89
N ASP D 77 2.23 23.17 9.82
CA ASP D 77 1.71 22.09 8.99
C ASP D 77 2.10 20.73 9.54
N VAL D 78 3.25 20.62 10.21
CA VAL D 78 3.77 19.37 10.74
C VAL D 78 4.45 19.68 12.06
N VAL D 79 4.29 18.78 13.03
CA VAL D 79 5.01 18.86 14.29
C VAL D 79 6.08 17.77 14.31
N PHE D 80 7.29 18.15 14.74
CA PHE D 80 8.40 17.22 14.86
C PHE D 80 8.71 17.02 16.33
N PRO D 81 8.20 15.98 16.97
CA PRO D 81 8.59 15.73 18.37
C PRO D 81 10.01 15.19 18.42
N LEU D 82 10.89 15.94 19.05
CA LEU D 82 12.29 15.57 19.23
C LEU D 82 12.58 15.35 20.70
N LEU D 83 11.64 14.70 21.38
CA LEU D 83 11.79 14.36 22.79
C LEU D 83 12.22 12.92 22.89
N HIS D 84 13.13 12.64 23.83
CA HIS D 84 13.65 11.29 24.03
C HIS D 84 13.09 10.73 25.33
N GLY D 85 12.78 9.44 25.32
CA GLY D 85 12.42 8.76 26.55
C GLY D 85 10.98 8.96 26.96
N ARG D 86 10.76 8.88 28.27
CA ARG D 86 9.40 9.00 28.80
C ARG D 86 8.87 10.41 28.60
N PHE D 87 7.55 10.51 28.40
CA PHE D 87 6.87 11.77 28.12
C PHE D 87 7.43 12.45 26.88
N GLY D 88 7.60 11.67 25.81
CA GLY D 88 8.07 12.19 24.55
C GLY D 88 8.18 11.14 23.47
N GLU D 89 8.80 10.02 23.82
CA GLU D 89 9.06 8.94 22.88
C GLU D 89 8.16 7.74 23.11
N ASP D 90 7.24 7.84 24.07
CA ASP D 90 6.53 6.68 24.61
C ASP D 90 5.04 6.67 24.27
N GLY D 91 4.59 7.50 23.33
CA GLY D 91 3.19 7.57 22.97
C GLY D 91 2.40 8.68 23.62
N THR D 92 2.96 9.36 24.63
CA THR D 92 2.22 10.42 25.32
C THR D 92 2.06 11.64 24.45
N VAL D 93 3.18 12.24 24.01
CA VAL D 93 3.11 13.38 23.09
C VAL D 93 2.41 12.98 21.80
N GLN D 94 2.63 11.76 21.33
CA GLN D 94 1.98 11.28 20.12
C GLN D 94 0.46 11.23 20.28
N GLY D 95 -0.02 10.86 21.45
CA GLY D 95 -1.46 10.87 21.68
C GLY D 95 -2.04 12.27 21.67
N PHE D 96 -1.32 13.21 22.29
CA PHE D 96 -1.75 14.61 22.24
C PHE D 96 -1.83 15.11 20.80
N LEU D 97 -0.83 14.78 19.97
CA LEU D 97 -0.84 15.24 18.59
C LEU D 97 -1.92 14.55 17.77
N GLU D 98 -2.17 13.25 18.02
CA GLU D 98 -3.29 12.57 17.36
C GLU D 98 -4.60 13.29 17.65
N LEU D 99 -4.82 13.69 18.90
CA LEU D 99 -6.04 14.40 19.27
C LEU D 99 -6.05 15.82 18.70
N LEU D 100 -4.88 16.42 18.54
CA LEU D 100 -4.78 17.73 17.90
C LEU D 100 -5.16 17.66 16.44
N GLY D 101 -4.99 16.50 15.81
CA GLY D 101 -5.30 16.32 14.40
C GLY D 101 -4.20 16.76 13.45
N LYS D 102 -2.99 16.95 13.96
CA LYS D 102 -1.86 17.53 13.24
C LYS D 102 -0.93 16.43 12.74
N PRO D 103 -0.45 16.49 11.50
CA PRO D 103 0.59 15.54 11.09
C PRO D 103 1.82 15.72 11.96
N TYR D 104 2.45 14.60 12.31
CA TYR D 104 3.64 14.64 13.13
C TYR D 104 4.64 13.60 12.65
N VAL D 105 5.91 13.85 12.96
CA VAL D 105 7.01 13.00 12.51
C VAL D 105 7.16 11.84 13.48
N GLY D 106 7.43 10.65 12.94
CA GLY D 106 7.80 9.51 13.75
C GLY D 106 6.65 8.56 14.02
N ALA D 107 6.92 7.65 14.96
CA ALA D 107 6.01 6.56 15.24
C ALA D 107 4.75 7.06 15.92
N GLY D 108 3.66 6.31 15.71
CA GLY D 108 2.39 6.57 16.35
C GLY D 108 2.38 6.11 17.79
N VAL D 109 1.18 6.15 18.38
CA VAL D 109 1.04 5.88 19.81
C VAL D 109 1.51 4.47 20.16
N ALA D 110 1.00 3.46 19.44
CA ALA D 110 1.29 2.08 19.81
C ALA D 110 2.77 1.75 19.63
N ALA D 111 3.31 2.05 18.45
CA ALA D 111 4.71 1.75 18.18
C ALA D 111 5.63 2.47 19.16
N SER D 112 5.31 3.73 19.49
CA SER D 112 6.14 4.50 20.42
C SER D 112 6.11 3.88 21.81
N ALA D 113 4.89 3.56 22.31
CA ALA D 113 4.79 3.00 23.65
C ALA D 113 5.47 1.63 23.73
N LEU D 114 5.34 0.82 22.68
CA LEU D 114 5.87 -0.54 22.74
C LEU D 114 7.39 -0.55 22.58
N CYS D 115 7.94 0.25 21.67
CA CYS D 115 9.39 0.26 21.51
C CYS D 115 10.12 0.87 22.71
N MET D 116 9.43 1.68 23.51
CA MET D 116 10.03 2.24 24.71
C MET D 116 10.08 1.24 25.85
N ASP D 117 9.15 0.28 25.88
CA ASP D 117 9.07 -0.71 26.95
C ASP D 117 9.93 -1.90 26.56
N LYS D 118 11.03 -2.09 27.29
CA LYS D 118 11.99 -3.13 26.96
C LYS D 118 11.48 -4.52 27.31
N ASP D 119 10.41 -4.62 28.09
CA ASP D 119 9.78 -5.90 28.34
C ASP D 119 8.80 -6.25 27.24
N LEU D 120 7.87 -5.35 26.95
CA LEU D 120 6.82 -5.64 25.97
C LEU D 120 7.39 -5.79 24.57
N SER D 121 8.35 -4.94 24.20
CA SER D 121 8.97 -5.07 22.87
C SER D 121 9.63 -6.42 22.70
N LYS D 122 10.34 -6.90 23.72
CA LYS D 122 10.96 -8.22 23.63
C LYS D 122 9.91 -9.33 23.49
N ARG D 123 8.79 -9.21 24.19
CA ARG D 123 7.74 -10.22 24.05
C ARG D 123 7.22 -10.29 22.62
N VAL D 124 6.96 -9.13 22.01
CA VAL D 124 6.48 -9.13 20.64
C VAL D 124 7.56 -9.67 19.71
N LEU D 125 8.79 -9.18 19.87
CA LEU D 125 9.84 -9.58 18.93
C LEU D 125 10.18 -11.06 19.07
N ALA D 126 10.23 -11.56 20.31
CA ALA D 126 10.53 -12.98 20.51
C ALA D 126 9.49 -13.86 19.84
N GLN D 127 8.20 -13.51 19.97
CA GLN D 127 7.16 -14.29 19.32
C GLN D 127 7.30 -14.23 17.80
N ALA D 128 7.79 -13.11 17.26
CA ALA D 128 7.94 -12.93 15.83
C ALA D 128 9.09 -13.73 15.24
N GLY D 129 9.89 -14.41 16.07
CA GLY D 129 11.05 -15.13 15.61
C GLY D 129 12.35 -14.36 15.70
N VAL D 130 12.33 -13.14 16.25
CA VAL D 130 13.50 -12.27 16.33
C VAL D 130 14.31 -12.63 17.56
N PRO D 131 15.60 -12.93 17.43
CA PRO D 131 16.40 -13.27 18.62
C PRO D 131 16.54 -12.07 19.56
N VAL D 132 16.35 -12.33 20.85
CA VAL D 132 16.56 -11.34 21.90
C VAL D 132 17.29 -12.02 23.04
N VAL D 133 17.84 -11.21 23.92
CA VAL D 133 18.58 -11.70 25.09
C VAL D 133 17.59 -12.32 26.08
N PRO D 134 17.96 -13.40 26.78
CA PRO D 134 17.11 -13.88 27.88
C PRO D 134 16.86 -12.77 28.88
N TRP D 135 15.61 -12.66 29.34
CA TRP D 135 15.27 -11.59 30.27
C TRP D 135 14.05 -11.98 31.10
N VAL D 136 13.87 -11.28 32.21
CA VAL D 136 12.67 -11.37 33.02
C VAL D 136 12.28 -9.95 33.44
N ALA D 137 10.98 -9.71 33.59
CA ALA D 137 10.47 -8.45 34.09
C ALA D 137 10.35 -8.48 35.60
N VAL D 138 10.46 -7.32 36.24
CA VAL D 138 10.35 -7.18 37.68
C VAL D 138 9.48 -5.97 37.99
N ARG D 139 8.48 -6.14 38.86
CA ARG D 139 7.66 -5.04 39.34
C ARG D 139 8.14 -4.59 40.71
N LYS D 140 7.92 -3.31 41.02
CA LYS D 140 8.33 -2.73 42.29
C LYS D 140 7.59 -3.39 43.44
N GLU D 142 7.42 -6.71 44.55
CA GLU D 142 7.76 -8.00 43.95
C GLU D 142 9.23 -8.35 44.10
N PRO D 143 9.52 -9.55 44.56
CA PRO D 143 10.88 -10.07 44.53
C PRO D 143 11.23 -10.62 43.16
N PRO D 144 12.47 -10.45 42.71
CA PRO D 144 12.83 -10.89 41.36
C PRO D 144 13.07 -12.39 41.28
N VAL D 145 12.61 -12.97 40.18
CA VAL D 145 12.83 -14.38 39.87
C VAL D 145 13.67 -14.43 38.59
N VAL D 146 14.99 -14.56 38.76
CA VAL D 146 15.93 -14.53 37.65
C VAL D 146 16.44 -15.95 37.44
N PRO D 147 16.02 -16.64 36.37
CA PRO D 147 16.43 -18.05 36.19
C PRO D 147 17.80 -18.23 35.56
N PHE D 148 18.46 -17.16 35.13
CA PHE D 148 19.78 -17.28 34.52
C PHE D 148 20.84 -16.70 35.45
N ASP D 149 22.12 -17.01 35.14
CA ASP D 149 23.27 -16.68 35.95
C ASP D 149 23.83 -15.30 35.61
N PRO D 150 24.42 -14.63 36.59
CA PRO D 150 25.07 -13.34 36.33
C PRO D 150 26.27 -13.53 35.40
N PRO D 151 26.79 -12.43 34.81
CA PRO D 151 26.43 -11.02 34.99
C PRO D 151 25.09 -10.64 34.35
N PHE D 152 24.47 -9.60 34.91
CA PHE D 152 23.17 -9.10 34.44
C PHE D 152 23.31 -7.67 33.94
N PHE D 153 22.29 -7.23 33.20
CA PHE D 153 21.98 -5.82 33.06
C PHE D 153 20.59 -5.59 33.62
N VAL D 154 20.48 -4.60 34.50
CA VAL D 154 19.22 -4.22 35.13
C VAL D 154 18.83 -2.85 34.60
N LYS D 155 17.57 -2.71 34.21
CA LYS D 155 17.12 -1.50 33.54
C LYS D 155 15.71 -1.16 33.99
N PRO D 156 15.38 0.13 34.06
CA PRO D 156 13.96 0.50 33.99
C PRO D 156 13.41 0.01 32.68
N ALA D 157 12.17 -0.50 32.71
CA ALA D 157 11.58 -1.02 31.47
C ALA D 157 11.51 0.09 30.41
N ASN D 158 11.21 1.31 30.84
CA ASN D 158 11.15 2.47 29.97
C ASN D 158 12.30 3.40 30.36
N THR D 159 13.37 3.37 29.56
CA THR D 159 14.48 4.29 29.73
C THR D 159 15.13 4.51 28.37
N GLY D 160 16.10 5.43 28.36
CA GLY D 160 16.93 5.71 27.21
C GLY D 160 18.23 6.31 27.71
N SER D 161 19.21 6.37 26.80
CA SER D 161 20.51 6.99 27.10
C SER D 161 21.18 6.32 28.30
N SER D 162 20.89 5.04 28.52
CA SER D 162 21.49 4.22 29.57
C SER D 162 21.24 4.76 30.97
N VAL D 163 20.22 5.60 31.15
CA VAL D 163 19.93 6.15 32.47
C VAL D 163 19.28 5.08 33.34
N GLY D 164 19.82 4.90 34.55
CA GLY D 164 19.30 3.92 35.49
C GLY D 164 19.71 2.49 35.23
N ILE D 165 20.58 2.25 34.25
CA ILE D 165 21.03 0.90 33.90
C ILE D 165 22.33 0.61 34.64
N SER D 166 22.46 -0.61 35.15
CA SER D 166 23.71 -1.01 35.78
C SER D 166 24.06 -2.45 35.40
N ARG D 167 25.35 -2.66 35.13
CA ARG D 167 25.88 -4.00 34.89
C ARG D 167 26.13 -4.65 36.25
N VAL D 168 25.41 -5.74 36.53
CA VAL D 168 25.46 -6.39 37.83
C VAL D 168 26.35 -7.62 37.72
N GLU D 169 27.43 -7.63 38.50
CA GLU D 169 28.39 -8.72 38.46
C GLU D 169 28.07 -9.83 39.45
N ARG D 170 27.54 -9.49 40.62
CA ARG D 170 27.24 -10.45 41.67
C ARG D 170 25.79 -10.32 42.08
N PHE D 171 25.17 -11.46 42.40
CA PHE D 171 23.76 -11.47 42.79
C PHE D 171 23.47 -10.53 43.95
N GLN D 172 24.40 -10.41 44.90
CA GLN D 172 24.23 -9.51 46.03
C GLN D 172 23.98 -8.07 45.60
N ASP D 173 24.44 -7.69 44.41
CA ASP D 173 24.27 -6.33 43.90
C ASP D 173 23.00 -6.18 43.07
N LEU D 174 22.16 -7.21 42.99
CA LEU D 174 20.94 -7.09 42.20
C LEU D 174 19.93 -6.17 42.85
N GLU D 175 19.78 -6.25 44.17
CA GLU D 175 18.76 -5.48 44.85
C GLU D 175 19.04 -3.98 44.75
N ALA D 176 20.31 -3.59 44.88
CA ALA D 176 20.65 -2.18 44.70
C ALA D 176 20.45 -1.73 43.26
N ALA D 177 20.68 -2.62 42.31
CA ALA D 177 20.46 -2.30 40.90
C ALA D 177 18.97 -2.11 40.60
N LEU D 178 18.13 -2.98 41.18
CA LEU D 178 16.69 -2.82 41.00
C LEU D 178 16.21 -1.53 41.66
N ALA D 179 16.76 -1.19 42.83
CA ALA D 179 16.39 0.06 43.50
C ALA D 179 16.66 1.27 42.62
N LEU D 180 17.83 1.31 41.98
CA LEU D 180 18.12 2.40 41.06
C LEU D 180 17.13 2.41 39.89
N ALA D 181 16.84 1.24 39.33
CA ALA D 181 15.95 1.17 38.17
C ALA D 181 14.53 1.60 38.52
N PHE D 182 14.07 1.29 39.74
CA PHE D 182 12.75 1.68 40.19
C PHE D 182 12.63 3.16 40.51
N ARG D 183 13.73 3.91 40.46
CA ARG D 183 13.63 5.37 40.55
C ARG D 183 13.12 5.99 39.26
N TYR D 184 13.09 5.24 38.16
CA TYR D 184 12.69 5.75 36.85
C TYR D 184 11.46 5.07 36.27
N ASP D 185 11.07 3.91 36.80
CA ASP D 185 9.94 3.15 36.27
C ASP D 185 9.38 2.29 37.37
N GLU D 186 8.13 1.85 37.19
CA GLU D 186 7.50 0.91 38.11
C GLU D 186 7.71 -0.54 37.69
N LYS D 187 8.37 -0.77 36.55
CA LYS D 187 8.72 -2.10 36.10
C LYS D 187 10.16 -2.05 35.62
N ALA D 188 10.96 -3.02 36.06
CA ALA D 188 12.32 -3.17 35.61
C ALA D 188 12.46 -4.44 34.81
N VAL D 189 13.57 -4.55 34.07
CA VAL D 189 13.94 -5.78 33.39
C VAL D 189 15.32 -6.18 33.85
N VAL D 190 15.53 -7.48 33.96
CA VAL D 190 16.85 -8.06 34.25
C VAL D 190 17.22 -8.93 33.07
N GLU D 191 18.32 -8.58 32.39
CA GLU D 191 18.75 -9.28 31.19
C GLU D 191 20.05 -10.03 31.45
N LYS D 192 20.23 -11.15 30.75
CA LYS D 192 21.52 -11.82 30.78
C LYS D 192 22.52 -10.98 30.01
N ALA D 193 23.63 -10.65 30.67
CA ALA D 193 24.66 -9.84 30.03
C ALA D 193 25.45 -10.67 29.04
N LEU D 194 25.69 -10.11 27.85
CA LEU D 194 26.60 -10.69 26.89
C LEU D 194 27.99 -10.09 27.11
N SER D 195 29.01 -10.93 27.07
CA SER D 195 30.37 -10.51 27.38
C SER D 195 31.35 -11.56 26.87
N PRO D 196 32.23 -11.21 25.91
CA PRO D 196 32.26 -9.90 25.24
C PRO D 196 31.11 -9.74 24.27
N VAL D 197 30.86 -8.50 23.83
CA VAL D 197 29.74 -8.22 22.93
C VAL D 197 30.12 -7.04 22.05
N ARG D 198 29.63 -7.07 20.81
CA ARG D 198 29.77 -5.96 19.89
C ARG D 198 28.41 -5.33 19.68
N GLU D 199 28.37 -4.01 19.59
CA GLU D 199 27.11 -3.28 19.50
C GLU D 199 26.97 -2.73 18.09
N LEU D 200 25.89 -3.12 17.44
CA LEU D 200 25.60 -2.76 16.05
C LEU D 200 24.31 -1.95 16.03
N GLU D 201 24.26 -0.96 15.15
CA GLU D 201 23.08 -0.10 15.06
C GLU D 201 22.79 0.17 13.59
N VAL D 202 21.51 0.18 13.25
CA VAL D 202 21.09 0.39 11.87
C VAL D 202 19.86 1.28 11.87
N GLY D 203 19.82 2.23 10.94
CA GLY D 203 18.69 3.14 10.82
C GLY D 203 17.65 2.60 9.85
N VAL D 204 16.39 2.86 10.16
CA VAL D 204 15.28 2.57 9.28
C VAL D 204 14.55 3.87 8.98
N LEU D 205 14.02 3.97 7.76
CA LEU D 205 13.30 5.15 7.31
C LEU D 205 12.10 4.68 6.50
N GLY D 206 10.91 5.19 6.84
CA GLY D 206 9.71 4.84 6.11
C GLY D 206 8.51 4.51 6.98
N ASN D 207 7.35 4.33 6.36
CA ASN D 207 6.11 4.05 7.09
C ASN D 207 5.79 2.55 6.98
N VAL D 208 6.09 1.83 8.07
CA VAL D 208 5.83 0.39 8.23
C VAL D 208 6.79 -0.45 7.39
N PHE D 209 6.83 -0.20 6.08
CA PHE D 209 7.72 -0.93 5.18
C PHE D 209 8.93 -0.03 4.90
N GLY D 210 10.00 -0.25 5.66
CA GLY D 210 11.10 0.69 5.70
C GLY D 210 12.27 0.32 4.83
N GLU D 211 13.18 1.26 4.70
CA GLU D 211 14.48 1.04 4.08
C GLU D 211 15.56 1.14 5.14
N ALA D 212 16.57 0.29 5.03
CA ALA D 212 17.63 0.19 6.02
C ALA D 212 18.83 1.04 5.59
N SER D 213 19.47 1.66 6.57
CA SER D 213 20.73 2.36 6.38
C SER D 213 21.86 1.33 6.37
N PRO D 214 23.09 1.75 6.09
CA PRO D 214 24.24 0.90 6.41
C PRO D 214 24.31 0.64 7.91
N VAL D 215 24.92 -0.47 8.27
CA VAL D 215 25.06 -0.86 9.67
C VAL D 215 26.29 -0.17 10.26
N GLY D 216 26.14 0.38 11.45
CA GLY D 216 27.26 0.98 12.15
C GLY D 216 27.61 0.24 13.42
N GLU D 217 28.82 0.42 13.93
CA GLU D 217 29.25 -0.24 15.14
C GLU D 217 29.76 0.78 16.14
N VAL D 218 29.47 0.54 17.42
CA VAL D 218 29.91 1.39 18.51
C VAL D 218 31.10 0.71 19.19
N ARG D 219 32.24 1.39 19.20
CA ARG D 219 33.41 0.94 19.95
C ARG D 219 33.63 1.90 21.10
N TYR D 220 33.81 1.35 22.30
CA TYR D 220 34.03 2.19 23.47
C TYR D 220 34.96 1.44 24.43
N GLU D 221 35.36 2.16 25.48
CA GLU D 221 36.25 1.61 26.49
C GLU D 221 35.51 1.17 27.75
N ALA D 222 34.52 1.94 28.18
CA ALA D 222 33.73 1.77 29.40
C ALA D 222 33.20 0.34 29.57
N PRO D 223 32.73 -0.04 30.77
CA PRO D 223 32.12 -1.37 30.93
C PRO D 223 30.83 -1.54 30.16
N PHE D 224 30.13 -0.45 29.81
CA PHE D 224 29.06 -0.52 28.83
C PHE D 224 28.83 0.86 28.25
N TYR D 225 28.04 0.89 27.19
CA TYR D 225 27.74 2.10 26.44
C TYR D 225 26.84 2.98 27.31
N ASP D 226 27.45 3.62 28.32
CA ASP D 226 26.69 4.37 29.31
C ASP D 226 26.52 5.82 28.87
N TYR D 227 25.86 6.61 29.72
CA TYR D 227 25.50 7.99 29.36
C TYR D 227 26.73 8.86 29.12
N GLU D 228 27.75 8.73 29.98
CA GLU D 228 28.98 9.47 29.77
C GLU D 228 29.62 9.10 28.44
N THR D 229 29.75 7.79 28.17
CA THR D 229 30.35 7.34 26.92
C THR D 229 29.54 7.77 25.72
N LYS D 230 28.21 7.78 25.84
CA LYS D 230 27.36 8.07 24.70
C LYS D 230 27.53 9.50 24.21
N TYR D 231 27.76 10.44 25.14
CA TYR D 231 27.63 11.86 24.82
C TYR D 231 28.87 12.69 25.10
N THR D 232 29.88 12.14 25.77
CA THR D 232 31.13 12.86 25.94
C THR D 232 31.92 12.80 24.63
N PRO D 233 32.16 13.93 23.96
CA PRO D 233 32.84 13.87 22.67
C PRO D 233 34.18 13.15 22.78
N GLY D 234 34.40 12.19 21.87
CA GLY D 234 35.62 11.43 21.80
C GLY D 234 35.59 10.08 22.49
N ARG D 235 34.66 9.89 23.44
CA ARG D 235 34.66 8.67 24.25
C ARG D 235 34.12 7.45 23.49
N ALA D 236 33.31 7.66 22.47
CA ALA D 236 32.77 6.57 21.66
C ALA D 236 33.24 6.73 20.21
N GLU D 237 33.67 5.64 19.61
CA GLU D 237 34.02 5.62 18.19
C GLU D 237 32.89 4.95 17.42
N LEU D 238 32.29 5.70 16.48
CA LEU D 238 31.26 5.16 15.61
C LEU D 238 31.92 4.66 14.33
N LEU D 239 31.80 3.36 14.07
CA LEU D 239 32.37 2.72 12.89
C LEU D 239 31.28 2.63 11.82
N ILE D 240 31.39 3.47 10.79
CA ILE D 240 30.39 3.52 9.73
C ILE D 240 31.08 3.39 8.38
N PRO D 241 30.83 2.31 7.62
CA PRO D 241 30.00 1.18 8.03
C PRO D 241 30.74 0.27 9.01
N ALA D 242 30.01 -0.56 9.73
CA ALA D 242 30.62 -1.46 10.70
C ALA D 242 31.52 -2.45 9.99
N PRO D 243 32.63 -2.86 10.63
CA PRO D 243 33.49 -3.96 10.12
C PRO D 243 32.83 -5.32 10.42
N LEU D 244 31.86 -5.65 9.60
CA LEU D 244 30.96 -6.78 9.85
C LEU D 244 31.04 -7.75 8.69
N ASP D 245 31.10 -9.04 9.00
CA ASP D 245 31.10 -10.04 7.94
C ASP D 245 29.83 -9.91 7.11
N PRO D 246 29.90 -10.25 5.81
CA PRO D 246 28.78 -9.95 4.91
C PRO D 246 27.46 -10.57 5.33
N GLY D 247 27.48 -11.83 5.80
CA GLY D 247 26.23 -12.47 6.16
C GLY D 247 25.56 -11.85 7.38
N THR D 248 26.36 -11.45 8.35
CA THR D 248 25.83 -10.83 9.56
C THR D 248 25.25 -9.45 9.24
N GLN D 249 25.95 -8.68 8.40
CA GLN D 249 25.40 -7.41 7.96
C GLN D 249 24.04 -7.59 7.29
N GLU D 250 23.93 -8.63 6.45
CA GLU D 250 22.66 -8.95 5.80
C GLU D 250 21.57 -9.18 6.83
N THR D 251 21.85 -10.00 7.84
CA THR D 251 20.82 -10.38 8.79
C THR D 251 20.42 -9.23 9.70
N VAL D 252 21.34 -8.33 10.02
CA VAL D 252 20.96 -7.15 10.79
C VAL D 252 19.89 -6.36 10.06
N GLN D 253 20.11 -6.10 8.77
CA GLN D 253 19.15 -5.30 8.01
C GLN D 253 17.83 -6.03 7.86
N GLU D 254 17.86 -7.35 7.70
CA GLU D 254 16.62 -8.12 7.58
C GLU D 254 15.84 -8.12 8.88
N LEU D 255 16.53 -8.36 10.01
CA LEU D 255 15.84 -8.38 11.29
C LEU D 255 15.29 -7.00 11.64
N ALA D 256 16.07 -5.95 11.35
CA ALA D 256 15.62 -4.61 11.65
C ALA D 256 14.35 -4.26 10.87
N LEU D 257 14.32 -4.61 9.58
CA LEU D 257 13.12 -4.32 8.79
C LEU D 257 11.95 -5.19 9.20
N LYS D 258 12.21 -6.44 9.61
CA LYS D 258 11.15 -7.30 10.11
C LYS D 258 10.57 -6.77 11.41
N ALA D 259 11.45 -6.41 12.35
CA ALA D 259 10.98 -5.84 13.61
C ALA D 259 10.18 -4.56 13.38
N TYR D 260 10.67 -3.71 12.48
CA TYR D 260 10.00 -2.45 12.17
C TYR D 260 8.59 -2.68 11.65
N LYS D 261 8.44 -3.69 10.78
CA LYS D 261 7.12 -3.97 10.19
C LYS D 261 6.19 -4.54 11.24
N VAL D 262 6.68 -5.49 12.04
CA VAL D 262 5.84 -6.17 13.02
C VAL D 262 5.30 -5.17 14.03
N LEU D 263 6.10 -4.19 14.41
CA LEU D 263 5.69 -3.19 15.40
C LEU D 263 4.95 -2.03 14.78
N GLY D 264 4.79 -2.01 13.46
CA GLY D 264 4.09 -0.91 12.81
C GLY D 264 4.75 0.43 12.98
N VAL D 265 6.08 0.48 13.03
CA VAL D 265 6.78 1.76 13.21
C VAL D 265 6.58 2.63 11.97
N ARG D 266 6.39 3.92 12.18
CA ARG D 266 6.30 4.88 11.09
C ARG D 266 7.36 5.95 11.27
N GLY D 267 7.68 6.62 10.17
CA GLY D 267 8.70 7.63 10.22
C GLY D 267 10.10 7.06 10.27
N MET D 268 10.56 6.69 11.46
CA MET D 268 11.95 6.29 11.62
C MET D 268 12.11 5.45 12.87
N ALA D 269 13.28 4.81 12.97
CA ALA D 269 13.78 4.13 14.15
C ALA D 269 15.25 3.79 13.95
N ARG D 270 16.01 3.79 15.04
CA ARG D 270 17.33 3.17 15.05
C ARG D 270 17.22 1.85 15.79
N VAL D 271 17.58 0.76 15.11
CA VAL D 271 17.42 -0.59 15.64
C VAL D 271 18.79 -1.08 16.07
N ASP D 272 18.90 -1.44 17.35
CA ASP D 272 20.18 -1.71 17.97
C ASP D 272 20.30 -3.20 18.26
N PHE D 273 21.49 -3.75 18.00
CA PHE D 273 21.75 -5.19 18.09
C PHE D 273 22.96 -5.46 18.96
N PHE D 274 23.03 -6.71 19.43
CA PHE D 274 24.19 -7.25 20.13
C PHE D 274 24.76 -8.38 19.29
N LEU D 275 26.08 -8.39 19.11
CA LEU D 275 26.76 -9.51 18.48
C LEU D 275 27.71 -10.13 19.52
N ALA D 276 27.45 -11.38 19.89
CA ALA D 276 28.26 -12.08 20.87
C ALA D 276 28.40 -13.55 20.46
N GLU D 277 29.64 -13.99 20.28
CA GLU D 277 29.94 -15.37 19.88
C GLU D 277 29.25 -15.73 18.56
N GLY D 278 29.23 -14.79 17.62
CA GLY D 278 28.63 -15.01 16.32
C GLY D 278 27.12 -15.01 16.29
N GLU D 279 26.45 -14.74 17.40
CA GLU D 279 24.99 -14.72 17.45
C GLU D 279 24.47 -13.29 17.59
N LEU D 280 23.47 -12.95 16.78
CA LEU D 280 22.78 -11.67 16.86
C LEU D 280 21.66 -11.69 17.89
N TYR D 281 21.45 -10.55 18.53
CA TYR D 281 20.33 -10.33 19.42
C TYR D 281 19.83 -8.93 19.16
N LEU D 282 18.52 -8.78 18.90
CA LEU D 282 17.97 -7.44 18.78
C LEU D 282 17.84 -6.87 20.18
N ASN D 283 18.50 -5.74 20.42
CA ASN D 283 18.54 -5.12 21.73
C ASN D 283 17.31 -4.24 21.95
N GLU D 284 17.14 -3.22 21.12
CA GLU D 284 16.00 -2.33 21.24
C GLU D 284 15.80 -1.55 19.96
N LEU D 285 14.58 -1.06 19.78
CA LEU D 285 14.29 -0.04 18.78
C LEU D 285 14.13 1.30 19.49
N ASN D 286 14.61 2.36 18.86
CA ASN D 286 14.44 3.71 19.38
C ASN D 286 13.75 4.53 18.31
N THR D 287 12.54 5.01 18.59
CA THR D 287 11.75 5.69 17.59
C THR D 287 12.10 7.16 17.44
N ILE D 288 12.67 7.78 18.47
CA ILE D 288 13.21 9.12 18.30
C ILE D 288 14.70 9.03 18.60
N PRO D 289 15.51 8.52 17.68
CA PRO D 289 16.95 8.40 17.95
C PRO D 289 17.58 9.79 18.09
N GLY D 290 18.72 9.83 18.77
CA GLY D 290 19.38 11.10 19.00
C GLY D 290 19.89 11.70 17.71
N PHE D 291 20.01 13.03 17.71
CA PHE D 291 20.61 13.76 16.60
C PHE D 291 21.74 14.64 17.13
N THR D 292 22.39 14.20 18.21
CA THR D 292 23.46 14.94 18.85
C THR D 292 24.73 14.82 18.01
N PRO D 293 25.78 15.59 18.32
CA PRO D 293 27.03 15.43 17.55
C PRO D 293 27.66 14.06 17.69
N THR D 294 27.28 13.26 18.69
CA THR D 294 27.85 11.93 18.90
C THR D 294 26.86 10.82 18.55
N SER D 295 25.83 11.13 17.75
CA SER D 295 24.71 10.23 17.52
C SER D 295 24.86 9.45 16.22
N MET D 296 24.36 8.22 16.24
CA MET D 296 24.59 7.28 15.14
C MET D 296 23.60 7.48 13.99
N TYR D 297 22.33 7.78 14.28
CA TYR D 297 21.29 7.65 13.27
C TYR D 297 21.47 8.56 12.07
N PRO D 298 21.62 9.89 12.20
CA PRO D 298 21.77 10.69 10.99
C PRO D 298 23.05 10.40 10.24
N ARG D 299 24.13 10.02 10.95
CA ARG D 299 25.38 9.65 10.29
C ARG D 299 25.23 8.39 9.45
N LEU D 300 24.39 7.45 9.87
CA LEU D 300 24.20 6.22 9.09
C LEU D 300 23.58 6.52 7.74
N PHE D 301 22.51 7.32 7.71
CA PHE D 301 21.89 7.59 6.42
C PHE D 301 22.76 8.51 5.57
N GLU D 302 23.54 9.39 6.20
CA GLU D 302 24.48 10.20 5.45
C GLU D 302 25.44 9.32 4.65
N ALA D 303 25.99 8.28 5.29
CA ALA D 303 26.93 7.38 4.61
C ALA D 303 26.22 6.55 3.54
N GLY D 304 24.94 6.24 3.74
CA GLY D 304 24.15 5.52 2.78
C GLY D 304 23.53 6.34 1.67
N GLY D 305 23.93 7.60 1.50
CA GLY D 305 23.45 8.39 0.39
C GLY D 305 22.26 9.27 0.66
N VAL D 306 21.80 9.36 1.91
CA VAL D 306 20.69 10.22 2.28
C VAL D 306 21.28 11.37 3.09
N ALA D 307 21.38 12.54 2.49
CA ALA D 307 22.01 13.67 3.15
C ALA D 307 21.14 14.16 4.31
N TYR D 308 21.80 14.71 5.33
CA TYR D 308 21.11 15.20 6.52
C TYR D 308 19.88 16.05 6.20
N PRO D 309 19.94 17.07 5.34
CA PRO D 309 18.70 17.79 5.00
C PRO D 309 17.69 16.89 4.32
N GLU D 310 18.16 15.97 3.47
CA GLU D 310 17.25 15.09 2.75
C GLU D 310 16.58 14.09 3.68
N LEU D 311 17.32 13.59 4.68
CA LEU D 311 16.72 12.73 5.70
C LEU D 311 15.57 13.45 6.41
N LEU D 312 15.82 14.69 6.84
CA LEU D 312 14.80 15.45 7.54
C LEU D 312 13.63 15.76 6.62
N ARG D 313 13.91 16.08 5.35
CA ARG D 313 12.83 16.29 4.39
C ARG D 313 11.95 15.05 4.27
N ARG D 314 12.56 13.88 4.15
CA ARG D 314 11.77 12.65 3.99
C ARG D 314 10.94 12.34 5.25
N LEU D 315 11.46 12.66 6.43
CA LEU D 315 10.68 12.45 7.65
C LEU D 315 9.43 13.32 7.66
N VAL D 316 9.56 14.59 7.28
CA VAL D 316 8.40 15.47 7.24
C VAL D 316 7.42 15.01 6.15
N GLU D 317 7.94 14.58 5.01
CA GLU D 317 7.06 14.10 3.94
C GLU D 317 6.37 12.81 4.34
N LEU D 318 7.07 11.92 5.06
CA LEU D 318 6.45 10.69 5.54
C LEU D 318 5.33 10.99 6.53
N ALA D 319 5.46 12.07 7.30
CA ALA D 319 4.40 12.48 8.20
C ALA D 319 3.15 12.89 7.44
N LEU D 320 3.33 13.62 6.34
CA LEU D 320 2.18 14.07 5.56
C LEU D 320 1.55 12.92 4.78
N THR D 321 2.36 12.00 4.29
CA THR D 321 1.81 10.85 3.55
C THR D 321 0.91 10.00 4.43
N HIS D 322 1.33 9.72 5.67
CA HIS D 322 0.49 8.92 6.56
C HIS D 322 -0.81 9.65 6.88
N HIS D 323 -0.72 10.94 7.18
CA HIS D 323 -1.89 11.74 7.50
C HIS D 323 -2.83 11.85 6.30
N DAL E . 15.92 -6.46 -24.46
CA DAL E . 17.33 -6.26 -24.81
CB DAL E . 17.59 -4.78 -25.12
C DAL E . 17.74 -7.13 -25.99
O DAL E . 16.93 -7.40 -26.90
N DAL F . 19.00 -7.57 -26.01
CA DAL F . 19.49 -8.49 -27.02
CB DAL F . 20.64 -9.33 -26.47
C DAL F . 19.93 -7.78 -28.29
O DAL F . 20.02 -6.55 -28.33
OXT DAL F . 20.22 -8.41 -29.30
MG MG G . 13.04 -9.60 -23.98
MG MG H . 14.99 -12.50 -24.73
K K I . 9.73 -8.34 -24.56
PB ADP J . 14.37 -11.58 -21.81
O1B ADP J . 14.91 -11.24 -20.46
O2B ADP J . 15.45 -11.90 -22.83
O3B ADP J . 13.30 -10.67 -22.33
PA ADP J . 13.55 -14.34 -22.40
O1A ADP J . 12.17 -14.91 -22.07
O2A ADP J . 13.92 -14.06 -23.82
O3A ADP J . 13.70 -13.02 -21.46
O5' ADP J . 14.62 -15.34 -21.72
C5' ADP J . 16.02 -15.03 -21.77
C4' ADP J . 16.81 -16.28 -22.15
O4' ADP J . 16.60 -17.33 -21.21
C3' ADP J . 16.38 -16.90 -23.48
O3' ADP J . 17.02 -16.28 -24.59
C2' ADP J . 16.83 -18.33 -23.32
O2' ADP J . 18.25 -18.42 -23.43
C1' ADP J . 16.54 -18.61 -21.87
N9 ADP J . 15.17 -19.15 -21.75
C8 ADP J . 14.08 -18.44 -21.38
N7 ADP J . 12.97 -19.23 -21.36
C5 ADP J . 13.36 -20.46 -21.72
C6 ADP J . 12.68 -21.76 -21.91
N6 ADP J . 11.34 -21.87 -21.68
N1 ADP J . 13.43 -22.81 -22.29
C2 ADP J . 14.76 -22.68 -22.53
N3 ADP J . 15.45 -21.54 -22.38
C4 ADP J . 14.80 -20.41 -21.99
C CO3 K . 16.01 -9.79 -24.52
O1 CO3 K . 17.17 -9.56 -23.99
O2 CO3 K . 14.99 -9.04 -24.20
O3 CO3 K . 15.83 -10.76 -25.37
N DAL L . -17.67 3.99 -21.43
CA DAL L . -18.86 4.70 -20.92
CB DAL L . -18.44 5.94 -20.15
C DAL L . -19.79 3.83 -20.07
O DAL L . -19.33 2.95 -19.32
N DAL M . -21.09 4.06 -20.20
CA DAL M . -22.13 3.32 -19.47
CB DAL M . -23.46 3.41 -20.21
C DAL M . -22.30 3.79 -18.03
O DAL M . -22.94 3.11 -17.22
OXT DAL M . -21.83 4.85 -17.64
MG MG N . -20.23 -1.36 -23.50
MG MG O . -17.04 0.15 -23.36
K K P . -13.59 -0.89 -22.79
PB ADP Q . -18.89 0.18 -25.97
O1B ADP Q . -17.62 -0.12 -25.23
O2B ADP Q . -18.88 1.36 -26.90
O3B ADP Q . -20.11 0.06 -25.07
PA ADP Q . -19.72 -2.50 -26.57
O1A ADP Q . -20.06 -2.54 -25.11
O2A ADP Q . -18.82 -3.57 -27.15
O3A ADP Q . -19.04 -1.08 -26.97
O5' ADP Q . -21.10 -2.50 -27.41
C5' ADP Q . -22.09 -1.51 -27.18
C4' ADP Q . -23.48 -2.14 -27.24
O4' ADP Q . -23.71 -2.75 -28.51
C3' ADP Q . -23.67 -3.26 -26.24
O3' ADP Q . -24.06 -2.77 -24.94
C2' ADP Q . -24.78 -4.05 -26.88
O2' ADP Q . -25.99 -3.34 -26.66
C1' ADP Q . -24.48 -3.94 -28.36
N9 ADP Q . -23.65 -5.10 -28.76
C8 ADP Q . -22.32 -5.09 -28.97
N7 ADP Q . -21.87 -6.31 -29.33
C5 ADP Q . -22.93 -7.14 -29.33
C6 ADP Q . -23.15 -8.57 -29.62
N6 ADP Q . -22.12 -9.37 -29.97
N1 ADP Q . -24.41 -9.05 -29.51
C2 ADP Q . -25.44 -8.25 -29.16
N3 ADP Q . -25.31 -6.94 -28.89
C4 ADP Q . -24.09 -6.34 -28.95
C CO3 R . -19.67 1.46 -22.59
O1 CO3 R . -18.38 1.54 -22.80
O2 CO3 R . -20.21 0.37 -22.18
O3 CO3 R . -20.41 2.51 -22.78
N DAL S . -15.92 -2.81 23.24
CA DAL S . -17.35 -2.74 23.52
CB DAL S . -17.72 -1.39 24.14
C DAL S . -17.79 -3.89 24.43
O DAL S . -17.01 -4.37 25.24
N DAL T . -19.06 -4.27 24.29
CA DAL T . -19.61 -5.44 24.99
CB DAL T . -20.75 -6.04 24.18
C DAL T . -20.10 -5.11 26.39
O DAL T . -20.37 -6.00 27.19
OXT DAL T . -20.20 -3.94 26.77
MG MG U . -15.12 -8.77 21.54
MG MG V . -13.20 -5.78 21.82
K K W . -9.78 -4.90 22.73
PB ADP X . -14.49 -7.00 19.11
O1B ADP X . -13.44 -6.33 19.95
O2B ADP X . -14.99 -6.22 17.94
O3B ADP X . -15.55 -7.61 20.01
PA ADP X . -13.82 -9.83 18.80
O1A ADP X . -14.19 -10.03 20.24
O2A ADP X . -12.47 -10.36 18.35
O3A ADP X . -13.72 -8.25 18.43
O5' ADP X . -14.93 -10.48 17.83
C5' ADP X . -16.31 -10.18 18.07
C4' ADP X . -17.13 -11.46 18.03
O4' ADP X . -16.93 -12.15 16.80
C3' ADP X . -16.73 -12.47 19.10
O3' ADP X . -17.35 -12.20 20.35
C2' ADP X . -17.20 -13.75 18.48
O2' ADP X . -18.63 -13.85 18.60
C1' ADP X . -16.89 -13.56 17.02
N9 ADP X . -15.52 -14.08 16.74
C8 ADP X . -14.40 -13.35 16.61
N7 ADP X . -13.33 -14.16 16.36
C5 ADP X . -13.76 -15.43 16.33
C6 ADP X . -13.15 -16.76 16.12
N6 ADP X . -11.82 -16.93 15.88
N1 ADP X . -13.97 -17.83 16.18
C2 ADP X . -15.30 -17.71 16.43
N3 ADP X . -15.91 -16.53 16.63
C4 ADP X . -15.21 -15.37 16.58
C CO3 Y . -16.21 -6.01 22.27
O1 CO3 Y . -16.10 -7.21 22.79
O2 CO3 Y . -15.18 -5.22 22.21
O3 CO3 Y . -17.37 -5.61 21.83
N DAL Z . 17.76 7.40 23.18
CA DAL Z . 18.93 8.24 22.90
CB DAL Z . 18.50 9.62 22.46
C DAL Z . 19.88 7.61 21.87
O DAL Z . 19.46 6.91 20.96
N DAL AA . 21.17 7.90 22.03
CA DAL AA . 22.21 7.35 21.16
CB DAL AA . 23.53 7.27 21.90
C DAL AA . 22.37 8.21 19.91
O DAL AA . 21.88 9.33 19.86
OXT DAL AA . 23.01 7.78 18.94
MG MG BA . 20.23 1.74 23.77
MG MG CA . 17.00 3.25 23.96
K K DA . 13.60 2.40 23.13
PB ADP EA . 18.91 2.43 26.50
O1B ADP EA . 18.92 3.26 27.75
O2B ADP EA . 20.08 2.59 25.55
O3B ADP EA . 17.59 2.46 25.80
PA ADP EA . 19.74 -0.32 26.29
O1A ADP EA . 18.84 -1.52 26.50
O2A ADP EA . 20.12 0.09 24.89
O3A ADP EA . 19.08 0.93 27.07
O5' ADP EA . 21.08 -0.53 27.14
C5' ADP EA . 22.10 0.47 27.06
C4' ADP EA . 23.48 -0.16 26.96
O4' ADP EA . 23.73 -1.08 28.04
C3' ADP EA . 23.64 -1.00 25.70
O3' ADP EA . 24.02 -0.21 24.58
C2' ADP EA . 24.78 -1.91 26.11
O2' ADP EA . 25.98 -1.16 26.07
C1' ADP EA . 24.50 -2.19 27.57
N9 ADP EA . 23.65 -3.40 27.64
C8 ADP EA . 22.32 -3.41 27.86
N7 ADP EA . 21.83 -4.68 27.86
C5 ADP EA . 22.87 -5.51 27.65
C6 ADP EA . 23.05 -6.97 27.55
N6 ADP EA . 22.00 -7.83 27.67
N1 ADP EA . 24.29 -7.44 27.33
C2 ADP EA . 25.34 -6.60 27.20
N3 ADP EA . 25.24 -5.26 27.28
C4 ADP EA . 24.06 -4.66 27.50
C CO3 FA . 19.66 4.61 23.64
O1 CO3 FA . 20.44 5.48 24.20
O2 CO3 FA . 20.19 3.66 22.93
O3 CO3 FA . 18.36 4.70 23.77
#